data_7V6C
#
_entry.id   7V6C
#
_cell.length_a   1.00
_cell.length_b   1.00
_cell.length_c   1.00
_cell.angle_alpha   90.00
_cell.angle_beta   90.00
_cell.angle_gamma   90.00
#
_symmetry.space_group_name_H-M   'P 1'
#
loop_
_entity.id
_entity.type
_entity.pdbx_description
1 polymer 'Dicer-2, isoform A'
2 polymer R2D2
3 polymer "RNA (5'-R(P*UP*GP*AP*GP*G)-3')"
4 polymer "RNA (5'-R(P*CP*CP*UP*CP*UP*CP*U)-3')"
5 polymer "RNA (5'-R(*AP*UP*GP*AP*GP*GP*UP*AP*GP*UP*AP*GP*GP*UP*UP*GP*UP*AP*UP*AP*G)-3')"
6 polymer "RNA (5'-R(*CP*UP*AP*UP*AP*CP*AP*AP*CP*CP*UP*AP*CP*UP*AP*CP*CP*UP*CP*UP*C)-3')"
#
loop_
_entity_poly.entity_id
_entity_poly.type
_entity_poly.pdbx_seq_one_letter_code
_entity_poly.pdbx_strand_id
1 'polypeptide(L)'
;HHHHHHHHAAAMEDVEIKPRGYQLRLVDHLTKSNGIVYLPTGSGKTFVAILVLKRFSQDFDKPIESGGKRALFMCNTVEL
ARQQAMAVRRCTNFKVGFYVGEQGVDDWTRGMWSDEIKKNQVLVGTAQVFLDMVTQTYVALSSLSVVIIDECHHGTGHHP
FREFMRLFTIANQTKLPRVVGLTGVLIKGNEITNVATKLKELEITYRGNIITVSDTKELENVMLYATKPTEVMVSFPHQE
QVLTVTRLISAEIEKFYVSLDLMNIGVQPIRRSKSLQCLRDPSKKSFVKQLFNDFLYQMKEYGIYAASIAIISLIVEFDI
KRRQAETLSVKLMHRTALTLCEKIRHLLVQKLQDMTYDDDDDNVNTEEVIMNFSTPKVQRFLMSLKVSFADKDPKDICCL
VFVERRYTCKCIYGLLLNYIQSTPELRNVLTPQFMVGRNNISPDFESVLERKWQKSAIQQFRDGNANLMICSSVLEEGID
VQACNHVFILDPVKTFNMYVQSKGRARTTEAKFVLFTADKEREKTIQQIYQYRKAHNDIAEYLKDRVLEKTEPELYEIKG
HFQDDIDPFTNENGAVLLPNNALAILHRYCQTIPTDAFGFVIPWFHVLQEDERDRIFGVSAKGKHVISINMPVNCMLRDT
IYSDPMDNVKTAKISAAFKACKVLYSLGELNERFVPKTLKERVASIADVHFEHWNKYGDSVTATVNKADKSKDRTYKTEC
PLEFYDALPRVGEICYAYEIFLEPQFESCEYTEHMYLNLQTPRNYAILLRNKLPRLAEMPLFSNQGKLHVRVANAPLEVI
IQNSEQLELLHQFHGMVFRDILKIWHPFFVLDRRSKENSYLVVPLILGAGEQKCFDWELMTNFRRLPQSHGSNVQQREQQ
PAPRPEDFEGKIVTQWYANYDKPMLVTKVHRELTPLSYMEKNQQDKTYYEFTMSKYGNRIGDVVHKDKFMIEVRDLTEQL
TFYVHNRGKFNAKSKAKMKVILIPELCFNFNFPGDLWLKLIFLPSILNRMYFLLHAEALRKRFNTYLNLHLLPFNGTDYM
PRPLEIDYSLKRNVDPLGNVIPTEDIEEPKSLLEPMPTKSIEASVANLEITEFENPWQKYMEPVDLSRNLLSTYPVELDY
YYHFSVGNVCEMNEMDFEDKEYWAKNQFHMPTGNIYGNRTPAKTNANVPALMPSKPTVRGKVKPLLILQKTVSKEHITPA
EQGEFLAAITASSAADVFDMERLEILGDSFLKLSATLYLASKYSDWNEGTLTEVKSKLVSNRNLLFCLIDADIPKTLNTI
QFTPRYTWLPPGISLPHNVLALWRENPEFAKIIGPHNLRDLALGDEESLVKGNCSDINYNRFVEGCRANGQSFYAGADFS
SEVNFCVGLVTIPNKVIADTLEALLGVIVKNYGLQHAFKMLEYFKICRADIDKPLTQLLNLELGGKKMRANVNTTEIDGF
LINHYYLEKNLGYTFKDRRYLLQALTHPSYPTNRITGSYQELEFIGDAILDFLISAYIFENNTKMNPGALTDLRSALVNN
TTLACICVRHRLHFFILAENAKLSEIISKFVNFQESQGHRVTNYVRILLEEADVQPTPLDLDDELDMTELPHANKCISQE
AEKGVPPKGEFNMSTNVDVPKALGDVLEALIAAVYLDCRDLQRTWEVIFNLFEPELQEFTRKVPINHIRQLVEHKHAKPV
FSSPIVEGETVMVSCQFTCMEKTIKVYGFGSNKDQAKLSAAKHALQQLSKCDA
;
A
2 'polypeptide(L)'
;MDYKDHDGDYKDHDIDYKDDDDKHRYTSLYKKAGSAAAPFTMDNKSAVSALQEFCARTQINLPTYSFIPGEDGGYVCKVE
LLEIEALGNGRSKRDAKHLAASNILRKIQLLPGIHGLMKDSTVGDLDEELTNLNRDMVKELRDYCVRREMPLPCIEVVQQ
SGTPSAPEFVACCSVASIVRYGKSDKKKDARQRAAIEMLALISSNSDNLRPDQMQVASTSKLKVVDMEESMEELEALRRK
KFTTYWELKEAGSVDHTGMRLCDRHNYFKNFYPTLKKEAIEAINSDEYESSKDKAMDVMSSLKITPKISEVESSSLVPLL
SVELNCAFDVVLMAKETDIYDHIIDYFRTMLI
;
B
3 'polyribonucleotide' UGAGGUAGUAGGUUGUAUAGU E
4 'polyribonucleotide' UAUACAACCUACUACCUCUCU F
5 'polyribonucleotide' AUGAGGUAGUAGGUUGUAUAGU C
6 'polyribonucleotide' CUAUACAACCUACUACCUCUCU D
#
# COMPACT_ATOMS: atom_id res chain seq x y z
N PRO A 19 33.08 -10.97 4.72
CA PRO A 19 33.70 -10.27 5.85
C PRO A 19 32.88 -9.05 6.29
N ARG A 20 33.36 -8.33 7.30
CA ARG A 20 32.71 -7.09 7.80
C ARG A 20 32.88 -5.99 6.76
N GLY A 21 32.05 -4.95 6.83
CA GLY A 21 32.09 -3.77 5.94
C GLY A 21 33.44 -3.06 5.98
N TYR A 22 33.80 -2.37 4.92
CA TYR A 22 35.03 -1.55 4.84
C TYR A 22 34.75 -0.41 5.79
N GLN A 23 33.47 -0.10 5.88
CA GLN A 23 32.95 0.97 6.74
C GLN A 23 33.08 0.56 8.21
N LEU A 24 32.68 -0.64 8.55
CA LEU A 24 32.67 -1.02 9.99
C LEU A 24 34.10 -1.32 10.43
N ARG A 25 34.97 -1.77 9.53
CA ARG A 25 36.40 -1.98 9.86
C ARG A 25 37.07 -0.61 10.08
N LEU A 26 36.70 0.41 9.31
CA LEU A 26 37.20 1.80 9.51
C LEU A 26 36.71 2.27 10.87
N VAL A 27 35.43 2.07 11.17
CA VAL A 27 34.84 2.68 12.38
C VAL A 27 35.56 2.17 13.63
N ASP A 28 35.89 0.87 13.67
CA ASP A 28 36.63 0.24 14.78
C ASP A 28 38.06 0.76 14.88
N HIS A 29 38.77 0.85 13.77
CA HIS A 29 40.15 1.43 13.80
C HIS A 29 40.05 2.84 14.41
N LEU A 30 39.12 3.65 13.95
CA LEU A 30 39.05 5.04 14.44
C LEU A 30 38.71 5.02 15.93
N THR A 31 38.00 3.99 16.38
CA THR A 31 37.67 3.84 17.82
C THR A 31 38.96 3.59 18.63
N LYS A 32 39.84 2.71 18.13
CA LYS A 32 41.09 2.38 18.86
C LYS A 32 42.09 3.53 18.76
N SER A 33 42.24 4.20 17.62
CA SER A 33 43.33 5.20 17.44
C SER A 33 42.92 6.39 16.57
N ASN A 34 43.62 7.51 16.72
CA ASN A 34 43.40 8.73 15.88
C ASN A 34 43.77 8.37 14.45
N GLY A 35 43.12 8.99 13.46
CA GLY A 35 43.46 8.70 12.05
C GLY A 35 42.82 9.61 11.02
N ILE A 36 43.30 9.53 9.79
CA ILE A 36 42.81 10.37 8.69
C ILE A 36 42.10 9.43 7.73
N VAL A 37 40.78 9.31 7.86
CA VAL A 37 39.99 8.41 6.98
C VAL A 37 40.05 9.00 5.58
N TYR A 38 40.51 8.21 4.60
CA TYR A 38 40.61 8.64 3.19
C TYR A 38 39.87 7.63 2.33
N LEU A 39 38.76 8.01 1.70
CA LEU A 39 38.11 7.10 0.70
C LEU A 39 37.66 7.88 -0.55
N PRO A 40 38.47 7.93 -1.65
CA PRO A 40 38.07 8.64 -2.88
C PRO A 40 36.59 8.50 -3.24
N THR A 41 36.11 7.26 -3.37
CA THR A 41 34.69 6.94 -3.68
C THR A 41 33.81 7.47 -2.54
N GLY A 42 32.77 8.24 -2.87
CA GLY A 42 31.95 8.99 -1.89
C GLY A 42 30.84 8.17 -1.26
N SER A 43 30.09 8.80 -0.35
CA SER A 43 28.84 8.31 0.29
C SER A 43 29.14 7.36 1.45
N GLY A 44 30.43 7.08 1.75
CA GLY A 44 30.85 6.22 2.86
C GLY A 44 31.29 7.00 4.08
N LYS A 45 31.87 8.19 3.88
CA LYS A 45 32.43 9.03 4.96
C LYS A 45 31.35 9.54 5.90
N THR A 46 30.16 9.83 5.37
CA THR A 46 29.07 10.39 6.20
C THR A 46 28.76 9.31 7.23
N PHE A 47 28.49 8.10 6.77
CA PHE A 47 28.16 6.96 7.65
C PHE A 47 29.32 6.70 8.61
N VAL A 48 30.55 6.77 8.13
CA VAL A 48 31.72 6.51 8.99
C VAL A 48 31.79 7.60 10.07
N ALA A 49 31.58 8.84 9.69
CA ALA A 49 31.55 9.96 10.66
C ALA A 49 30.45 9.73 11.70
N ILE A 50 29.26 9.33 11.25
CA ILE A 50 28.10 9.11 12.16
C ILE A 50 28.45 7.95 13.10
N LEU A 51 29.04 6.88 12.59
CA LEU A 51 29.30 5.69 13.44
C LEU A 51 30.41 6.02 14.45
N VAL A 52 31.44 6.74 14.04
CA VAL A 52 32.52 7.17 14.97
C VAL A 52 31.95 8.12 16.02
N LEU A 53 30.99 8.97 15.67
CA LEU A 53 30.39 9.93 16.62
C LEU A 53 29.63 9.18 17.72
N LYS A 54 28.75 8.25 17.34
CA LYS A 54 27.96 7.42 18.31
C LYS A 54 28.92 6.57 19.17
N ARG A 55 30.03 6.10 18.62
CA ARG A 55 30.92 5.27 19.47
C ARG A 55 31.55 6.11 20.57
N PHE A 56 31.61 7.42 20.40
CA PHE A 56 32.21 8.31 21.43
C PHE A 56 31.09 9.13 22.06
N SER A 57 29.91 8.54 22.19
CA SER A 57 28.72 9.26 22.72
C SER A 57 28.29 8.73 24.09
N GLN A 58 29.10 7.91 24.75
CA GLN A 58 28.69 7.27 26.02
C GLN A 58 28.43 8.33 27.08
N ASP A 59 29.25 9.38 27.15
CA ASP A 59 29.19 10.39 28.24
C ASP A 59 28.49 11.67 27.77
N PHE A 60 27.85 11.67 26.61
CA PHE A 60 27.24 12.91 26.05
C PHE A 60 26.20 13.49 27.01
N ASP A 61 25.37 12.65 27.61
CA ASP A 61 24.20 13.11 28.39
C ASP A 61 24.61 13.81 29.69
N LYS A 62 25.62 13.30 30.40
CA LYS A 62 26.02 13.81 31.74
C LYS A 62 26.38 15.30 31.64
N PRO A 63 26.05 16.18 32.62
CA PRO A 63 26.48 17.59 32.54
C PRO A 63 28.00 17.73 32.40
N ILE A 64 28.50 18.84 31.81
CA ILE A 64 29.95 19.05 31.49
C ILE A 64 30.77 19.19 32.78
N GLU A 65 30.12 19.51 33.89
CA GLU A 65 30.77 19.58 35.22
C GLU A 65 31.09 18.16 35.71
N SER A 66 30.16 17.22 35.57
CA SER A 66 30.32 15.85 36.15
C SER A 66 30.42 14.81 35.04
N GLY A 67 31.64 14.35 34.74
CA GLY A 67 31.94 13.33 33.71
C GLY A 67 31.25 13.61 32.39
N GLY A 68 31.19 14.87 31.98
CA GLY A 68 30.47 15.23 30.75
C GLY A 68 31.42 15.36 29.60
N LYS A 69 31.01 14.92 28.41
CA LYS A 69 31.83 15.15 27.21
C LYS A 69 30.88 15.61 26.10
N ARG A 70 31.37 16.39 25.16
CA ARG A 70 30.57 16.85 23.99
C ARG A 70 31.41 16.60 22.76
N ALA A 71 30.84 16.58 21.56
CA ALA A 71 31.65 16.30 20.35
C ALA A 71 31.61 17.52 19.43
N LEU A 72 32.63 17.66 18.58
CA LEU A 72 32.74 18.79 17.62
C LEU A 72 32.71 18.23 16.20
N PHE A 73 32.28 19.05 15.25
CA PHE A 73 32.30 18.74 13.80
C PHE A 73 32.65 20.04 13.06
N MET A 74 33.92 20.20 12.75
CA MET A 74 34.37 21.44 12.06
C MET A 74 34.42 21.21 10.55
N CYS A 75 34.03 22.24 9.81
CA CYS A 75 33.99 22.21 8.33
C CYS A 75 34.66 23.48 7.80
N ASN A 76 35.15 23.45 6.57
CA ASN A 76 35.83 24.65 6.02
C ASN A 76 34.79 25.69 5.64
N THR A 77 33.63 25.29 5.12
CA THR A 77 32.64 26.23 4.54
C THR A 77 31.35 26.21 5.36
N VAL A 78 30.59 27.28 5.24
CA VAL A 78 29.24 27.37 5.88
C VAL A 78 28.28 26.37 5.24
N GLU A 79 28.31 26.21 3.92
CA GLU A 79 27.38 25.29 3.23
C GLU A 79 27.64 23.86 3.70
N LEU A 80 28.89 23.44 3.74
CA LEU A 80 29.23 22.06 4.20
C LEU A 80 28.89 21.90 5.68
N ALA A 81 29.13 22.92 6.49
CA ALA A 81 28.78 22.86 7.93
C ALA A 81 27.28 22.65 8.08
N ARG A 82 26.49 23.39 7.31
CA ARG A 82 25.01 23.27 7.36
C ARG A 82 24.61 21.86 6.92
N GLN A 83 25.18 21.36 5.83
CA GLN A 83 24.77 20.04 5.30
C GLN A 83 25.15 18.94 6.30
N GLN A 84 26.30 19.08 6.96
CA GLN A 84 26.74 18.06 7.95
C GLN A 84 25.88 18.15 9.20
N ALA A 85 25.54 19.36 9.62
CA ALA A 85 24.69 19.57 10.79
C ALA A 85 23.35 18.89 10.55
N MET A 86 22.89 18.88 9.31
CA MET A 86 21.55 18.32 9.02
C MET A 86 21.68 16.82 8.85
N ALA A 87 22.78 16.35 8.29
CA ALA A 87 23.06 14.90 8.20
C ALA A 87 23.06 14.30 9.59
N VAL A 88 23.69 14.97 10.54
CA VAL A 88 23.80 14.44 11.93
C VAL A 88 22.41 14.49 12.56
N ARG A 89 21.62 15.52 12.26
CA ARG A 89 20.24 15.61 12.81
C ARG A 89 19.39 14.45 12.27
N ARG A 90 19.56 14.08 11.01
CA ARG A 90 18.68 13.07 10.38
C ARG A 90 19.14 11.67 10.75
N CYS A 91 20.42 11.46 11.01
CA CYS A 91 20.94 10.08 11.19
C CYS A 91 21.23 9.77 12.65
N THR A 92 20.93 10.64 13.61
CA THR A 92 21.33 10.39 15.02
C THR A 92 20.28 10.90 16.02
N ASN A 93 20.42 10.52 17.28
CA ASN A 93 19.48 10.88 18.39
C ASN A 93 20.14 11.82 19.39
N PHE A 94 21.11 12.63 18.97
CA PHE A 94 21.88 13.57 19.83
C PHE A 94 21.59 15.00 19.44
N LYS A 95 21.36 15.90 20.39
CA LYS A 95 21.00 17.31 20.09
C LYS A 95 22.18 17.99 19.37
N VAL A 96 21.92 18.63 18.22
CA VAL A 96 22.97 19.23 17.35
C VAL A 96 22.81 20.75 17.38
N GLY A 97 23.94 21.47 17.47
CA GLY A 97 23.98 22.94 17.50
C GLY A 97 24.82 23.49 16.37
N PHE A 98 24.21 24.24 15.46
CA PHE A 98 24.91 24.79 14.27
C PHE A 98 25.41 26.19 14.60
N TYR A 99 26.72 26.38 14.67
CA TYR A 99 27.36 27.69 15.03
C TYR A 99 28.28 28.17 13.91
N VAL A 100 27.88 29.19 13.16
CA VAL A 100 28.62 29.76 12.01
C VAL A 100 28.60 31.27 12.19
N GLY A 101 29.37 32.00 11.38
CA GLY A 101 29.43 33.48 11.35
C GLY A 101 28.08 34.17 11.20
N GLU A 102 27.17 33.64 10.38
CA GLU A 102 25.92 34.33 10.04
C GLU A 102 25.05 34.53 11.28
N GLN A 103 25.44 33.97 12.44
CA GLN A 103 24.66 34.10 13.70
C GLN A 103 25.44 34.96 14.70
N GLY A 104 26.51 35.61 14.26
CA GLY A 104 27.33 36.50 15.11
C GLY A 104 27.91 35.77 16.31
N VAL A 105 28.41 34.55 16.11
CA VAL A 105 29.08 33.75 17.18
C VAL A 105 30.23 34.58 17.77
N ASP A 106 30.94 35.34 16.95
CA ASP A 106 32.06 36.21 17.40
C ASP A 106 31.57 37.09 18.56
N ASP A 107 30.34 37.58 18.47
CA ASP A 107 29.72 38.47 19.48
C ASP A 107 29.13 37.67 20.64
N TRP A 108 29.85 36.74 21.25
CA TRP A 108 29.28 35.89 22.33
C TRP A 108 30.07 36.04 23.63
N THR A 109 29.57 35.44 24.70
CA THR A 109 30.15 35.54 26.06
C THR A 109 30.41 34.15 26.60
N ARG A 110 31.26 34.04 27.61
CA ARG A 110 31.58 32.75 28.27
C ARG A 110 30.26 32.14 28.75
N GLY A 111 29.40 32.95 29.36
CA GLY A 111 28.08 32.54 29.88
C GLY A 111 27.19 31.94 28.80
N MET A 112 27.09 32.63 27.66
CA MET A 112 26.26 32.17 26.52
C MET A 112 26.83 30.85 26.02
N TRP A 113 28.17 30.75 25.93
CA TRP A 113 28.82 29.54 25.40
C TRP A 113 28.59 28.35 26.35
N SER A 114 28.62 28.59 27.67
CA SER A 114 28.38 27.51 28.66
C SER A 114 26.94 27.00 28.49
N ASP A 115 25.98 27.90 28.28
CA ASP A 115 24.55 27.51 28.08
C ASP A 115 24.44 26.72 26.78
N GLU A 116 25.14 27.11 25.73
CA GLU A 116 25.10 26.37 24.44
C GLU A 116 25.68 24.97 24.62
N ILE A 117 26.73 24.80 25.41
CA ILE A 117 27.36 23.45 25.55
C ILE A 117 26.53 22.62 26.53
N LYS A 118 25.73 23.25 27.39
CA LYS A 118 24.81 22.48 28.28
C LYS A 118 23.66 21.92 27.44
N LYS A 119 23.00 22.75 26.66
CA LYS A 119 21.79 22.33 25.90
C LYS A 119 22.19 21.29 24.84
N ASN A 120 23.19 21.57 24.03
CA ASN A 120 23.55 20.72 22.86
C ASN A 120 24.53 19.63 23.27
N GLN A 121 24.77 18.68 22.38
CA GLN A 121 25.66 17.52 22.66
C GLN A 121 26.64 17.39 21.53
N VAL A 122 26.22 17.70 20.30
CA VAL A 122 27.17 17.79 19.17
C VAL A 122 27.18 19.24 18.71
N LEU A 123 28.35 19.80 18.41
CA LEU A 123 28.49 21.20 18.00
C LEU A 123 29.06 21.21 16.60
N VAL A 124 28.27 21.57 15.60
CA VAL A 124 28.68 21.54 14.17
C VAL A 124 28.92 22.99 13.74
N GLY A 125 30.09 23.24 13.18
CA GLY A 125 30.45 24.60 12.75
C GLY A 125 31.68 24.63 11.89
N THR A 126 32.21 25.82 11.71
CA THR A 126 33.45 26.05 10.94
C THR A 126 34.64 26.12 11.90
N ALA A 127 35.82 25.89 11.36
CA ALA A 127 37.09 25.91 12.13
C ALA A 127 37.30 27.25 12.84
N GLN A 128 36.94 28.37 12.23
CA GLN A 128 37.22 29.70 12.83
C GLN A 128 36.40 29.86 14.12
N VAL A 129 35.17 29.37 14.14
CA VAL A 129 34.26 29.54 15.32
C VAL A 129 34.86 28.83 16.53
N PHE A 130 35.08 27.53 16.44
CA PHE A 130 35.55 26.69 17.58
C PHE A 130 36.95 27.13 18.04
N LEU A 131 37.81 27.55 17.12
CA LEU A 131 39.21 27.93 17.46
C LEU A 131 39.16 29.04 18.53
N ASP A 132 38.36 30.07 18.28
CA ASP A 132 38.17 31.19 19.23
C ASP A 132 37.58 30.62 20.52
N MET A 133 36.64 29.69 20.40
CA MET A 133 35.91 29.13 21.56
C MET A 133 36.91 28.44 22.49
N VAL A 134 37.83 27.64 21.97
CA VAL A 134 38.75 26.84 22.82
C VAL A 134 39.85 27.78 23.35
N THR A 135 40.18 28.84 22.62
CA THR A 135 41.26 29.78 23.00
C THR A 135 40.76 30.72 24.08
N GLN A 136 39.57 31.30 23.88
CA GLN A 136 39.02 32.21 24.91
C GLN A 136 38.75 31.36 26.15
N THR A 137 39.04 30.05 26.08
CA THR A 137 38.87 29.08 27.18
C THR A 137 37.37 28.92 27.47
N TYR A 138 36.50 29.26 26.52
CA TYR A 138 35.03 29.06 26.67
C TYR A 138 34.76 27.56 26.77
N VAL A 139 35.46 26.75 25.98
CA VAL A 139 35.37 25.25 26.06
C VAL A 139 36.79 24.71 26.10
N ALA A 140 36.99 23.56 26.72
CA ALA A 140 38.34 22.99 26.91
C ALA A 140 38.47 21.71 26.09
N LEU A 141 39.70 21.38 25.71
CA LEU A 141 39.93 20.15 24.92
C LEU A 141 39.53 18.93 25.76
N SER A 142 39.76 18.95 27.07
CA SER A 142 39.44 17.81 27.97
C SER A 142 37.94 17.50 27.96
N SER A 143 37.09 18.53 27.96
CA SER A 143 35.63 18.33 27.91
C SER A 143 35.25 17.54 26.65
N LEU A 144 35.87 17.82 25.52
CA LEU A 144 35.43 17.20 24.24
C LEU A 144 35.78 15.70 24.24
N SER A 145 35.07 14.90 23.43
CA SER A 145 35.25 13.43 23.35
C SER A 145 35.81 13.03 21.98
N VAL A 146 35.22 13.52 20.89
CA VAL A 146 35.75 13.28 19.52
C VAL A 146 35.75 14.60 18.75
N VAL A 147 36.71 14.79 17.84
CA VAL A 147 36.78 15.97 16.95
C VAL A 147 36.87 15.47 15.51
N ILE A 148 35.85 15.73 14.68
CA ILE A 148 35.83 15.24 13.27
C ILE A 148 36.08 16.44 12.36
N ILE A 149 37.10 16.35 11.52
CA ILE A 149 37.46 17.49 10.64
C ILE A 149 37.05 17.11 9.23
N ASP A 150 35.91 17.61 8.77
CA ASP A 150 35.51 17.38 7.35
C ASP A 150 36.48 18.17 6.48
N GLU A 151 36.91 17.60 5.35
CA GLU A 151 37.87 18.23 4.41
C GLU A 151 39.16 18.56 5.16
N CYS A 152 39.78 17.55 5.78
CA CYS A 152 40.97 17.74 6.64
C CYS A 152 42.23 17.96 5.79
N HIS A 153 42.18 17.78 4.47
CA HIS A 153 43.35 18.09 3.61
C HIS A 153 43.67 19.58 3.67
N HIS A 154 42.78 20.40 4.25
CA HIS A 154 42.97 21.87 4.32
C HIS A 154 43.84 22.24 5.52
N GLY A 155 44.30 21.24 6.30
CA GLY A 155 45.12 21.44 7.51
C GLY A 155 46.41 22.19 7.25
N THR A 156 47.09 21.88 6.15
CA THR A 156 48.45 22.39 5.87
C THR A 156 48.46 23.93 5.91
N GLY A 157 49.50 24.51 6.52
CA GLY A 157 49.70 25.98 6.62
C GLY A 157 49.24 26.53 7.97
N HIS A 158 48.79 27.78 8.01
CA HIS A 158 48.30 28.43 9.25
C HIS A 158 46.78 28.39 9.27
N HIS A 159 46.19 27.42 8.54
CA HIS A 159 44.71 27.25 8.44
C HIS A 159 44.15 26.95 9.83
N PRO A 160 42.96 27.45 10.24
CA PRO A 160 42.47 27.21 11.60
C PRO A 160 42.43 25.73 12.03
N PHE A 161 42.31 24.79 11.10
CA PHE A 161 42.43 23.34 11.40
C PHE A 161 43.78 23.06 12.07
N ARG A 162 44.85 23.63 11.51
CA ARG A 162 46.22 23.40 12.03
C ARG A 162 46.38 24.08 13.38
N GLU A 163 45.82 25.29 13.52
CA GLU A 163 45.94 26.07 14.77
C GLU A 163 45.23 25.34 15.92
N PHE A 164 44.07 24.73 15.65
CA PHE A 164 43.29 23.98 16.66
C PHE A 164 44.12 22.79 17.15
N MET A 165 44.78 22.09 16.23
CA MET A 165 45.64 20.93 16.60
C MET A 165 46.82 21.40 17.45
N ARG A 166 47.29 22.62 17.25
CA ARG A 166 48.41 23.17 18.06
C ARG A 166 47.91 23.41 19.48
N LEU A 167 46.61 23.62 19.66
CA LEU A 167 46.04 23.76 21.02
C LEU A 167 46.20 22.40 21.72
N PHE A 168 46.36 21.34 20.93
CA PHE A 168 46.47 19.96 21.46
C PHE A 168 47.89 19.68 21.91
N THR A 169 48.86 20.50 21.52
CA THR A 169 50.27 20.34 21.97
C THR A 169 50.43 20.90 23.38
N ILE A 170 49.80 22.02 23.66
CA ILE A 170 49.86 22.64 25.01
C ILE A 170 48.55 22.38 25.75
N ALA A 171 48.38 21.20 26.35
CA ALA A 171 47.12 20.82 27.04
C ALA A 171 47.38 19.75 28.11
N ASN A 172 46.32 19.17 28.66
CA ASN A 172 46.43 18.18 29.76
C ASN A 172 47.34 17.02 29.36
N GLN A 173 47.17 16.54 28.13
CA GLN A 173 47.98 15.43 27.57
C GLN A 173 47.54 14.11 28.22
N THR A 174 46.56 14.14 29.11
CA THR A 174 45.94 12.91 29.64
C THR A 174 44.54 12.77 29.06
N LYS A 175 43.77 13.84 29.14
CA LYS A 175 42.40 13.86 28.61
C LYS A 175 42.39 14.66 27.32
N LEU A 176 42.80 14.04 26.21
CA LEU A 176 42.79 14.70 24.88
C LEU A 176 41.77 14.01 23.99
N PRO A 177 40.85 14.76 23.33
CA PRO A 177 39.81 14.16 22.50
C PRO A 177 40.36 13.42 21.27
N ARG A 178 39.70 12.35 20.84
CA ARG A 178 40.06 11.60 19.62
C ARG A 178 39.92 12.53 18.41
N VAL A 179 40.84 12.45 17.44
CA VAL A 179 40.79 13.29 16.22
C VAL A 179 40.51 12.38 15.03
N VAL A 180 39.49 12.68 14.23
CA VAL A 180 39.18 11.90 13.00
C VAL A 180 39.17 12.86 11.81
N GLY A 181 39.98 12.60 10.79
CA GLY A 181 40.11 13.47 9.62
C GLY A 181 39.56 12.82 8.37
N LEU A 182 38.41 13.26 7.88
CA LEU A 182 37.80 12.64 6.67
C LEU A 182 38.21 13.46 5.44
N THR A 183 39.00 12.90 4.53
CA THR A 183 39.50 13.69 3.37
C THR A 183 39.17 12.96 2.07
N GLY A 184 38.35 13.57 1.21
CA GLY A 184 38.07 13.06 -0.14
C GLY A 184 39.34 13.03 -0.99
N VAL A 185 40.10 14.13 -0.96
CA VAL A 185 41.33 14.34 -1.78
C VAL A 185 42.48 14.51 -0.79
N LEU A 186 43.55 13.73 -0.90
CA LEU A 186 44.63 13.79 0.11
C LEU A 186 45.44 15.09 -0.02
N ILE A 187 45.74 15.53 -1.24
CA ILE A 187 46.60 16.72 -1.49
C ILE A 187 45.79 17.80 -2.21
N LYS A 188 46.01 19.06 -1.84
CA LYS A 188 45.28 20.22 -2.43
C LYS A 188 45.66 20.36 -3.91
N GLY A 189 44.80 21.02 -4.68
CA GLY A 189 44.88 21.16 -6.15
C GLY A 189 46.26 21.58 -6.64
N ASN A 190 46.84 20.80 -7.55
CA ASN A 190 48.08 21.15 -8.27
C ASN A 190 49.22 21.40 -7.26
N GLU A 191 49.29 20.60 -6.21
CA GLU A 191 50.41 20.66 -5.22
C GLU A 191 51.03 19.28 -5.10
N ILE A 192 51.98 18.98 -5.97
CA ILE A 192 52.58 17.61 -6.03
C ILE A 192 54.10 17.69 -5.98
N THR A 193 54.65 18.74 -5.39
CA THR A 193 56.10 18.96 -5.33
C THR A 193 56.76 17.77 -4.60
N ASN A 194 56.30 17.48 -3.39
CA ASN A 194 56.85 16.36 -2.57
C ASN A 194 55.68 15.76 -1.80
N VAL A 195 55.04 14.76 -2.39
CA VAL A 195 53.80 14.18 -1.80
C VAL A 195 54.16 13.54 -0.47
N ALA A 196 55.25 12.79 -0.44
CA ALA A 196 55.70 12.03 0.75
C ALA A 196 55.78 12.97 1.96
N THR A 197 56.50 14.07 1.81
CA THR A 197 56.72 15.03 2.91
C THR A 197 55.38 15.68 3.28
N LYS A 198 54.55 16.00 2.29
CA LYS A 198 53.25 16.67 2.57
C LYS A 198 52.35 15.72 3.36
N LEU A 199 52.30 14.44 2.98
CA LEU A 199 51.45 13.47 3.70
C LEU A 199 52.01 13.22 5.10
N LYS A 200 53.32 13.19 5.24
CA LYS A 200 53.94 13.01 6.57
C LYS A 200 53.58 14.20 7.45
N GLU A 201 53.64 15.41 6.90
CA GLU A 201 53.26 16.63 7.65
C GLU A 201 51.78 16.56 8.02
N LEU A 202 50.93 16.00 7.16
CA LEU A 202 49.46 15.92 7.43
C LEU A 202 49.24 14.93 8.58
N GLU A 203 49.98 13.83 8.59
CA GLU A 203 49.85 12.83 9.69
C GLU A 203 50.37 13.44 11.00
N ILE A 204 51.48 14.17 10.96
CA ILE A 204 51.99 14.86 12.17
C ILE A 204 50.95 15.88 12.64
N THR A 205 50.33 16.60 11.72
CA THR A 205 49.32 17.64 12.07
C THR A 205 48.16 16.99 12.82
N TYR A 206 47.61 15.90 12.30
CA TYR A 206 46.38 15.30 12.88
C TYR A 206 46.70 14.18 13.88
N ARG A 207 47.98 13.95 14.17
CA ARG A 207 48.38 12.96 15.19
C ARG A 207 47.82 11.56 14.84
N GLY A 208 47.55 11.27 13.58
CA GLY A 208 47.02 9.95 13.19
C GLY A 208 47.41 9.50 11.80
N ASN A 209 47.73 8.24 11.63
CA ASN A 209 48.11 7.67 10.31
C ASN A 209 46.86 7.71 9.40
N ILE A 210 47.08 7.95 8.11
CA ILE A 210 45.99 7.92 7.08
C ILE A 210 45.48 6.48 6.97
N ILE A 211 44.19 6.26 7.20
CA ILE A 211 43.62 4.89 7.05
C ILE A 211 42.77 4.91 5.78
N THR A 212 43.23 4.23 4.74
CA THR A 212 42.50 4.05 3.46
C THR A 212 42.04 2.61 3.38
N VAL A 213 41.24 2.26 2.38
CA VAL A 213 40.80 0.86 2.14
C VAL A 213 41.37 0.36 0.82
N SER A 214 41.96 -0.85 0.80
CA SER A 214 42.57 -1.42 -0.43
C SER A 214 41.52 -1.48 -1.54
N ASP A 215 41.95 -1.29 -2.79
CA ASP A 215 41.07 -1.42 -3.97
C ASP A 215 40.47 -2.83 -3.95
N THR A 216 39.14 -2.93 -3.98
CA THR A 216 38.40 -4.21 -3.85
C THR A 216 37.04 -4.06 -4.52
N LYS A 217 36.24 -5.11 -4.55
CA LYS A 217 34.85 -5.03 -5.05
C LYS A 217 34.05 -4.08 -4.16
N GLU A 218 34.24 -4.16 -2.84
CA GLU A 218 33.44 -3.37 -1.86
C GLU A 218 33.69 -1.87 -2.07
N LEU A 219 34.94 -1.44 -2.23
CA LEU A 219 35.28 -0.02 -2.47
C LEU A 219 36.51 0.04 -3.38
N GLU A 220 36.49 0.91 -4.39
CA GLU A 220 37.63 1.09 -5.32
C GLU A 220 38.43 2.31 -4.88
N ASN A 221 39.73 2.15 -4.67
CA ASN A 221 40.62 3.29 -4.32
C ASN A 221 41.39 3.67 -5.57
N VAL A 222 41.21 4.89 -6.09
CA VAL A 222 41.81 5.30 -7.38
C VAL A 222 43.34 5.31 -7.27
N MET A 223 43.87 5.58 -6.08
CA MET A 223 45.34 5.73 -5.86
C MET A 223 46.02 4.36 -5.77
N LEU A 224 45.37 3.34 -5.22
CA LEU A 224 46.04 2.04 -4.95
C LEU A 224 45.82 1.03 -6.10
N TYR A 225 45.41 1.47 -7.29
CA TYR A 225 45.27 0.58 -8.47
C TYR A 225 46.58 0.60 -9.26
N ALA A 226 46.96 -0.51 -9.90
CA ALA A 226 48.27 -0.66 -10.58
C ALA A 226 48.11 -0.47 -12.08
N THR A 227 47.08 -1.09 -12.67
CA THR A 227 46.89 -1.12 -14.14
C THR A 227 46.63 0.30 -14.65
N LYS A 228 47.22 0.66 -15.79
CA LYS A 228 47.11 2.01 -16.36
C LYS A 228 46.60 1.88 -17.78
N PRO A 229 45.66 2.73 -18.28
CA PRO A 229 45.20 2.62 -19.65
C PRO A 229 46.26 3.12 -20.64
N THR A 230 46.03 2.92 -21.93
CA THR A 230 47.00 3.35 -22.96
C THR A 230 46.80 4.84 -23.21
N GLU A 231 47.61 5.68 -22.55
CA GLU A 231 47.49 7.16 -22.68
C GLU A 231 47.88 7.57 -24.10
N VAL A 232 47.06 8.37 -24.75
CA VAL A 232 47.33 8.87 -26.13
C VAL A 232 47.36 10.40 -26.06
N MET A 233 48.37 11.03 -26.66
CA MET A 233 48.46 12.50 -26.74
C MET A 233 48.08 12.91 -28.16
N VAL A 234 46.85 13.33 -28.36
CA VAL A 234 46.37 13.80 -29.70
C VAL A 234 46.51 15.32 -29.73
N SER A 235 47.36 15.83 -30.60
CA SER A 235 47.61 17.29 -30.69
C SER A 235 46.83 17.90 -31.86
N PHE A 236 46.18 19.04 -31.63
CA PHE A 236 45.35 19.70 -32.66
C PHE A 236 46.04 20.99 -33.11
N PRO A 237 46.06 21.28 -34.44
CA PRO A 237 46.72 22.47 -34.95
C PRO A 237 46.07 23.78 -34.50
N HIS A 238 46.86 24.84 -34.38
CA HIS A 238 46.33 26.18 -34.03
C HIS A 238 45.23 26.54 -35.02
N GLN A 239 45.57 26.59 -36.32
CA GLN A 239 44.61 26.87 -37.43
C GLN A 239 43.77 28.10 -37.06
N GLU A 240 44.43 29.19 -36.66
CA GLU A 240 43.73 30.41 -36.20
C GLU A 240 43.31 31.24 -37.41
N GLN A 241 42.30 30.81 -38.14
CA GLN A 241 41.69 31.62 -39.22
C GLN A 241 40.51 32.32 -38.58
N VAL A 242 40.59 33.63 -38.33
CA VAL A 242 39.55 34.31 -37.52
C VAL A 242 38.39 34.73 -38.43
N LEU A 243 37.15 34.34 -38.07
CA LEU A 243 35.93 34.79 -38.78
C LEU A 243 35.59 36.20 -38.31
N THR A 244 34.75 36.88 -39.07
CA THR A 244 34.30 38.26 -38.77
C THR A 244 33.01 38.24 -37.97
N VAL A 245 32.25 37.15 -38.00
CA VAL A 245 30.97 37.03 -37.26
C VAL A 245 31.27 37.12 -35.77
N THR A 246 32.33 36.46 -35.33
CA THR A 246 32.76 36.50 -33.91
C THR A 246 33.13 37.93 -33.52
N ARG A 247 33.81 38.65 -34.39
CA ARG A 247 34.22 40.05 -34.10
C ARG A 247 32.97 40.92 -33.98
N LEU A 248 32.00 40.74 -34.89
CA LEU A 248 30.76 41.55 -34.87
C LEU A 248 30.00 41.25 -33.59
N ILE A 249 29.89 39.97 -33.22
CA ILE A 249 29.16 39.55 -31.99
C ILE A 249 29.85 40.21 -30.80
N SER A 250 31.17 40.11 -30.72
CA SER A 250 31.97 40.67 -29.60
C SER A 250 31.72 42.17 -29.49
N ALA A 251 31.78 42.90 -30.61
CA ALA A 251 31.56 44.36 -30.59
C ALA A 251 30.14 44.65 -30.08
N GLU A 252 29.16 43.88 -30.54
CA GLU A 252 27.75 44.04 -30.11
C GLU A 252 27.61 43.73 -28.62
N ILE A 253 28.29 42.71 -28.13
CA ILE A 253 28.12 42.32 -26.70
C ILE A 253 28.79 43.38 -25.83
N GLU A 254 29.89 43.99 -26.29
CA GLU A 254 30.64 45.01 -25.49
C GLU A 254 29.83 46.31 -25.49
N LYS A 255 29.18 46.65 -26.61
CA LYS A 255 28.25 47.81 -26.62
C LYS A 255 27.16 47.56 -25.58
N PHE A 256 26.64 46.33 -25.52
CA PHE A 256 25.60 45.99 -24.52
C PHE A 256 26.18 46.21 -23.13
N TYR A 257 27.40 45.69 -22.89
CA TYR A 257 28.05 45.81 -21.58
C TYR A 257 28.11 47.27 -21.16
N VAL A 258 28.49 48.15 -22.09
CA VAL A 258 28.59 49.60 -21.79
C VAL A 258 27.20 50.11 -21.43
N SER A 259 26.18 49.71 -22.17
CA SER A 259 24.80 50.21 -21.95
C SER A 259 24.27 49.66 -20.63
N LEU A 260 24.68 48.46 -20.25
CA LEU A 260 24.21 47.81 -19.01
C LEU A 260 24.85 48.47 -17.79
N ASP A 261 26.18 48.62 -17.74
CA ASP A 261 26.74 49.18 -16.49
C ASP A 261 26.01 50.49 -16.15
N LEU A 262 25.60 51.28 -17.14
CA LEU A 262 25.01 52.62 -16.90
C LEU A 262 23.58 52.53 -16.34
N MET A 263 22.83 51.48 -16.69
CA MET A 263 21.42 51.40 -16.25
C MET A 263 21.46 51.30 -14.72
N ASN A 264 20.51 51.94 -14.02
CA ASN A 264 20.40 51.82 -12.55
C ASN A 264 19.18 50.96 -12.24
N ILE A 265 19.33 49.98 -11.37
CA ILE A 265 18.26 49.01 -11.03
C ILE A 265 17.97 49.14 -9.54
N SER A 283 18.80 37.59 -11.06
CA SER A 283 18.08 38.83 -11.46
C SER A 283 18.96 40.07 -11.17
N LYS A 284 20.23 40.02 -11.56
CA LYS A 284 21.23 41.09 -11.27
C LYS A 284 22.11 41.29 -12.49
N LYS A 285 22.77 42.45 -12.58
CA LYS A 285 23.68 42.80 -13.71
C LYS A 285 24.83 41.80 -13.79
N SER A 286 25.35 41.39 -12.63
CA SER A 286 26.48 40.42 -12.54
C SER A 286 26.09 39.10 -13.22
N PHE A 287 24.86 38.63 -13.00
CA PHE A 287 24.36 37.36 -13.58
C PHE A 287 24.34 37.52 -15.11
N VAL A 288 23.89 38.68 -15.59
CA VAL A 288 23.80 38.95 -17.06
C VAL A 288 25.20 38.89 -17.63
N LYS A 289 26.17 39.53 -16.97
CA LYS A 289 27.56 39.56 -17.45
C LYS A 289 28.07 38.13 -17.46
N GLN A 290 27.76 37.39 -16.39
CA GLN A 290 28.24 36.00 -16.24
C GLN A 290 27.83 35.18 -17.48
N LEU A 291 26.53 35.09 -17.75
CA LEU A 291 26.03 34.24 -18.86
C LEU A 291 26.67 34.65 -20.18
N PHE A 292 26.71 35.95 -20.50
CA PHE A 292 27.22 36.39 -21.82
C PHE A 292 28.68 36.01 -21.96
N ASN A 293 29.47 36.18 -20.91
CA ASN A 293 30.92 35.87 -20.95
C ASN A 293 31.09 34.38 -21.22
N ASP A 294 30.24 33.55 -20.63
CA ASP A 294 30.32 32.08 -20.82
C ASP A 294 30.04 31.76 -22.30
N PHE A 295 29.09 32.43 -22.93
CA PHE A 295 28.82 32.19 -24.37
C PHE A 295 30.09 32.52 -25.16
N LEU A 296 30.75 33.63 -24.83
CA LEU A 296 31.95 34.06 -25.58
C LEU A 296 33.02 32.97 -25.43
N TYR A 297 33.14 32.36 -24.26
CA TYR A 297 34.09 31.25 -24.04
C TYR A 297 33.74 30.10 -24.98
N GLN A 298 32.46 29.78 -25.10
CA GLN A 298 32.00 28.65 -25.95
C GLN A 298 32.35 28.96 -27.41
N MET A 299 32.21 30.22 -27.82
CA MET A 299 32.48 30.59 -29.23
C MET A 299 33.98 30.59 -29.48
N LYS A 300 34.81 31.01 -28.53
CA LYS A 300 36.28 30.91 -28.77
C LYS A 300 36.68 29.44 -28.79
N GLU A 301 36.41 28.71 -27.72
CA GLU A 301 36.91 27.33 -27.52
C GLU A 301 36.25 26.32 -28.46
N TYR A 302 34.96 26.42 -28.81
CA TYR A 302 34.31 25.29 -29.53
C TYR A 302 33.73 25.66 -30.90
N GLY A 303 33.85 26.88 -31.41
CA GLY A 303 33.48 27.19 -32.81
C GLY A 303 32.06 27.70 -32.99
N ILE A 304 31.72 28.08 -34.22
CA ILE A 304 30.43 28.74 -34.57
C ILE A 304 29.28 27.75 -34.39
N TYR A 305 29.41 26.50 -34.83
CA TYR A 305 28.26 25.57 -34.75
C TYR A 305 27.90 25.36 -33.27
N ALA A 306 28.89 25.10 -32.42
CA ALA A 306 28.65 24.86 -30.98
C ALA A 306 28.05 26.12 -30.34
N ALA A 307 28.49 27.30 -30.77
CA ALA A 307 28.00 28.58 -30.22
C ALA A 307 26.50 28.73 -30.52
N SER A 308 26.05 28.35 -31.71
CA SER A 308 24.62 28.45 -32.10
C SER A 308 23.77 27.59 -31.15
N ILE A 309 24.25 26.41 -30.77
CA ILE A 309 23.54 25.52 -29.80
C ILE A 309 23.51 26.19 -28.42
N ALA A 310 24.56 26.93 -28.05
CA ALA A 310 24.71 27.49 -26.69
C ALA A 310 23.97 28.82 -26.50
N ILE A 311 23.78 29.62 -27.55
CA ILE A 311 23.01 30.89 -27.38
C ILE A 311 21.56 30.53 -27.00
N ILE A 312 21.07 29.39 -27.46
CA ILE A 312 19.69 28.93 -27.13
C ILE A 312 19.59 28.75 -25.61
N SER A 313 20.63 28.22 -24.97
CA SER A 313 20.65 28.02 -23.50
C SER A 313 20.54 29.38 -22.80
N LEU A 314 21.26 30.38 -23.28
CA LEU A 314 21.21 31.73 -22.70
C LEU A 314 19.81 32.28 -22.90
N ILE A 315 19.25 32.08 -24.09
CA ILE A 315 17.88 32.59 -24.43
C ILE A 315 16.90 32.07 -23.39
N VAL A 316 16.95 30.77 -23.10
CA VAL A 316 16.06 30.12 -22.09
C VAL A 316 16.29 30.78 -20.73
N GLU A 317 17.55 30.92 -20.30
CA GLU A 317 17.84 31.42 -18.92
C GLU A 317 17.43 32.89 -18.78
N PHE A 318 17.69 33.74 -19.78
CA PHE A 318 17.28 35.16 -19.75
C PHE A 318 15.76 35.27 -19.80
N ASP A 319 15.08 34.34 -20.47
CA ASP A 319 13.59 34.34 -20.54
C ASP A 319 13.01 33.96 -19.18
N ILE A 320 13.56 32.93 -18.55
CA ILE A 320 13.12 32.52 -17.18
C ILE A 320 13.30 33.72 -16.24
N LYS A 321 14.46 34.37 -16.26
CA LYS A 321 14.74 35.44 -15.26
C LYS A 321 13.86 36.67 -15.49
N ARG A 322 13.50 36.97 -16.75
CA ARG A 322 12.61 38.09 -17.10
C ARG A 322 11.27 37.85 -16.41
N ARG A 323 10.77 36.63 -16.49
CA ARG A 323 9.49 36.26 -15.83
C ARG A 323 9.67 36.35 -14.31
N GLN A 324 10.81 35.87 -13.78
CA GLN A 324 11.10 35.94 -12.33
C GLN A 324 11.70 37.30 -11.99
N ALA A 325 11.07 38.41 -12.36
CA ALA A 325 11.58 39.77 -12.06
C ALA A 325 10.49 40.61 -11.38
N GLU A 326 10.70 40.94 -10.10
CA GLU A 326 9.72 41.67 -9.26
C GLU A 326 9.48 43.10 -9.80
N THR A 327 10.53 43.86 -10.09
CA THR A 327 10.41 45.29 -10.47
C THR A 327 10.59 45.41 -11.99
N LEU A 328 10.03 46.45 -12.58
CA LEU A 328 10.03 46.71 -14.05
C LEU A 328 11.46 46.94 -14.56
N SER A 329 12.32 47.60 -13.80
CA SER A 329 13.70 47.95 -14.25
C SER A 329 14.46 46.68 -14.60
N VAL A 330 14.36 45.66 -13.76
CA VAL A 330 15.07 44.36 -13.95
C VAL A 330 14.50 43.68 -15.20
N LYS A 331 13.16 43.66 -15.31
CA LYS A 331 12.46 43.04 -16.47
C LYS A 331 13.03 43.66 -17.74
N LEU A 332 13.24 44.98 -17.73
CA LEU A 332 13.79 45.68 -18.92
C LEU A 332 15.20 45.16 -19.21
N MET A 333 16.03 45.00 -18.18
CA MET A 333 17.43 44.53 -18.36
C MET A 333 17.42 43.13 -18.98
N HIS A 334 16.58 42.24 -18.45
CA HIS A 334 16.52 40.85 -18.98
C HIS A 334 15.91 40.84 -20.39
N ARG A 335 14.92 41.68 -20.69
CA ARG A 335 14.27 41.71 -22.03
C ARG A 335 15.29 42.14 -23.09
N THR A 336 16.12 43.15 -22.80
CA THR A 336 17.16 43.66 -23.74
C THR A 336 18.28 42.63 -23.89
N ALA A 337 18.62 41.91 -22.82
CA ALA A 337 19.62 40.83 -22.90
C ALA A 337 19.11 39.74 -23.86
N LEU A 338 17.83 39.41 -23.75
CA LEU A 338 17.18 38.38 -24.59
C LEU A 338 17.19 38.85 -26.04
N THR A 339 16.98 40.14 -26.31
CA THR A 339 16.93 40.66 -27.72
C THR A 339 18.33 40.61 -28.32
N LEU A 340 19.37 40.86 -27.52
CA LEU A 340 20.77 40.69 -28.01
C LEU A 340 20.96 39.21 -28.35
N CYS A 341 20.45 38.31 -27.52
CA CYS A 341 20.61 36.85 -27.71
C CYS A 341 19.96 36.42 -29.03
N GLU A 342 18.81 37.01 -29.38
CA GLU A 342 18.10 36.67 -30.64
C GLU A 342 18.91 37.16 -31.84
N LYS A 343 19.58 38.31 -31.71
CA LYS A 343 20.43 38.88 -32.79
C LYS A 343 21.66 37.98 -32.92
N ILE A 344 22.23 37.53 -31.82
CA ILE A 344 23.48 36.72 -31.90
C ILE A 344 23.07 35.37 -32.51
N ARG A 345 21.92 34.82 -32.12
CA ARG A 345 21.40 33.56 -32.71
C ARG A 345 21.34 33.72 -34.22
N HIS A 346 20.83 34.85 -34.71
CA HIS A 346 20.65 35.07 -36.18
C HIS A 346 22.01 35.12 -36.88
N LEU A 347 22.95 35.94 -36.39
CA LEU A 347 24.27 36.10 -37.06
C LEU A 347 25.00 34.75 -37.17
N LEU A 348 24.95 33.93 -36.11
CA LEU A 348 25.66 32.63 -36.11
C LEU A 348 24.93 31.71 -37.08
N VAL A 349 23.60 31.73 -37.06
CA VAL A 349 22.78 30.84 -37.95
C VAL A 349 23.04 31.18 -39.42
N GLN A 350 23.09 32.45 -39.81
CA GLN A 350 23.32 32.85 -41.23
C GLN A 350 24.72 32.42 -41.70
N LYS A 351 25.71 32.42 -40.81
CA LYS A 351 27.07 31.97 -41.17
C LYS A 351 26.92 30.50 -41.55
N LEU A 352 26.17 29.75 -40.75
CA LEU A 352 25.94 28.31 -41.00
C LEU A 352 25.25 28.09 -42.36
N GLN A 353 24.19 28.86 -42.65
CA GLN A 353 23.41 28.74 -43.90
C GLN A 353 24.23 29.21 -45.10
N ASP A 354 25.16 30.14 -44.89
CA ASP A 354 25.99 30.68 -46.00
C ASP A 354 26.71 29.50 -46.62
N MET A 355 27.21 28.58 -45.79
CA MET A 355 27.86 27.33 -46.28
C MET A 355 26.89 26.48 -47.08
N THR A 356 25.66 26.30 -46.61
CA THR A 356 24.66 25.41 -47.27
C THR A 356 23.78 26.25 -48.22
N ASN A 365 22.37 21.36 -39.98
CA ASN A 365 22.64 20.32 -38.96
C ASN A 365 23.31 19.11 -39.62
N THR A 366 23.72 19.24 -40.89
CA THR A 366 24.46 18.19 -41.62
C THR A 366 25.87 18.08 -41.06
N GLU A 367 26.51 16.94 -41.25
CA GLU A 367 27.90 16.69 -40.81
C GLU A 367 28.81 17.76 -41.41
N GLU A 368 28.63 18.08 -42.69
CA GLU A 368 29.53 19.03 -43.38
C GLU A 368 29.45 20.39 -42.71
N VAL A 369 28.25 20.86 -42.35
CA VAL A 369 28.07 22.19 -41.70
C VAL A 369 28.87 22.18 -40.40
N ILE A 370 28.78 21.08 -39.64
CA ILE A 370 29.41 20.98 -38.29
C ILE A 370 30.94 20.97 -38.46
N MET A 371 31.48 20.02 -39.22
CA MET A 371 32.96 19.86 -39.34
C MET A 371 33.56 21.16 -39.88
N ASN A 372 33.09 21.64 -41.02
CA ASN A 372 33.65 22.86 -41.66
C ASN A 372 33.62 24.00 -40.65
N PHE A 373 32.45 24.37 -40.12
CA PHE A 373 32.39 25.55 -39.21
C PHE A 373 32.55 25.16 -37.74
N SER A 374 33.71 24.63 -37.32
CA SER A 374 33.99 24.37 -35.87
C SER A 374 35.49 24.49 -35.58
N THR A 375 35.85 24.54 -34.29
CA THR A 375 37.25 24.73 -33.82
C THR A 375 38.05 23.46 -34.12
N PRO A 376 39.38 23.55 -34.41
CA PRO A 376 40.20 22.36 -34.63
C PRO A 376 40.17 21.32 -33.50
N LYS A 377 40.10 21.76 -32.23
CA LYS A 377 39.95 20.84 -31.07
C LYS A 377 38.71 19.96 -31.29
N VAL A 378 37.57 20.58 -31.56
CA VAL A 378 36.27 19.88 -31.74
C VAL A 378 36.36 19.00 -32.98
N GLN A 379 37.00 19.49 -34.05
CA GLN A 379 37.14 18.73 -35.31
C GLN A 379 37.91 17.44 -35.04
N ARG A 380 39.04 17.54 -34.35
CA ARG A 380 39.91 16.37 -34.04
C ARG A 380 39.12 15.39 -33.19
N PHE A 381 38.35 15.88 -32.22
CA PHE A 381 37.53 15.04 -31.31
C PHE A 381 36.46 14.30 -32.11
N LEU A 382 35.79 15.00 -33.03
CA LEU A 382 34.72 14.38 -33.88
C LEU A 382 35.36 13.35 -34.81
N MET A 383 36.51 13.66 -35.39
CA MET A 383 37.23 12.70 -36.27
C MET A 383 37.66 11.48 -35.44
N SER A 384 38.17 11.72 -34.23
CA SER A 384 38.61 10.62 -33.32
C SER A 384 37.42 9.73 -32.97
N LEU A 385 36.26 10.34 -32.69
CA LEU A 385 35.02 9.62 -32.31
C LEU A 385 34.65 8.66 -33.44
N LYS A 386 34.75 9.11 -34.68
CA LYS A 386 34.33 8.31 -35.86
C LYS A 386 35.24 7.09 -36.01
N VAL A 387 36.56 7.28 -35.93
CA VAL A 387 37.54 6.18 -36.14
C VAL A 387 37.36 5.16 -35.01
N SER A 388 37.25 5.62 -33.77
CA SER A 388 37.21 4.74 -32.58
C SER A 388 35.92 3.91 -32.52
N PHE A 389 34.76 4.47 -32.88
CA PHE A 389 33.48 3.75 -32.66
C PHE A 389 32.78 3.49 -33.99
N ALA A 390 33.52 3.17 -35.06
CA ALA A 390 32.91 3.02 -36.40
C ALA A 390 32.23 1.65 -36.56
N ASP A 391 30.90 1.59 -36.45
CA ASP A 391 30.07 0.38 -36.71
C ASP A 391 30.40 -0.73 -35.71
N LYS A 392 31.03 -0.41 -34.58
CA LYS A 392 31.29 -1.40 -33.52
C LYS A 392 29.95 -1.67 -32.83
N ASP A 393 29.79 -2.85 -32.22
CA ASP A 393 28.50 -3.20 -31.58
C ASP A 393 28.20 -2.17 -30.52
N PRO A 394 26.94 -1.68 -30.39
CA PRO A 394 26.62 -0.63 -29.43
C PRO A 394 26.88 -1.04 -27.97
N LYS A 395 26.61 -2.29 -27.61
CA LYS A 395 26.76 -2.79 -26.22
C LYS A 395 28.24 -2.87 -25.85
N ASP A 396 29.14 -2.70 -26.82
CA ASP A 396 30.61 -2.78 -26.60
C ASP A 396 31.17 -1.44 -26.14
N ILE A 397 30.76 -0.32 -26.72
CA ILE A 397 31.42 1.00 -26.45
C ILE A 397 30.83 1.64 -25.19
N CYS A 398 31.70 2.01 -24.25
CA CYS A 398 31.39 2.81 -23.04
C CYS A 398 32.51 3.83 -22.95
N CYS A 399 32.25 5.10 -23.19
CA CYS A 399 33.36 6.10 -23.15
C CYS A 399 32.86 7.36 -22.44
N LEU A 400 33.77 8.07 -21.78
CA LEU A 400 33.42 9.30 -21.04
C LEU A 400 34.21 10.46 -21.64
N VAL A 401 33.57 11.58 -21.98
CA VAL A 401 34.26 12.78 -22.49
C VAL A 401 34.23 13.83 -21.38
N PHE A 402 35.37 14.35 -20.96
CA PHE A 402 35.42 15.29 -19.81
C PHE A 402 35.63 16.73 -20.31
N VAL A 403 34.75 17.64 -19.92
CA VAL A 403 34.89 19.08 -20.24
C VAL A 403 35.05 19.83 -18.92
N GLU A 404 35.59 21.06 -18.93
CA GLU A 404 35.82 21.82 -17.68
C GLU A 404 34.54 22.49 -17.17
N ARG A 405 33.82 23.22 -18.01
CA ARG A 405 32.68 24.06 -17.51
C ARG A 405 31.37 23.27 -17.61
N ARG A 406 30.38 23.67 -16.82
CA ARG A 406 29.07 22.98 -16.75
C ARG A 406 28.24 23.30 -18.01
N TYR A 407 28.30 24.52 -18.56
CA TYR A 407 27.48 24.84 -19.77
C TYR A 407 28.12 24.28 -21.04
N THR A 408 29.42 24.05 -20.99
CA THR A 408 30.11 23.43 -22.14
C THR A 408 29.43 22.09 -22.34
N CYS A 409 29.04 21.40 -21.27
CA CYS A 409 28.42 20.06 -21.40
C CYS A 409 27.23 20.18 -22.33
N LYS A 410 26.33 21.11 -22.07
CA LYS A 410 25.08 21.26 -22.86
C LYS A 410 25.46 21.59 -24.31
N CYS A 411 26.38 22.53 -24.54
CA CYS A 411 26.69 22.92 -25.94
C CYS A 411 27.38 21.78 -26.70
N ILE A 412 28.18 20.94 -26.04
CA ILE A 412 28.85 19.78 -26.70
C ILE A 412 27.82 18.69 -26.91
N TYR A 413 26.89 18.47 -25.97
CA TYR A 413 25.87 17.42 -26.09
C TYR A 413 25.04 17.74 -27.32
N GLY A 414 24.63 18.99 -27.48
CA GLY A 414 23.87 19.34 -28.69
C GLY A 414 24.67 19.01 -29.94
N LEU A 415 25.92 19.46 -29.99
CA LEU A 415 26.75 19.27 -31.21
C LEU A 415 26.84 17.77 -31.49
N LEU A 416 27.08 16.97 -30.45
CA LEU A 416 27.30 15.52 -30.64
C LEU A 416 26.01 14.88 -31.13
N LEU A 417 24.87 15.21 -30.53
CA LEU A 417 23.61 14.57 -30.94
C LEU A 417 23.41 14.90 -32.41
N ASN A 418 23.58 16.16 -32.82
CA ASN A 418 23.28 16.48 -34.24
C ASN A 418 24.29 15.78 -35.16
N TYR A 419 25.56 15.75 -34.78
CA TYR A 419 26.60 15.11 -35.64
C TYR A 419 26.24 13.64 -35.81
N ILE A 420 25.83 12.99 -34.72
CA ILE A 420 25.50 11.54 -34.72
C ILE A 420 24.26 11.35 -35.61
N GLN A 421 23.22 12.17 -35.47
CA GLN A 421 22.05 11.95 -36.34
C GLN A 421 22.52 12.02 -37.78
N SER A 422 23.42 12.96 -38.06
CA SER A 422 23.89 13.21 -39.45
C SER A 422 24.74 12.05 -40.00
N THR A 423 25.65 11.46 -39.25
CA THR A 423 26.62 10.52 -39.87
C THR A 423 26.07 9.10 -40.06
N PRO A 424 25.63 8.64 -41.24
CA PRO A 424 24.94 7.36 -41.26
C PRO A 424 25.85 6.21 -40.81
N GLU A 425 27.11 6.47 -40.48
CA GLU A 425 27.99 5.41 -39.93
C GLU A 425 27.90 5.39 -38.41
N LEU A 426 28.00 6.56 -37.77
CA LEU A 426 28.07 6.71 -36.30
C LEU A 426 26.65 6.89 -35.78
N ARG A 427 25.66 6.82 -36.66
CA ARG A 427 24.28 6.78 -36.17
C ARG A 427 24.06 5.35 -35.74
N ASN A 428 23.06 5.14 -34.89
CA ASN A 428 22.69 3.77 -34.46
C ASN A 428 23.96 3.06 -33.97
N VAL A 429 24.94 3.83 -33.50
CA VAL A 429 26.19 3.28 -32.92
C VAL A 429 26.45 3.94 -31.57
N LEU A 430 26.22 5.25 -31.43
CA LEU A 430 26.52 5.99 -30.19
C LEU A 430 25.27 6.74 -29.74
N THR A 431 25.02 6.80 -28.44
CA THR A 431 23.91 7.64 -27.90
C THR A 431 24.53 8.64 -26.94
N PRO A 432 24.48 9.96 -27.23
CA PRO A 432 25.07 10.96 -26.35
C PRO A 432 24.25 11.16 -25.06
N GLN A 433 24.91 11.58 -23.97
CA GLN A 433 24.23 11.94 -22.70
C GLN A 433 25.20 12.81 -21.89
N PHE A 434 24.70 13.74 -21.09
CA PHE A 434 25.58 14.67 -20.32
C PHE A 434 25.25 14.64 -18.83
N MET A 435 26.23 15.00 -18.00
CA MET A 435 26.05 15.14 -16.53
C MET A 435 26.93 16.29 -16.04
N VAL A 436 26.57 16.89 -14.92
CA VAL A 436 27.36 17.99 -14.29
C VAL A 436 27.82 17.50 -12.92
N GLY A 437 29.15 17.40 -12.72
CA GLY A 437 29.78 17.08 -11.42
C GLY A 437 30.01 18.31 -10.57
N SER A 447 14.91 22.98 -9.71
CA SER A 447 16.01 22.17 -9.10
C SER A 447 15.58 20.76 -8.68
N VAL A 448 14.53 20.54 -7.89
CA VAL A 448 14.07 19.14 -7.66
C VAL A 448 14.18 18.41 -9.00
N LEU A 449 13.66 19.05 -10.05
CA LEU A 449 13.61 18.47 -11.42
C LEU A 449 15.02 18.28 -11.96
N GLU A 450 15.92 19.24 -11.76
CA GLU A 450 17.30 19.16 -12.30
C GLU A 450 17.99 17.93 -11.69
N ARG A 451 17.88 17.75 -10.37
CA ARG A 451 18.49 16.59 -9.66
C ARG A 451 17.84 15.31 -10.18
N LYS A 452 16.51 15.30 -10.33
CA LYS A 452 15.76 14.11 -10.80
C LYS A 452 16.21 13.74 -12.22
N TRP A 453 16.37 14.73 -13.09
CA TRP A 453 16.75 14.47 -14.52
C TRP A 453 18.21 14.02 -14.62
N GLN A 454 19.10 14.54 -13.78
CA GLN A 454 20.51 14.08 -13.79
C GLN A 454 20.56 12.63 -13.33
N LYS A 455 19.82 12.28 -12.27
CA LYS A 455 19.83 10.90 -11.72
C LYS A 455 19.42 9.95 -12.84
N SER A 456 18.38 10.33 -13.59
CA SER A 456 17.87 9.53 -14.73
C SER A 456 18.97 9.36 -15.79
N ALA A 457 19.72 10.41 -16.09
CA ALA A 457 20.76 10.42 -17.14
C ALA A 457 21.91 9.48 -16.74
N ILE A 458 22.28 9.47 -15.47
CA ILE A 458 23.38 8.59 -14.98
C ILE A 458 22.87 7.13 -15.04
N GLN A 459 21.62 6.89 -14.64
CA GLN A 459 21.09 5.51 -14.62
C GLN A 459 21.00 5.00 -16.07
N GLN A 460 20.74 5.89 -17.02
CA GLN A 460 20.73 5.52 -18.45
C GLN A 460 22.10 4.95 -18.84
N PHE A 461 23.18 5.60 -18.41
CA PHE A 461 24.55 5.19 -18.79
C PHE A 461 24.90 3.84 -18.16
N ARG A 462 24.56 3.65 -16.88
CA ARG A 462 24.95 2.43 -16.13
C ARG A 462 24.29 1.20 -16.76
N ASP A 463 23.02 1.31 -17.19
CA ASP A 463 22.29 0.15 -17.75
C ASP A 463 22.63 -0.03 -19.24
N GLY A 464 23.43 0.85 -19.83
CA GLY A 464 23.92 0.72 -21.21
C GLY A 464 22.99 1.35 -22.25
N ASN A 465 21.92 2.04 -21.85
CA ASN A 465 21.06 2.76 -22.83
C ASN A 465 21.86 3.90 -23.48
N ALA A 466 22.74 4.58 -22.72
CA ALA A 466 23.56 5.71 -23.25
C ALA A 466 25.04 5.31 -23.29
N ASN A 467 25.62 5.22 -24.48
CA ASN A 467 27.03 4.77 -24.68
C ASN A 467 28.05 5.81 -24.23
N LEU A 468 27.82 7.11 -24.48
CA LEU A 468 28.81 8.18 -24.21
C LEU A 468 28.30 9.12 -23.12
N MET A 469 29.17 9.55 -22.19
CA MET A 469 28.78 10.54 -21.15
C MET A 469 29.70 11.76 -21.27
N ILE A 470 29.13 12.96 -21.42
CA ILE A 470 29.92 14.23 -21.42
C ILE A 470 29.88 14.75 -20.00
N CYS A 471 30.94 14.59 -19.22
CA CYS A 471 30.94 14.96 -17.80
C CYS A 471 31.70 16.27 -17.58
N SER A 472 31.18 17.13 -16.70
CA SER A 472 31.90 18.36 -16.29
C SER A 472 33.11 17.91 -15.47
N SER A 473 34.19 18.68 -15.49
CA SER A 473 35.43 18.35 -14.74
C SER A 473 35.09 17.84 -13.34
N VAL A 474 35.86 16.88 -12.83
CA VAL A 474 35.63 16.15 -11.55
C VAL A 474 35.54 17.12 -10.36
N LEU A 475 36.47 18.09 -10.29
CA LEU A 475 36.56 19.07 -9.17
C LEU A 475 36.77 18.31 -7.84
N GLU A 476 35.95 18.56 -6.83
CA GLU A 476 36.13 18.01 -5.46
C GLU A 476 35.87 16.50 -5.43
N GLU A 477 34.89 15.97 -6.17
CA GLU A 477 34.48 14.55 -5.99
C GLU A 477 34.52 13.79 -7.31
N GLY A 478 34.71 12.47 -7.25
CA GLY A 478 34.83 11.58 -8.42
C GLY A 478 33.50 11.38 -9.14
N ILE A 479 33.50 10.58 -10.20
CA ILE A 479 32.31 10.33 -11.04
C ILE A 479 31.82 8.91 -10.80
N ASP A 480 30.52 8.75 -10.54
CA ASP A 480 29.90 7.42 -10.27
C ASP A 480 29.46 6.82 -11.61
N VAL A 481 30.40 6.26 -12.36
CA VAL A 481 30.13 5.62 -13.68
C VAL A 481 31.04 4.39 -13.78
N GLN A 482 30.59 3.33 -14.48
CA GLN A 482 31.35 2.07 -14.59
C GLN A 482 32.62 2.31 -15.42
N ALA A 483 33.56 1.37 -15.40
CA ALA A 483 34.84 1.49 -16.15
C ALA A 483 34.52 1.76 -17.61
N CYS A 484 35.13 2.79 -18.21
CA CYS A 484 34.84 3.17 -19.61
C CYS A 484 35.96 2.67 -20.51
N ASN A 485 35.61 2.06 -21.64
CA ASN A 485 36.59 1.54 -22.62
C ASN A 485 37.41 2.70 -23.21
N HIS A 486 36.85 3.90 -23.32
CA HIS A 486 37.57 5.06 -23.91
C HIS A 486 37.32 6.32 -23.09
N VAL A 487 38.34 6.95 -22.52
CA VAL A 487 38.14 8.25 -21.83
C VAL A 487 38.82 9.33 -22.66
N PHE A 488 38.09 10.37 -23.09
CA PHE A 488 38.61 11.45 -23.96
C PHE A 488 38.48 12.79 -23.24
N ILE A 489 39.56 13.32 -22.68
CA ILE A 489 39.48 14.62 -21.94
C ILE A 489 39.47 15.76 -22.98
N LEU A 490 38.29 16.26 -23.35
CA LEU A 490 38.18 17.33 -24.40
C LEU A 490 38.91 18.61 -23.92
N ASP A 491 38.67 19.09 -22.71
CA ASP A 491 39.24 20.37 -22.21
C ASP A 491 40.55 20.15 -21.41
N PRO A 492 41.64 20.90 -21.70
CA PRO A 492 42.92 20.75 -21.01
C PRO A 492 42.80 20.54 -19.49
N VAL A 493 43.49 19.53 -18.97
CA VAL A 493 43.47 19.22 -17.51
C VAL A 493 44.14 20.35 -16.74
N LYS A 494 43.62 20.69 -15.57
CA LYS A 494 44.14 21.81 -14.75
C LYS A 494 44.42 21.38 -13.31
N THR A 495 44.01 20.18 -12.91
CA THR A 495 44.15 19.73 -11.50
C THR A 495 44.72 18.31 -11.47
N PHE A 496 45.38 17.96 -10.37
CA PHE A 496 45.91 16.60 -10.16
C PHE A 496 44.74 15.64 -9.91
N ASN A 497 43.76 16.09 -9.13
CA ASN A 497 42.57 15.28 -8.83
C ASN A 497 41.86 14.94 -10.13
N MET A 498 41.75 15.92 -11.03
CA MET A 498 41.07 15.69 -12.32
C MET A 498 41.80 14.56 -13.05
N TYR A 499 43.13 14.62 -13.10
CA TYR A 499 43.91 13.60 -13.85
C TYR A 499 43.70 12.23 -13.22
N VAL A 500 43.83 12.15 -11.90
CA VAL A 500 43.75 10.83 -11.18
C VAL A 500 42.33 10.29 -11.36
N GLN A 501 41.31 11.11 -11.11
CA GLN A 501 39.91 10.64 -11.15
C GLN A 501 39.55 10.21 -12.57
N SER A 502 39.90 11.01 -13.57
CA SER A 502 39.56 10.70 -14.99
C SER A 502 40.28 9.42 -15.42
N LYS A 503 41.57 9.31 -15.11
CA LYS A 503 42.36 8.15 -15.55
C LYS A 503 41.81 6.91 -14.86
N GLY A 504 41.43 7.04 -13.59
CA GLY A 504 40.95 5.90 -12.80
C GLY A 504 39.66 5.34 -13.36
N ARG A 505 38.98 6.08 -14.24
CA ARG A 505 37.73 5.55 -14.87
C ARG A 505 38.07 4.64 -16.06
N ALA A 506 39.26 4.77 -16.64
CA ALA A 506 39.70 3.82 -17.69
C ALA A 506 40.36 2.63 -17.01
N ARG A 507 39.58 1.78 -16.36
CA ARG A 507 40.15 0.70 -15.51
C ARG A 507 40.80 -0.39 -16.36
N THR A 508 40.14 -0.83 -17.43
CA THR A 508 40.65 -1.95 -18.25
C THR A 508 41.99 -1.56 -18.88
N THR A 509 42.90 -2.51 -18.97
CA THR A 509 44.25 -2.28 -19.55
C THR A 509 44.13 -1.97 -21.04
N GLU A 510 43.08 -2.47 -21.69
CA GLU A 510 42.87 -2.23 -23.14
C GLU A 510 42.25 -0.84 -23.39
N ALA A 511 41.73 -0.19 -22.34
CA ALA A 511 41.04 1.11 -22.51
C ALA A 511 42.02 2.17 -23.00
N LYS A 512 41.55 3.04 -23.87
CA LYS A 512 42.36 4.14 -24.42
C LYS A 512 42.01 5.43 -23.67
N PHE A 513 43.01 6.08 -23.08
CA PHE A 513 42.88 7.39 -22.40
C PHE A 513 43.46 8.46 -23.31
N VAL A 514 42.66 9.09 -24.15
CA VAL A 514 43.11 10.11 -25.13
C VAL A 514 42.86 11.44 -24.45
N LEU A 515 43.84 12.34 -24.51
CA LEU A 515 43.67 13.73 -24.03
C LEU A 515 44.07 14.65 -25.18
N PHE A 516 43.19 15.57 -25.56
CA PHE A 516 43.34 16.46 -26.73
C PHE A 516 44.06 17.72 -26.26
N THR A 517 45.18 18.10 -26.89
CA THR A 517 45.96 19.27 -26.44
C THR A 517 46.41 20.16 -27.59
N ALA A 518 46.70 21.42 -27.32
CA ALA A 518 47.19 22.38 -28.32
C ALA A 518 48.64 22.04 -28.69
N ASP A 519 49.03 22.31 -29.94
CA ASP A 519 50.43 22.11 -30.40
C ASP A 519 51.37 22.99 -29.58
N LYS A 520 50.96 24.22 -29.29
CA LYS A 520 51.75 25.21 -28.52
C LYS A 520 51.96 24.74 -27.08
N GLU A 521 50.95 24.12 -26.48
CA GLU A 521 51.01 23.64 -25.08
C GLU A 521 51.48 22.18 -25.03
N ARG A 522 51.73 21.54 -26.17
CA ARG A 522 52.09 20.11 -26.19
C ARG A 522 53.25 19.87 -25.21
N GLU A 523 54.36 20.59 -25.35
CA GLU A 523 55.55 20.37 -24.49
C GLU A 523 55.19 20.61 -23.02
N LYS A 524 54.39 21.63 -22.72
CA LYS A 524 54.10 22.01 -21.32
C LYS A 524 53.22 20.93 -20.67
N THR A 525 52.18 20.47 -21.37
CA THR A 525 51.21 19.47 -20.85
C THR A 525 51.92 18.14 -20.57
N ILE A 526 52.82 17.72 -21.45
CA ILE A 526 53.61 16.47 -21.23
C ILE A 526 54.20 16.51 -19.82
N GLN A 527 54.84 17.62 -19.46
CA GLN A 527 55.52 17.73 -18.14
C GLN A 527 54.47 17.62 -17.02
N GLN A 528 53.33 18.31 -17.15
CA GLN A 528 52.29 18.34 -16.09
C GLN A 528 51.78 16.91 -15.88
N ILE A 529 51.46 16.22 -16.97
CA ILE A 529 50.95 14.81 -16.93
C ILE A 529 52.02 13.91 -16.31
N TYR A 530 53.28 14.06 -16.74
CA TYR A 530 54.40 13.22 -16.25
C TYR A 530 54.62 13.45 -14.76
N GLN A 531 54.55 14.71 -14.32
CA GLN A 531 54.71 15.05 -12.88
C GLN A 531 53.54 14.45 -12.08
N TYR A 532 52.32 14.49 -12.61
CA TYR A 532 51.14 13.89 -11.95
C TYR A 532 51.34 12.38 -11.81
N ARG A 533 51.86 11.72 -12.85
CA ARG A 533 52.13 10.26 -12.83
C ARG A 533 53.16 9.93 -11.75
N LYS A 534 54.26 10.68 -11.74
CA LYS A 534 55.34 10.47 -10.75
C LYS A 534 54.71 10.69 -9.38
N ALA A 535 53.92 11.75 -9.24
CA ALA A 535 53.22 12.07 -7.98
C ALA A 535 52.28 10.93 -7.60
N HIS A 536 51.45 10.47 -8.52
CA HIS A 536 50.45 9.40 -8.24
C HIS A 536 51.18 8.16 -7.72
N ASN A 537 52.26 7.77 -8.37
CA ASN A 537 53.04 6.57 -7.95
C ASN A 537 53.58 6.79 -6.53
N ASP A 538 54.00 8.01 -6.19
CA ASP A 538 54.52 8.33 -4.84
C ASP A 538 53.40 8.22 -3.81
N ILE A 539 52.20 8.71 -4.11
CA ILE A 539 51.04 8.58 -3.16
C ILE A 539 50.79 7.09 -2.95
N ALA A 540 50.85 6.31 -4.03
CA ALA A 540 50.57 4.87 -3.97
C ALA A 540 51.54 4.19 -3.00
N GLU A 541 52.83 4.52 -3.07
CA GLU A 541 53.85 3.89 -2.20
C GLU A 541 53.58 4.23 -0.75
N TYR A 542 53.26 5.49 -0.46
CA TYR A 542 53.01 5.95 0.93
C TYR A 542 51.77 5.24 1.49
N LEU A 543 50.72 5.11 0.68
CA LEU A 543 49.43 4.54 1.17
C LEU A 543 49.47 3.01 1.18
N LYS A 544 50.48 2.39 0.59
CA LYS A 544 50.55 0.90 0.54
C LYS A 544 50.59 0.33 1.96
N ASP A 545 51.29 1.01 2.88
CA ASP A 545 51.44 0.54 4.28
C ASP A 545 50.49 1.32 5.17
N ARG A 546 49.41 1.87 4.60
CA ARG A 546 48.36 2.56 5.36
C ARG A 546 47.02 1.91 5.03
N VAL A 547 47.06 0.79 4.31
CA VAL A 547 45.85 0.07 3.87
C VAL A 547 45.23 -0.60 5.09
N LEU A 548 43.91 -0.53 5.23
CA LEU A 548 43.15 -1.23 6.31
C LEU A 548 43.17 -2.71 5.98
N GLU A 549 44.12 -3.45 6.58
CA GLU A 549 44.25 -4.92 6.42
C GLU A 549 45.07 -5.48 7.59
N ASP A 565 47.85 -29.85 17.68
CA ASP A 565 48.00 -28.81 18.72
C ASP A 565 46.81 -28.87 19.68
N ILE A 566 45.64 -28.41 19.24
CA ILE A 566 44.41 -28.35 20.08
C ILE A 566 43.75 -29.74 20.03
N ASP A 567 43.44 -30.30 21.19
CA ASP A 567 42.79 -31.64 21.29
C ASP A 567 41.35 -31.56 20.79
N PRO A 568 40.89 -32.39 19.81
CA PRO A 568 39.49 -32.34 19.38
C PRO A 568 38.50 -32.86 20.44
N PHE A 569 37.28 -32.32 20.46
CA PHE A 569 36.22 -32.74 21.42
C PHE A 569 35.55 -33.99 20.87
N THR A 570 35.42 -35.02 21.69
CA THR A 570 34.72 -36.27 21.27
C THR A 570 33.35 -36.29 21.96
N ASN A 571 32.27 -36.40 21.17
CA ASN A 571 30.87 -36.46 21.67
C ASN A 571 30.69 -37.77 22.45
N GLU A 572 29.73 -37.83 23.39
CA GLU A 572 29.46 -39.08 24.17
C GLU A 572 29.11 -40.19 23.18
N ASN A 573 28.26 -39.92 22.20
CA ASN A 573 28.08 -40.85 21.06
C ASN A 573 29.28 -40.55 20.17
N GLY A 574 30.05 -41.55 19.75
CA GLY A 574 31.31 -41.28 19.01
C GLY A 574 31.12 -40.21 17.93
N ALA A 575 31.84 -39.08 18.02
CA ALA A 575 31.86 -38.01 17.00
C ALA A 575 33.09 -37.13 17.23
N VAL A 576 33.46 -36.30 16.25
CA VAL A 576 34.70 -35.49 16.32
C VAL A 576 34.33 -34.04 16.00
N LEU A 577 34.89 -33.10 16.75
CA LEU A 577 34.74 -31.64 16.55
C LEU A 577 36.16 -31.12 16.49
N LEU A 578 36.81 -31.17 15.33
CA LEU A 578 38.14 -30.57 15.18
C LEU A 578 37.95 -29.07 15.31
N PRO A 579 38.90 -28.33 15.89
CA PRO A 579 38.80 -26.89 16.12
C PRO A 579 38.66 -26.01 14.87
N ASN A 580 39.41 -26.35 13.82
CA ASN A 580 39.44 -25.61 12.54
C ASN A 580 38.05 -25.56 11.94
N ASN A 581 37.37 -26.72 11.96
CA ASN A 581 35.98 -26.81 11.47
C ASN A 581 35.12 -25.88 12.32
N ALA A 582 35.54 -25.59 13.55
CA ALA A 582 34.68 -24.83 14.49
C ALA A 582 34.45 -23.39 14.01
N LEU A 583 35.41 -22.75 13.36
CA LEU A 583 35.12 -21.36 12.89
C LEU A 583 33.98 -21.43 11.88
N ALA A 584 34.02 -22.40 10.97
CA ALA A 584 32.96 -22.61 9.97
C ALA A 584 31.66 -22.99 10.69
N ILE A 585 31.74 -23.84 11.71
CA ILE A 585 30.52 -24.33 12.41
C ILE A 585 29.82 -23.12 13.05
N LEU A 586 30.57 -22.21 13.67
CA LEU A 586 29.99 -21.00 14.31
C LEU A 586 29.34 -20.10 13.25
N HIS A 587 29.94 -19.96 12.09
CA HIS A 587 29.39 -19.12 11.00
C HIS A 587 28.07 -19.74 10.50
N ARG A 588 28.01 -21.07 10.38
CA ARG A 588 26.76 -21.75 9.93
C ARG A 588 25.67 -21.55 10.99
N TYR A 589 26.02 -21.62 12.27
CA TYR A 589 25.02 -21.46 13.36
C TYR A 589 24.44 -20.05 13.28
N CYS A 590 25.27 -19.07 13.00
CA CYS A 590 24.82 -17.65 12.90
C CYS A 590 23.82 -17.52 11.76
N GLN A 591 24.01 -18.27 10.68
CA GLN A 591 23.09 -18.22 9.51
C GLN A 591 21.70 -18.70 9.92
N THR A 592 21.61 -19.72 10.77
CA THR A 592 20.31 -20.31 11.19
C THR A 592 19.50 -19.30 12.01
N ILE A 593 20.14 -18.48 12.85
CA ILE A 593 19.41 -17.56 13.78
C ILE A 593 18.48 -16.65 12.96
N PRO A 594 17.30 -16.22 13.49
CA PRO A 594 16.41 -15.31 12.77
C PRO A 594 17.18 -14.07 12.30
N THR A 595 17.17 -13.81 11.00
CA THR A 595 17.95 -12.69 10.40
C THR A 595 17.07 -11.95 9.38
N ASP A 596 17.29 -10.65 9.25
CA ASP A 596 16.57 -9.81 8.27
C ASP A 596 17.25 -9.94 6.91
N ALA A 597 16.69 -9.28 5.89
CA ALA A 597 17.27 -9.23 4.52
C ALA A 597 18.66 -8.58 4.55
N PHE A 598 18.84 -7.53 5.34
CA PHE A 598 20.07 -6.69 5.30
C PHE A 598 21.31 -7.57 5.42
N GLY A 599 21.28 -8.68 6.16
CA GLY A 599 22.41 -9.64 6.16
C GLY A 599 22.51 -10.45 7.43
N PHE A 600 23.45 -11.41 7.45
CA PHE A 600 23.72 -12.28 8.62
C PHE A 600 24.67 -11.54 9.55
N VAL A 601 24.62 -11.82 10.84
CA VAL A 601 25.57 -11.23 11.82
C VAL A 601 26.58 -12.30 12.24
N ILE A 602 27.85 -12.13 11.85
CA ILE A 602 28.94 -13.09 12.21
C ILE A 602 29.46 -12.71 13.60
N PRO A 603 30.08 -13.64 14.37
CA PRO A 603 30.67 -13.29 15.67
C PRO A 603 31.82 -12.28 15.56
N TRP A 604 32.02 -11.49 16.62
CA TRP A 604 33.04 -10.41 16.65
C TRP A 604 34.23 -10.87 17.50
N PHE A 605 35.42 -10.93 16.92
CA PHE A 605 36.66 -11.31 17.65
C PHE A 605 37.39 -10.04 18.09
N HIS A 606 37.91 -10.01 19.31
CA HIS A 606 38.69 -8.86 19.86
C HIS A 606 39.90 -9.39 20.62
N VAL A 607 41.11 -9.04 20.17
CA VAL A 607 42.38 -9.42 20.86
C VAL A 607 42.41 -8.68 22.19
N LEU A 608 42.45 -9.39 23.31
CA LEU A 608 42.43 -8.74 24.64
C LEU A 608 43.63 -7.80 24.75
N GLN A 609 43.43 -6.59 25.25
CA GLN A 609 44.55 -5.63 25.46
C GLN A 609 45.43 -6.20 26.57
N GLU A 610 46.71 -5.85 26.59
CA GLU A 610 47.66 -6.42 27.58
C GLU A 610 47.12 -6.08 28.97
N ASP A 611 46.65 -4.85 29.17
CA ASP A 611 46.07 -4.40 30.46
C ASP A 611 44.81 -5.22 30.77
N GLU A 612 43.97 -5.49 29.76
CA GLU A 612 42.74 -6.30 29.96
C GLU A 612 43.14 -7.71 30.37
N ARG A 613 44.19 -8.25 29.75
CA ARG A 613 44.63 -9.63 30.06
C ARG A 613 44.80 -9.77 31.58
N ASP A 614 45.11 -8.69 32.28
CA ASP A 614 45.40 -8.76 33.74
C ASP A 614 44.18 -9.28 34.50
N ARG A 615 43.01 -8.73 34.23
CA ARG A 615 41.78 -9.12 34.99
C ARG A 615 41.41 -10.58 34.69
N ILE A 616 41.44 -10.97 33.43
CA ILE A 616 40.96 -12.33 33.01
C ILE A 616 41.95 -13.38 33.50
N PHE A 617 43.26 -13.15 33.35
CA PHE A 617 44.28 -14.18 33.70
C PHE A 617 45.49 -13.50 34.34
N GLY A 618 46.29 -14.26 35.09
CA GLY A 618 47.49 -13.74 35.78
C GLY A 618 48.77 -14.18 35.10
N VAL A 619 49.44 -15.18 35.68
CA VAL A 619 50.74 -15.68 35.19
C VAL A 619 50.58 -16.28 33.78
N SER A 620 49.49 -17.00 33.53
CA SER A 620 49.28 -17.71 32.24
C SER A 620 49.24 -16.72 31.08
N ALA A 621 48.60 -15.57 31.26
CA ALA A 621 48.43 -14.58 30.17
C ALA A 621 49.77 -13.91 29.85
N LYS A 622 50.87 -14.32 30.47
CA LYS A 622 52.19 -13.73 30.10
C LYS A 622 52.82 -14.55 28.97
N GLY A 623 53.34 -13.86 27.96
CA GLY A 623 54.04 -14.46 26.80
C GLY A 623 53.08 -15.12 25.82
N LYS A 624 51.78 -14.88 25.97
CA LYS A 624 50.74 -15.50 25.10
C LYS A 624 49.67 -14.45 24.75
N HIS A 625 48.87 -14.69 23.73
CA HIS A 625 47.74 -13.78 23.38
C HIS A 625 46.41 -14.46 23.72
N VAL A 626 45.32 -13.70 23.82
CA VAL A 626 43.96 -14.25 24.08
C VAL A 626 42.95 -13.51 23.19
N ILE A 627 42.05 -14.24 22.53
CA ILE A 627 40.98 -13.63 21.69
C ILE A 627 39.63 -13.90 22.35
N SER A 628 38.83 -12.86 22.52
CA SER A 628 37.45 -13.02 23.01
C SER A 628 36.51 -13.16 21.82
N ILE A 629 35.60 -14.13 21.82
CA ILE A 629 34.56 -14.24 20.76
C ILE A 629 33.21 -13.83 21.34
N ASN A 630 32.58 -12.83 20.77
CA ASN A 630 31.23 -12.37 21.17
C ASN A 630 30.27 -12.80 20.07
N MET A 631 29.33 -13.68 20.37
CA MET A 631 28.35 -14.18 19.39
C MET A 631 27.28 -13.11 19.19
N PRO A 632 26.46 -13.17 18.12
CA PRO A 632 25.36 -12.23 17.93
C PRO A 632 24.45 -12.21 19.15
N VAL A 633 23.87 -11.05 19.47
CA VAL A 633 23.07 -10.90 20.71
C VAL A 633 21.77 -11.73 20.63
N ASN A 634 21.42 -12.25 19.46
CA ASN A 634 20.24 -13.14 19.28
C ASN A 634 20.52 -14.52 19.86
N CYS A 635 21.76 -15.01 19.73
CA CYS A 635 22.13 -16.40 20.10
C CYS A 635 22.02 -16.66 21.62
N MET A 636 22.09 -17.94 22.01
CA MET A 636 22.05 -18.38 23.43
C MET A 636 23.30 -17.91 24.17
N LEU A 637 24.47 -18.03 23.54
CA LEU A 637 25.76 -17.63 24.13
C LEU A 637 25.85 -16.10 24.15
N ARG A 638 25.30 -15.46 25.17
CA ARG A 638 25.38 -13.98 25.32
C ARG A 638 26.60 -13.62 26.18
N ASP A 639 27.33 -14.62 26.68
CA ASP A 639 28.52 -14.42 27.54
C ASP A 639 29.78 -14.46 26.66
N THR A 640 30.70 -13.54 26.89
CA THR A 640 32.01 -13.51 26.17
C THR A 640 32.75 -14.81 26.47
N ILE A 641 33.34 -15.43 25.44
CA ILE A 641 34.11 -16.69 25.60
C ILE A 641 35.58 -16.37 25.34
N TYR A 642 36.35 -16.10 26.39
CA TYR A 642 37.81 -15.84 26.29
C TYR A 642 38.50 -17.15 25.96
N SER A 643 39.44 -17.14 25.03
CA SER A 643 40.13 -18.38 24.58
C SER A 643 41.20 -18.79 25.59
N ASP A 644 41.81 -19.96 25.38
CA ASP A 644 42.94 -20.44 26.22
C ASP A 644 44.16 -19.62 25.85
N PRO A 645 45.03 -19.15 26.79
CA PRO A 645 46.23 -18.41 26.43
C PRO A 645 47.15 -19.22 25.51
N MET A 646 47.41 -18.70 24.30
CA MET A 646 48.24 -19.42 23.29
C MET A 646 49.20 -18.45 22.59
N ASP A 647 50.33 -18.97 22.09
CA ASP A 647 51.45 -18.16 21.53
C ASP A 647 51.03 -17.45 20.24
N ASN A 648 50.36 -18.12 19.31
CA ASN A 648 50.06 -17.54 17.97
C ASN A 648 48.66 -16.93 17.99
N VAL A 649 48.51 -15.75 17.39
CA VAL A 649 47.18 -15.06 17.28
C VAL A 649 46.26 -15.95 16.44
N LYS A 650 46.80 -16.59 15.40
CA LYS A 650 46.00 -17.43 14.48
C LYS A 650 45.43 -18.61 15.27
N THR A 651 46.26 -19.28 16.08
CA THR A 651 45.82 -20.44 16.89
C THR A 651 44.84 -19.95 17.96
N ALA A 652 45.09 -18.76 18.53
CA ALA A 652 44.22 -18.21 19.60
C ALA A 652 42.81 -18.06 19.06
N LYS A 653 42.63 -17.83 17.75
CA LYS A 653 41.27 -17.79 17.15
C LYS A 653 40.71 -19.22 17.03
N ILE A 654 41.54 -20.19 16.68
CA ILE A 654 41.10 -21.61 16.53
C ILE A 654 40.66 -22.11 17.91
N SER A 655 41.18 -21.53 18.99
CA SER A 655 40.84 -21.94 20.37
C SER A 655 39.53 -21.30 20.79
N ALA A 656 39.36 -20.00 20.52
CA ALA A 656 38.15 -19.25 20.90
C ALA A 656 36.93 -19.88 20.21
N ALA A 657 37.07 -20.15 18.92
CA ALA A 657 35.99 -20.78 18.12
C ALA A 657 35.67 -22.16 18.68
N PHE A 658 36.69 -22.97 18.97
CA PHE A 658 36.52 -24.36 19.48
C PHE A 658 35.78 -24.31 20.82
N LYS A 659 36.20 -23.41 21.71
CA LYS A 659 35.61 -23.30 23.07
C LYS A 659 34.16 -22.86 22.95
N ALA A 660 33.87 -21.86 22.13
CA ALA A 660 32.49 -21.34 21.96
C ALA A 660 31.60 -22.44 21.38
N CYS A 661 32.12 -23.23 20.44
CA CYS A 661 31.35 -24.32 19.81
C CYS A 661 31.01 -25.38 20.87
N LYS A 662 31.95 -25.71 21.75
CA LYS A 662 31.74 -26.72 22.80
C LYS A 662 30.62 -26.23 23.74
N VAL A 663 30.64 -24.95 24.11
CA VAL A 663 29.62 -24.37 25.04
C VAL A 663 28.26 -24.48 24.35
N LEU A 664 28.20 -24.18 23.05
CA LEU A 664 26.93 -24.26 22.28
C LEU A 664 26.40 -25.69 22.31
N TYR A 665 27.26 -26.69 22.11
CA TYR A 665 26.84 -28.11 22.06
C TYR A 665 26.18 -28.51 23.39
N SER A 666 26.73 -28.06 24.51
CA SER A 666 26.16 -28.34 25.85
C SER A 666 24.74 -27.82 25.92
N LEU A 667 24.51 -26.62 25.39
CA LEU A 667 23.17 -25.99 25.35
C LEU A 667 22.32 -26.70 24.29
N GLY A 668 22.91 -27.55 23.45
CA GLY A 668 22.22 -28.16 22.31
C GLY A 668 22.62 -27.43 21.05
N GLU A 669 21.68 -26.95 20.25
CA GLU A 669 22.01 -26.04 19.11
C GLU A 669 22.96 -26.75 18.13
N LEU A 670 23.23 -28.04 18.32
CA LEU A 670 24.18 -28.83 17.48
C LEU A 670 23.71 -30.28 17.48
N ASN A 671 23.89 -30.97 16.35
CA ASN A 671 23.50 -32.40 16.20
C ASN A 671 24.62 -33.28 16.76
N GLU A 672 24.46 -34.60 16.70
CA GLU A 672 25.49 -35.57 17.14
C GLU A 672 26.77 -35.32 16.33
N ARG A 673 26.62 -35.00 15.05
CA ARG A 673 27.77 -34.77 14.12
C ARG A 673 28.22 -33.31 14.20
N PHE A 674 27.69 -32.52 15.15
CA PHE A 674 28.05 -31.10 15.36
C PHE A 674 27.66 -30.29 14.11
N VAL A 675 26.42 -30.43 13.66
CA VAL A 675 25.84 -29.67 12.52
C VAL A 675 24.74 -28.82 13.13
N PRO A 676 24.60 -27.52 12.76
CA PRO A 676 23.61 -26.66 13.42
C PRO A 676 22.19 -27.26 13.36
N LYS A 677 21.44 -27.19 14.48
CA LYS A 677 20.12 -27.87 14.59
C LYS A 677 19.09 -27.17 13.69
N THR A 678 18.46 -27.93 12.80
CA THR A 678 17.44 -27.42 11.83
C THR A 678 16.10 -27.24 12.55
N LEU A 679 15.19 -26.47 11.96
CA LEU A 679 13.87 -26.17 12.57
C LEU A 679 13.08 -27.47 12.73
N LYS A 680 13.17 -28.36 11.73
CA LYS A 680 12.43 -29.65 11.75
C LYS A 680 12.80 -30.44 13.00
N GLU A 681 14.10 -30.51 13.32
CA GLU A 681 14.59 -31.28 14.49
C GLU A 681 14.07 -30.62 15.76
N ARG A 682 14.03 -29.29 15.81
CA ARG A 682 13.56 -28.55 17.00
C ARG A 682 12.08 -28.86 17.24
N VAL A 683 11.28 -28.94 16.17
CA VAL A 683 9.81 -29.16 16.31
C VAL A 683 9.56 -30.63 16.65
N ALA A 684 10.27 -31.57 16.01
CA ALA A 684 10.15 -33.01 16.33
C ALA A 684 10.28 -33.22 17.85
N SER A 685 11.17 -32.47 18.49
CA SER A 685 11.37 -32.57 19.96
C SER A 685 10.11 -32.13 20.71
N ILE A 686 9.43 -31.10 20.25
CA ILE A 686 8.28 -30.57 21.02
C ILE A 686 7.05 -31.34 20.60
N ALA A 687 7.18 -32.28 19.67
CA ALA A 687 5.99 -32.95 19.09
C ALA A 687 5.23 -33.74 20.17
N ASP A 688 5.91 -34.57 20.93
CA ASP A 688 5.15 -35.43 21.89
C ASP A 688 4.57 -34.56 23.00
N VAL A 689 5.27 -33.53 23.44
CA VAL A 689 4.85 -32.69 24.59
C VAL A 689 3.52 -32.02 24.23
N HIS A 690 3.38 -31.53 23.01
CA HIS A 690 2.18 -30.72 22.65
C HIS A 690 1.29 -31.43 21.64
N PHE A 691 1.84 -31.96 20.55
CA PHE A 691 1.02 -32.50 19.44
C PHE A 691 0.92 -34.03 19.54
N GLU A 692 0.51 -34.54 20.70
CA GLU A 692 0.30 -36.00 20.88
C GLU A 692 -1.02 -36.44 20.25
N HIS A 693 -2.06 -35.62 20.39
CA HIS A 693 -3.42 -35.98 19.90
C HIS A 693 -3.43 -36.06 18.38
N TRP A 694 -2.40 -35.55 17.70
CA TRP A 694 -2.32 -35.64 16.23
C TRP A 694 -2.16 -37.10 15.79
N ASN A 695 -1.34 -37.88 16.50
CA ASN A 695 -0.99 -39.27 16.09
C ASN A 695 -2.24 -40.15 16.02
N LYS A 696 -3.20 -39.98 16.93
CA LYS A 696 -4.39 -40.86 16.97
C LYS A 696 -5.27 -40.60 15.73
N TYR A 697 -5.06 -39.51 15.01
CA TYR A 697 -5.84 -39.19 13.79
C TYR A 697 -4.99 -39.47 12.56
N GLY A 698 -4.03 -40.38 12.66
CA GLY A 698 -3.16 -40.75 11.52
C GLY A 698 -2.46 -39.57 10.91
N ASP A 699 -1.99 -38.62 11.73
CA ASP A 699 -1.22 -37.45 11.26
C ASP A 699 -0.08 -37.18 12.23
N SER A 700 0.99 -36.53 11.80
CA SER A 700 2.11 -36.15 12.70
C SER A 700 2.47 -34.69 12.43
N VAL A 701 2.83 -33.94 13.46
CA VAL A 701 3.30 -32.53 13.25
C VAL A 701 4.56 -32.60 12.39
N THR A 702 5.40 -33.61 12.59
CA THR A 702 6.58 -33.88 11.72
C THR A 702 6.01 -34.33 10.37
N ALA A 703 6.60 -33.88 9.26
CA ALA A 703 6.08 -34.15 7.90
C ALA A 703 4.60 -33.76 7.83
N LYS A 712 -8.75 -29.83 1.77
CA LYS A 712 -9.68 -31.00 1.76
C LYS A 712 -10.80 -30.78 2.80
N ASP A 713 -11.65 -31.78 3.02
CA ASP A 713 -12.79 -31.67 3.96
C ASP A 713 -13.06 -33.04 4.57
N ARG A 714 -13.78 -33.09 5.68
CA ARG A 714 -14.03 -34.37 6.39
C ARG A 714 -15.52 -34.51 6.64
N THR A 715 -15.99 -35.74 6.81
CA THR A 715 -17.41 -36.08 7.04
C THR A 715 -17.61 -36.35 8.53
N TYR A 716 -18.68 -35.82 9.10
CA TYR A 716 -18.96 -35.96 10.55
C TYR A 716 -20.42 -36.35 10.73
N LYS A 717 -20.66 -37.40 11.51
CA LYS A 717 -22.03 -37.81 11.89
C LYS A 717 -22.70 -36.66 12.65
N THR A 718 -24.02 -36.58 12.55
CA THR A 718 -24.81 -35.57 13.26
C THR A 718 -25.58 -36.23 14.38
N GLU A 719 -25.54 -35.63 15.57
CA GLU A 719 -26.25 -36.17 16.74
C GLU A 719 -27.18 -35.09 17.27
N CYS A 720 -28.45 -35.42 17.42
CA CYS A 720 -29.49 -34.47 17.89
C CYS A 720 -29.23 -34.12 19.34
N PRO A 721 -29.74 -32.98 19.84
CA PRO A 721 -29.62 -32.65 21.26
C PRO A 721 -30.16 -33.79 22.11
N LEU A 722 -29.60 -33.99 23.29
CA LEU A 722 -30.05 -35.07 24.22
C LEU A 722 -31.51 -34.85 24.59
N GLU A 723 -31.99 -33.60 24.56
CA GLU A 723 -33.40 -33.31 24.91
C GLU A 723 -34.32 -33.91 23.84
N PHE A 724 -33.86 -34.01 22.59
CA PHE A 724 -34.67 -34.51 21.46
C PHE A 724 -34.44 -36.00 21.28
N TYR A 725 -33.38 -36.55 21.87
CA TYR A 725 -33.08 -37.99 21.78
C TYR A 725 -33.98 -38.74 22.74
N ASP A 726 -34.61 -39.81 22.26
CA ASP A 726 -35.48 -40.69 23.08
C ASP A 726 -36.56 -39.84 23.74
N ALA A 727 -37.12 -38.90 22.99
CA ALA A 727 -38.12 -37.94 23.51
C ALA A 727 -39.53 -38.29 23.04
N LEU A 728 -39.72 -39.38 22.29
CA LEU A 728 -41.07 -39.73 21.78
C LEU A 728 -41.96 -40.06 22.97
N PRO A 729 -43.14 -39.41 23.12
CA PRO A 729 -43.99 -39.65 24.28
C PRO A 729 -44.38 -41.12 24.35
N ARG A 730 -44.59 -41.62 25.56
CA ARG A 730 -45.02 -43.01 25.84
C ARG A 730 -46.43 -42.97 26.44
N VAL A 731 -46.94 -44.11 26.87
CA VAL A 731 -48.33 -44.22 27.41
C VAL A 731 -48.26 -44.41 28.93
N GLY A 732 -49.01 -43.59 29.68
CA GLY A 732 -49.06 -43.65 31.15
C GLY A 732 -47.88 -42.98 31.81
N GLU A 733 -47.02 -42.31 31.03
CA GLU A 733 -45.84 -41.58 31.54
C GLU A 733 -46.09 -40.09 31.29
N ILE A 734 -45.72 -39.24 32.24
CA ILE A 734 -45.98 -37.77 32.13
C ILE A 734 -45.26 -37.24 30.86
N CYS A 735 -45.95 -36.42 30.08
CA CYS A 735 -45.40 -35.81 28.83
C CYS A 735 -45.44 -34.30 28.98
N TYR A 736 -44.60 -33.59 28.24
CA TYR A 736 -44.48 -32.12 28.34
C TYR A 736 -44.77 -31.51 26.98
N ALA A 737 -45.72 -30.58 26.94
CA ALA A 737 -46.07 -29.82 25.72
C ALA A 737 -45.64 -28.37 25.94
N TYR A 738 -44.73 -27.89 25.09
CA TYR A 738 -44.25 -26.49 25.13
C TYR A 738 -44.97 -25.72 24.03
N GLU A 739 -45.79 -24.77 24.43
CA GLU A 739 -46.58 -23.97 23.47
C GLU A 739 -45.65 -23.00 22.73
N ILE A 740 -45.87 -22.85 21.44
CA ILE A 740 -45.06 -21.92 20.60
C ILE A 740 -45.93 -20.71 20.28
N PHE A 741 -45.51 -19.54 20.73
CA PHE A 741 -46.25 -18.28 20.53
C PHE A 741 -45.57 -17.49 19.42
N LEU A 742 -46.35 -17.10 18.42
CA LEU A 742 -45.88 -16.20 17.33
C LEU A 742 -46.48 -14.83 17.57
N GLU A 743 -45.63 -13.80 17.66
CA GLU A 743 -46.09 -12.40 17.86
C GLU A 743 -45.59 -11.57 16.69
N PRO A 744 -46.49 -11.09 15.81
CA PRO A 744 -46.09 -10.20 14.72
C PRO A 744 -45.62 -8.86 15.28
N GLN A 745 -44.37 -8.51 14.99
CA GLN A 745 -43.78 -7.21 15.34
C GLN A 745 -43.97 -6.24 14.18
N PHE A 746 -45.14 -6.24 13.54
CA PHE A 746 -45.50 -5.28 12.47
C PHE A 746 -46.90 -4.78 12.78
N GLU A 747 -47.29 -3.62 12.26
CA GLU A 747 -48.62 -3.01 12.57
C GLU A 747 -49.64 -3.54 11.56
N SER A 748 -50.92 -3.18 11.72
CA SER A 748 -52.03 -3.61 10.84
C SER A 748 -52.29 -2.58 9.73
N CYS A 749 -52.13 -2.99 8.49
CA CYS A 749 -52.51 -2.23 7.27
C CYS A 749 -52.98 -3.28 6.28
N GLU A 750 -53.80 -2.94 5.31
CA GLU A 750 -54.44 -3.97 4.45
C GLU A 750 -53.50 -5.12 4.04
N TYR A 751 -52.23 -4.89 3.72
CA TYR A 751 -51.36 -6.01 3.28
C TYR A 751 -51.16 -7.00 4.43
N THR A 752 -50.95 -6.51 5.65
CA THR A 752 -50.53 -7.34 6.81
C THR A 752 -51.70 -7.61 7.76
N GLU A 753 -52.92 -7.23 7.42
CA GLU A 753 -54.06 -7.36 8.38
C GLU A 753 -54.26 -8.84 8.72
N HIS A 754 -54.30 -9.71 7.71
CA HIS A 754 -54.62 -11.13 7.94
C HIS A 754 -53.54 -11.75 8.83
N MET A 755 -52.27 -11.48 8.55
CA MET A 755 -51.14 -12.08 9.31
C MET A 755 -51.22 -11.60 10.76
N TYR A 756 -51.51 -10.32 10.98
CA TYR A 756 -51.49 -9.74 12.35
C TYR A 756 -52.53 -10.45 13.22
N LEU A 757 -53.75 -10.58 12.73
CA LEU A 757 -54.85 -11.20 13.52
C LEU A 757 -54.61 -12.72 13.66
N ASN A 758 -54.24 -13.40 12.57
CA ASN A 758 -54.15 -14.89 12.55
C ASN A 758 -52.98 -15.39 13.39
N LEU A 759 -51.84 -14.70 13.42
CA LEU A 759 -50.70 -15.12 14.27
C LEU A 759 -51.04 -15.00 15.76
N GLN A 760 -51.82 -14.00 16.16
CA GLN A 760 -52.09 -13.71 17.61
C GLN A 760 -53.34 -14.43 18.13
N THR A 761 -53.94 -15.33 17.36
CA THR A 761 -55.14 -16.11 17.75
C THR A 761 -54.80 -17.00 18.94
N PRO A 762 -55.70 -17.21 19.92
CA PRO A 762 -55.39 -18.01 21.10
C PRO A 762 -54.98 -19.45 20.75
N ARG A 763 -55.65 -20.06 19.78
CA ARG A 763 -55.26 -21.42 19.30
C ARG A 763 -53.81 -21.37 18.83
N ASN A 764 -52.97 -22.27 19.33
CA ASN A 764 -51.55 -22.37 18.91
C ASN A 764 -51.22 -23.84 18.74
N TYR A 765 -49.93 -24.16 18.63
CA TYR A 765 -49.45 -25.56 18.56
C TYR A 765 -48.32 -25.74 19.57
N ALA A 766 -47.92 -26.99 19.87
CA ALA A 766 -46.93 -27.25 20.94
C ALA A 766 -45.96 -28.36 20.56
N ILE A 767 -44.72 -28.29 21.07
CA ILE A 767 -43.71 -29.37 20.87
C ILE A 767 -43.90 -30.37 22.01
N LEU A 768 -44.55 -31.50 21.74
CA LEU A 768 -44.80 -32.52 22.78
C LEU A 768 -43.66 -33.51 22.78
N LEU A 769 -43.11 -33.77 23.96
CA LEU A 769 -41.99 -34.72 24.12
C LEU A 769 -41.89 -35.18 25.57
N ARG A 770 -41.06 -36.18 25.81
CA ARG A 770 -40.94 -36.82 27.14
C ARG A 770 -39.89 -36.08 27.97
N ASN A 771 -38.80 -35.64 27.35
CA ASN A 771 -37.72 -34.90 28.04
C ASN A 771 -38.15 -33.45 28.22
N LYS A 772 -37.80 -32.85 29.34
CA LYS A 772 -38.07 -31.41 29.57
C LYS A 772 -37.12 -30.58 28.71
N LEU A 773 -37.55 -29.38 28.36
CA LEU A 773 -36.74 -28.46 27.52
C LEU A 773 -36.23 -27.30 28.39
N PRO A 774 -34.97 -26.83 28.18
CA PRO A 774 -34.45 -25.64 28.87
C PRO A 774 -35.18 -24.37 28.44
N ARG A 775 -34.95 -23.27 29.15
CA ARG A 775 -35.49 -21.96 28.74
C ARG A 775 -34.82 -21.59 27.43
N LEU A 776 -35.60 -21.21 26.42
CA LEU A 776 -35.07 -20.87 25.07
C LEU A 776 -35.30 -19.38 24.80
N ALA A 777 -34.47 -18.80 23.93
CA ALA A 777 -34.49 -17.36 23.63
C ALA A 777 -35.58 -17.05 22.60
N GLU A 778 -36.05 -15.80 22.53
CA GLU A 778 -37.00 -15.37 21.46
C GLU A 778 -36.21 -15.31 20.15
N MET A 779 -36.76 -15.86 19.06
CA MET A 779 -36.03 -15.94 17.77
C MET A 779 -36.75 -15.10 16.73
N PRO A 780 -36.06 -14.28 15.89
CA PRO A 780 -36.73 -13.41 14.92
C PRO A 780 -36.93 -14.09 13.55
N LEU A 781 -38.16 -14.18 13.09
CA LEU A 781 -38.45 -14.71 11.74
C LEU A 781 -39.04 -13.62 10.87
N PHE A 782 -38.55 -13.48 9.66
CA PHE A 782 -38.98 -12.40 8.74
C PHE A 782 -40.00 -12.97 7.75
N SER A 783 -41.28 -12.79 8.03
CA SER A 783 -42.38 -13.17 7.12
C SER A 783 -42.34 -12.27 5.87
N ASN A 784 -43.10 -12.66 4.86
CA ASN A 784 -43.23 -11.83 3.63
C ASN A 784 -43.95 -10.52 3.94
N GLN A 785 -44.71 -10.47 5.04
CA GLN A 785 -45.49 -9.26 5.42
C GLN A 785 -44.74 -8.44 6.48
N GLY A 786 -43.63 -8.93 7.02
CA GLY A 786 -42.89 -8.19 8.05
C GLY A 786 -42.09 -9.13 8.92
N LYS A 787 -41.81 -8.71 10.14
CA LYS A 787 -40.99 -9.48 11.09
C LYS A 787 -41.88 -9.94 12.26
N LEU A 788 -41.51 -11.06 12.85
CA LEU A 788 -42.26 -11.62 14.00
C LEU A 788 -41.29 -12.31 14.95
N HIS A 789 -41.73 -12.47 16.18
CA HIS A 789 -40.94 -13.09 17.26
C HIS A 789 -41.60 -14.41 17.67
N VAL A 790 -40.82 -15.46 17.72
CA VAL A 790 -41.31 -16.80 18.14
C VAL A 790 -40.74 -17.08 19.52
N ARG A 791 -41.62 -17.41 20.45
CA ARG A 791 -41.25 -17.66 21.86
C ARG A 791 -41.77 -19.02 22.26
N VAL A 792 -40.92 -19.84 22.86
CA VAL A 792 -41.35 -21.14 23.43
C VAL A 792 -41.62 -20.92 24.92
N ALA A 793 -42.76 -21.39 25.38
CA ALA A 793 -43.19 -21.19 26.78
C ALA A 793 -42.17 -21.82 27.74
N ASN A 794 -41.82 -21.09 28.79
CA ASN A 794 -40.87 -21.59 29.81
C ASN A 794 -41.54 -22.68 30.64
N ALA A 795 -42.83 -22.57 30.88
CA ALA A 795 -43.58 -23.49 31.77
C ALA A 795 -44.20 -24.59 30.92
N PRO A 796 -43.73 -25.84 31.03
CA PRO A 796 -44.35 -26.94 30.30
C PRO A 796 -45.82 -27.16 30.69
N LEU A 797 -46.60 -27.74 29.79
CA LEU A 797 -47.94 -28.25 30.13
C LEU A 797 -47.81 -29.76 30.27
N GLU A 798 -48.07 -30.29 31.46
CA GLU A 798 -47.87 -31.72 31.79
C GLU A 798 -49.16 -32.48 31.54
N VAL A 799 -49.11 -33.45 30.62
CA VAL A 799 -50.28 -34.27 30.23
C VAL A 799 -49.84 -35.72 30.23
N ILE A 800 -50.68 -36.62 30.72
CA ILE A 800 -50.37 -38.09 30.76
C ILE A 800 -51.28 -38.77 29.73
N ILE A 801 -50.71 -39.57 28.84
CA ILE A 801 -51.50 -40.25 27.77
C ILE A 801 -52.21 -41.46 28.40
N GLN A 802 -53.49 -41.66 28.09
CA GLN A 802 -54.34 -42.68 28.74
C GLN A 802 -54.17 -44.03 28.04
N ASN A 803 -53.97 -44.06 26.72
CA ASN A 803 -53.91 -45.34 25.97
C ASN A 803 -53.04 -45.14 24.73
N SER A 804 -53.07 -46.12 23.83
CA SER A 804 -52.23 -46.13 22.60
C SER A 804 -52.96 -45.44 21.44
N GLU A 805 -54.29 -45.40 21.44
CA GLU A 805 -55.06 -44.77 20.34
C GLU A 805 -54.75 -43.27 20.28
N GLN A 806 -54.64 -42.62 21.43
CA GLN A 806 -54.33 -41.17 21.47
C GLN A 806 -52.93 -40.93 20.91
N LEU A 807 -51.97 -41.78 21.25
CA LEU A 807 -50.59 -41.62 20.74
C LEU A 807 -50.59 -41.86 19.23
N GLU A 808 -51.37 -42.84 18.76
CA GLU A 808 -51.48 -43.11 17.31
C GLU A 808 -52.06 -41.88 16.60
N LEU A 809 -53.10 -41.28 17.18
CA LEU A 809 -53.70 -40.04 16.62
C LEU A 809 -52.65 -38.93 16.57
N LEU A 810 -51.88 -38.76 17.66
CA LEU A 810 -50.83 -37.72 17.74
C LEU A 810 -49.87 -37.91 16.57
N HIS A 811 -49.34 -39.11 16.41
CA HIS A 811 -48.27 -39.37 15.42
C HIS A 811 -48.85 -39.22 14.01
N GLN A 812 -50.08 -39.71 13.80
CA GLN A 812 -50.73 -39.62 12.47
C GLN A 812 -50.94 -38.15 12.11
N PHE A 813 -51.37 -37.32 13.06
CA PHE A 813 -51.65 -35.90 12.77
C PHE A 813 -50.32 -35.18 12.50
N HIS A 814 -49.27 -35.57 13.21
CA HIS A 814 -47.92 -34.99 13.01
C HIS A 814 -47.48 -35.29 11.58
N GLY A 815 -47.60 -36.54 11.16
CA GLY A 815 -47.26 -36.96 9.79
C GLY A 815 -48.13 -36.26 8.76
N MET A 816 -49.43 -36.11 9.06
CA MET A 816 -50.36 -35.38 8.17
C MET A 816 -49.79 -33.98 7.95
N VAL A 817 -49.45 -33.27 9.03
CA VAL A 817 -48.94 -31.86 8.92
C VAL A 817 -47.77 -31.82 7.95
N PHE A 818 -46.75 -32.62 8.17
CA PHE A 818 -45.51 -32.53 7.34
C PHE A 818 -45.78 -33.01 5.91
N ARG A 819 -46.55 -34.07 5.73
CA ARG A 819 -46.79 -34.66 4.38
C ARG A 819 -47.72 -33.75 3.56
N ASP A 820 -48.87 -33.40 4.11
CA ASP A 820 -49.91 -32.66 3.33
C ASP A 820 -49.67 -31.14 3.39
N ILE A 821 -49.63 -30.55 4.58
CA ILE A 821 -49.60 -29.07 4.72
C ILE A 821 -48.24 -28.51 4.26
N LEU A 822 -47.14 -29.20 4.47
CA LEU A 822 -45.82 -28.59 4.16
C LEU A 822 -45.15 -29.24 2.95
N LYS A 823 -45.69 -30.35 2.43
CA LYS A 823 -45.14 -31.00 1.20
C LYS A 823 -43.66 -31.33 1.41
N ILE A 824 -43.29 -31.74 2.61
CA ILE A 824 -41.88 -32.10 2.94
C ILE A 824 -41.70 -33.60 2.69
N TRP A 825 -42.79 -34.34 2.62
CA TRP A 825 -42.75 -35.81 2.49
C TRP A 825 -41.96 -36.22 1.25
N HIS A 826 -41.20 -37.29 1.38
CA HIS A 826 -40.51 -37.98 0.26
C HIS A 826 -41.10 -39.38 0.12
N PRO A 827 -41.00 -40.02 -1.09
CA PRO A 827 -41.56 -41.36 -1.29
C PRO A 827 -40.80 -42.45 -0.52
N PHE A 828 -39.70 -42.10 0.15
CA PHE A 828 -38.95 -43.07 0.97
C PHE A 828 -39.13 -42.78 2.45
N PHE A 829 -40.03 -41.87 2.82
CA PHE A 829 -40.19 -41.50 4.25
C PHE A 829 -41.23 -42.39 4.92
N VAL A 830 -40.91 -42.95 6.08
CA VAL A 830 -41.84 -43.81 6.87
C VAL A 830 -41.93 -43.18 8.25
N LEU A 831 -43.12 -43.00 8.82
CA LEU A 831 -43.19 -42.52 10.24
C LEU A 831 -42.27 -43.41 11.08
N ASP A 832 -41.54 -42.80 12.01
CA ASP A 832 -40.52 -43.50 12.83
C ASP A 832 -41.03 -43.62 14.27
N ARG A 833 -41.43 -44.83 14.68
CA ARG A 833 -42.02 -45.09 16.01
C ARG A 833 -40.96 -45.65 16.96
N ARG A 834 -39.73 -45.84 16.50
CA ARG A 834 -38.60 -46.21 17.39
C ARG A 834 -38.06 -44.90 17.98
N SER A 835 -37.99 -44.77 19.29
CA SER A 835 -37.59 -43.50 19.94
C SER A 835 -36.07 -43.41 20.00
N LYS A 836 -35.41 -43.28 18.86
CA LYS A 836 -33.93 -43.24 18.89
C LYS A 836 -33.48 -41.80 18.70
N GLU A 837 -33.94 -41.09 17.69
CA GLU A 837 -33.33 -39.76 17.39
C GLU A 837 -34.39 -38.79 16.88
N ASN A 838 -34.31 -37.55 17.35
CA ASN A 838 -35.16 -36.45 16.84
C ASN A 838 -36.62 -36.92 16.86
N SER A 839 -37.01 -37.61 17.91
CA SER A 839 -38.36 -38.20 18.04
C SER A 839 -39.19 -37.36 19.00
N TYR A 840 -40.05 -36.50 18.47
CA TYR A 840 -41.04 -35.74 19.27
C TYR A 840 -42.16 -35.34 18.32
N LEU A 841 -43.28 -34.90 18.85
CA LEU A 841 -44.45 -34.64 17.98
C LEU A 841 -44.87 -33.18 18.08
N VAL A 842 -45.69 -32.71 17.15
CA VAL A 842 -46.29 -31.35 17.20
C VAL A 842 -47.77 -31.55 17.44
N VAL A 843 -48.35 -30.90 18.45
CA VAL A 843 -49.77 -31.17 18.82
C VAL A 843 -50.56 -29.86 18.80
N PRO A 844 -51.79 -29.85 18.23
CA PRO A 844 -52.66 -28.67 18.30
C PRO A 844 -53.17 -28.36 19.72
N LEU A 845 -53.47 -27.11 20.02
CA LEU A 845 -53.98 -26.72 21.36
C LEU A 845 -55.18 -25.80 21.17
N ILE A 846 -56.17 -25.93 22.04
CA ILE A 846 -57.38 -25.06 22.06
C ILE A 846 -57.55 -24.58 23.50
N LEU A 847 -58.20 -23.45 23.72
CA LEU A 847 -58.49 -22.99 25.11
C LEU A 847 -59.76 -23.70 25.59
N GLY A 848 -59.78 -25.04 25.52
CA GLY A 848 -60.94 -25.86 25.93
C GLY A 848 -61.24 -25.67 27.40
N ALA A 849 -60.21 -25.75 28.25
CA ALA A 849 -60.34 -25.58 29.71
C ALA A 849 -60.35 -24.08 30.03
N GLY A 850 -60.84 -23.72 31.21
CA GLY A 850 -60.90 -22.33 31.70
C GLY A 850 -59.56 -21.62 31.60
N GLU A 851 -58.51 -22.25 32.09
CA GLU A 851 -57.17 -21.62 32.19
C GLU A 851 -56.19 -22.35 31.26
N GLN A 852 -56.02 -23.64 31.46
CA GLN A 852 -55.02 -24.44 30.70
C GLN A 852 -55.56 -24.66 29.28
N LYS A 853 -54.67 -24.89 28.33
CA LYS A 853 -55.06 -25.19 26.93
C LYS A 853 -55.03 -26.71 26.73
N CYS A 854 -56.19 -27.33 26.59
CA CYS A 854 -56.34 -28.80 26.40
C CYS A 854 -55.83 -29.19 25.02
N PHE A 855 -55.32 -30.41 24.85
CA PHE A 855 -54.94 -30.94 23.52
C PHE A 855 -56.22 -31.06 22.69
N ASP A 856 -56.13 -30.78 21.38
CA ASP A 856 -57.31 -30.79 20.47
C ASP A 856 -57.49 -32.18 19.85
N TRP A 857 -58.09 -33.11 20.59
CA TRP A 857 -58.34 -34.49 20.11
C TRP A 857 -59.35 -34.45 18.95
N GLU A 858 -60.36 -33.58 19.01
CA GLU A 858 -61.42 -33.53 17.97
C GLU A 858 -60.75 -33.27 16.62
N LEU A 859 -59.96 -32.20 16.56
CA LEU A 859 -59.31 -31.79 15.29
C LEU A 859 -58.48 -32.96 14.82
N MET A 860 -57.73 -33.57 15.73
CA MET A 860 -56.79 -34.62 15.29
C MET A 860 -57.59 -35.78 14.69
N THR A 861 -58.65 -36.23 15.34
CA THR A 861 -59.48 -37.36 14.86
C THR A 861 -60.02 -37.03 13.48
N ASN A 862 -60.48 -35.79 13.30
CA ASN A 862 -61.07 -35.32 12.03
C ASN A 862 -60.04 -35.32 10.88
N PHE A 863 -58.80 -34.90 11.10
CA PHE A 863 -57.84 -34.72 9.96
C PHE A 863 -56.66 -35.67 10.08
N ARG A 864 -56.87 -36.98 10.02
CA ARG A 864 -55.76 -37.96 9.97
C ARG A 864 -55.00 -37.75 8.66
N ARG A 865 -55.73 -37.52 7.56
CA ARG A 865 -55.16 -37.17 6.24
C ARG A 865 -55.96 -36.01 5.67
N LEU A 866 -55.28 -35.06 5.03
CA LEU A 866 -55.95 -33.90 4.37
C LEU A 866 -56.77 -34.42 3.20
N PRO A 867 -58.02 -33.93 2.99
CA PRO A 867 -58.82 -34.36 1.85
C PRO A 867 -58.19 -33.99 0.49
N GLN A 868 -58.35 -34.86 -0.52
CA GLN A 868 -57.87 -34.61 -1.90
C GLN A 868 -58.93 -33.78 -2.64
N SER A 869 -58.53 -32.99 -3.65
CA SER A 869 -59.44 -32.09 -4.40
C SER A 869 -60.07 -32.83 -5.59
N HIS A 870 -61.04 -33.71 -5.32
CA HIS A 870 -61.79 -34.49 -6.35
C HIS A 870 -62.51 -33.54 -7.30
N GLY A 871 -62.65 -32.26 -6.95
CA GLY A 871 -63.43 -31.31 -7.76
C GLY A 871 -64.91 -31.60 -7.61
N SER A 872 -65.69 -31.60 -8.69
CA SER A 872 -67.13 -31.94 -8.64
C SER A 872 -67.71 -32.08 -10.05
N ASN A 873 -68.68 -32.98 -10.22
CA ASN A 873 -69.41 -33.17 -11.51
C ASN A 873 -70.44 -32.06 -11.64
N VAL A 874 -70.75 -31.61 -12.85
CA VAL A 874 -71.69 -30.47 -13.08
C VAL A 874 -73.01 -30.77 -12.35
N GLN A 875 -73.37 -32.05 -12.23
CA GLN A 875 -74.68 -32.44 -11.63
C GLN A 875 -74.55 -32.53 -10.12
N GLN A 876 -73.49 -33.18 -9.66
CA GLN A 876 -73.16 -33.25 -8.22
C GLN A 876 -73.18 -31.82 -7.70
N ARG A 877 -72.56 -30.92 -8.45
CA ARG A 877 -72.56 -29.48 -8.12
C ARG A 877 -74.00 -29.04 -7.86
N GLU A 878 -74.90 -29.29 -8.81
CA GLU A 878 -76.30 -28.82 -8.70
C GLU A 878 -76.94 -29.39 -7.44
N GLN A 879 -76.67 -30.66 -7.11
CA GLN A 879 -77.41 -31.37 -6.03
C GLN A 879 -77.04 -30.85 -4.63
N GLN A 880 -75.77 -31.00 -4.23
CA GLN A 880 -75.34 -30.73 -2.82
C GLN A 880 -75.54 -29.26 -2.48
N PRO A 881 -75.97 -28.94 -1.23
CA PRO A 881 -76.11 -27.54 -0.79
C PRO A 881 -74.74 -27.00 -0.37
N ALA A 882 -73.85 -26.79 -1.34
CA ALA A 882 -72.43 -26.45 -1.10
C ALA A 882 -72.23 -25.08 -0.43
N PRO A 883 -72.91 -23.97 -0.83
CA PRO A 883 -72.63 -22.65 -0.23
C PRO A 883 -73.31 -22.35 1.10
N ARG A 884 -72.52 -22.14 2.15
CA ARG A 884 -73.00 -21.67 3.47
C ARG A 884 -72.02 -20.60 3.93
N PRO A 885 -72.49 -19.44 4.42
CA PRO A 885 -71.61 -18.33 4.81
C PRO A 885 -70.64 -18.63 5.96
N GLU A 886 -71.13 -19.27 7.03
CA GLU A 886 -70.37 -19.51 8.28
C GLU A 886 -69.23 -20.50 8.01
N ASP A 887 -69.43 -21.47 7.12
CA ASP A 887 -68.44 -22.56 6.92
C ASP A 887 -67.11 -21.95 6.49
N PHE A 888 -67.11 -20.94 5.63
CA PHE A 888 -65.85 -20.40 5.07
C PHE A 888 -65.36 -19.20 5.89
N GLU A 889 -65.62 -19.12 7.20
CA GLU A 889 -65.22 -17.91 7.96
C GLU A 889 -63.69 -17.78 8.00
N GLY A 890 -62.98 -18.88 8.29
CA GLY A 890 -61.51 -18.85 8.43
C GLY A 890 -60.81 -20.06 7.86
N LYS A 891 -61.49 -20.90 7.07
CA LYS A 891 -60.88 -22.17 6.60
C LYS A 891 -59.87 -21.89 5.49
N ILE A 892 -59.26 -22.94 4.98
CA ILE A 892 -58.30 -22.84 3.85
C ILE A 892 -58.99 -23.49 2.65
N VAL A 893 -59.04 -22.82 1.50
CA VAL A 893 -59.78 -23.32 0.31
C VAL A 893 -58.82 -23.38 -0.88
N THR A 894 -59.07 -24.26 -1.84
CA THR A 894 -58.29 -24.30 -3.11
C THR A 894 -59.29 -24.33 -4.28
N GLN A 895 -58.85 -23.90 -5.46
CA GLN A 895 -59.71 -23.88 -6.68
C GLN A 895 -59.36 -25.10 -7.54
N TRP A 896 -60.33 -25.93 -7.91
CA TRP A 896 -60.02 -27.16 -8.69
C TRP A 896 -59.46 -26.78 -10.06
N TYR A 897 -59.98 -25.72 -10.66
CA TYR A 897 -59.49 -25.18 -11.96
C TYR A 897 -58.22 -24.37 -11.72
N ALA A 898 -57.42 -24.17 -12.76
CA ALA A 898 -56.21 -23.30 -12.68
C ALA A 898 -55.28 -23.79 -11.58
N ASN A 899 -54.88 -22.89 -10.67
CA ASN A 899 -53.79 -23.18 -9.71
C ASN A 899 -53.97 -24.58 -9.12
N TYR A 900 -53.02 -25.48 -9.33
CA TYR A 900 -53.17 -26.88 -8.94
C TYR A 900 -52.72 -27.01 -7.49
N ASP A 901 -53.64 -27.39 -6.60
CA ASP A 901 -53.34 -27.61 -5.17
C ASP A 901 -52.63 -26.37 -4.59
N LYS A 902 -53.07 -25.16 -4.95
CA LYS A 902 -52.54 -23.93 -4.31
C LYS A 902 -53.46 -23.53 -3.17
N PRO A 903 -53.16 -23.82 -1.87
CA PRO A 903 -54.08 -23.54 -0.78
C PRO A 903 -54.13 -22.04 -0.47
N MET A 904 -55.32 -21.51 -0.20
CA MET A 904 -55.50 -20.05 0.03
C MET A 904 -56.41 -19.86 1.24
N LEU A 905 -56.26 -18.76 1.97
CA LEU A 905 -56.99 -18.56 3.23
C LEU A 905 -58.15 -17.59 3.02
N VAL A 906 -59.35 -17.97 3.43
CA VAL A 906 -60.53 -17.07 3.32
C VAL A 906 -60.40 -16.02 4.43
N THR A 907 -59.87 -14.84 4.10
CA THR A 907 -59.73 -13.71 5.07
C THR A 907 -61.12 -13.25 5.51
N LYS A 908 -62.01 -13.05 4.56
CA LYS A 908 -63.41 -12.61 4.85
C LYS A 908 -64.30 -13.06 3.69
N VAL A 909 -65.60 -13.08 3.91
CA VAL A 909 -66.62 -13.49 2.90
C VAL A 909 -67.57 -12.32 2.74
N HIS A 910 -67.53 -11.60 1.63
CA HIS A 910 -68.39 -10.41 1.47
C HIS A 910 -69.83 -10.88 1.31
N ARG A 911 -70.71 -10.50 2.23
CA ARG A 911 -72.14 -10.87 2.18
C ARG A 911 -72.81 -10.16 0.99
N GLU A 912 -72.52 -8.88 0.80
CA GLU A 912 -73.14 -8.05 -0.25
C GLU A 912 -72.83 -8.60 -1.65
N LEU A 913 -71.59 -8.97 -1.91
CA LEU A 913 -71.17 -9.34 -3.30
C LEU A 913 -71.82 -10.66 -3.73
N THR A 914 -72.18 -10.78 -5.01
CA THR A 914 -72.78 -12.00 -5.60
C THR A 914 -72.06 -12.26 -6.93
N PRO A 915 -72.09 -13.48 -7.51
CA PRO A 915 -71.39 -13.73 -8.76
C PRO A 915 -71.72 -12.66 -9.80
N LEU A 916 -72.98 -12.25 -9.82
CA LEU A 916 -73.51 -11.27 -10.81
C LEU A 916 -73.02 -9.86 -10.48
N SER A 917 -72.56 -9.61 -9.25
CA SER A 917 -72.18 -8.23 -8.82
C SER A 917 -71.12 -7.67 -9.77
N TYR A 918 -71.18 -6.36 -10.01
CA TYR A 918 -70.21 -5.67 -10.89
C TYR A 918 -68.82 -5.87 -10.29
N MET A 919 -67.82 -6.22 -11.11
CA MET A 919 -66.47 -6.49 -10.56
C MET A 919 -66.04 -5.23 -9.82
N GLU A 920 -65.69 -5.36 -8.55
CA GLU A 920 -65.18 -4.22 -7.74
C GLU A 920 -63.94 -3.69 -8.45
N LYS A 921 -63.15 -4.59 -9.02
CA LYS A 921 -61.94 -4.24 -9.78
C LYS A 921 -62.25 -3.05 -10.69
N ASN A 922 -61.41 -2.00 -10.64
CA ASN A 922 -61.54 -0.79 -11.51
C ASN A 922 -61.69 -1.24 -12.97
N GLN A 923 -61.17 -2.40 -13.33
CA GLN A 923 -61.39 -3.01 -14.67
C GLN A 923 -62.79 -3.62 -14.63
N GLN A 924 -63.80 -2.89 -15.10
CA GLN A 924 -65.21 -3.34 -14.98
C GLN A 924 -65.49 -4.42 -16.02
N ASP A 925 -65.69 -5.66 -15.58
CA ASP A 925 -66.08 -6.76 -16.49
C ASP A 925 -67.53 -7.10 -16.15
N LYS A 926 -68.23 -6.18 -15.51
CA LYS A 926 -69.63 -6.40 -15.03
C LYS A 926 -69.64 -7.62 -14.09
N THR A 927 -70.50 -8.61 -14.32
CA THR A 927 -70.66 -9.78 -13.43
C THR A 927 -69.34 -10.55 -13.36
N TYR A 928 -68.95 -11.03 -12.19
CA TYR A 928 -67.78 -11.93 -12.05
C TYR A 928 -68.03 -13.18 -12.90
N TYR A 929 -69.29 -13.61 -12.95
CA TYR A 929 -69.74 -14.79 -13.72
C TYR A 929 -69.17 -14.72 -15.14
N GLU A 930 -68.95 -13.50 -15.63
CA GLU A 930 -68.38 -13.27 -16.99
C GLU A 930 -66.94 -13.75 -17.05
N PHE A 931 -66.11 -13.32 -16.10
CA PHE A 931 -64.64 -13.58 -16.14
C PHE A 931 -64.35 -15.05 -15.90
N THR A 932 -64.93 -15.65 -14.86
CA THR A 932 -64.61 -17.05 -14.53
C THR A 932 -64.97 -17.92 -15.73
N MET A 933 -66.15 -17.68 -16.33
CA MET A 933 -66.56 -18.42 -17.54
C MET A 933 -65.62 -18.08 -18.69
N SER A 934 -65.25 -16.81 -18.86
CA SER A 934 -64.40 -16.41 -19.99
C SER A 934 -63.03 -17.09 -19.88
N LYS A 935 -62.44 -17.08 -18.70
CA LYS A 935 -61.09 -17.65 -18.50
C LYS A 935 -61.14 -19.17 -18.68
N TYR A 936 -62.15 -19.83 -18.10
CA TYR A 936 -62.22 -21.32 -18.14
C TYR A 936 -63.65 -21.80 -18.40
N GLY A 937 -64.22 -21.55 -19.57
CA GLY A 937 -65.55 -22.08 -19.92
C GLY A 937 -65.53 -23.61 -19.89
N ASN A 938 -64.53 -24.20 -20.52
CA ASN A 938 -64.39 -25.67 -20.65
C ASN A 938 -64.12 -26.27 -19.26
N ARG A 939 -63.23 -25.66 -18.48
CA ARG A 939 -62.78 -26.24 -17.19
C ARG A 939 -63.95 -26.33 -16.21
N ILE A 940 -64.79 -25.29 -16.12
CA ILE A 940 -65.85 -25.29 -15.06
C ILE A 940 -67.21 -24.99 -15.68
N GLY A 941 -68.25 -25.70 -15.22
CA GLY A 941 -69.63 -25.41 -15.60
C GLY A 941 -70.02 -24.02 -15.13
N ASP A 942 -71.02 -23.40 -15.77
CA ASP A 942 -71.56 -22.10 -15.32
C ASP A 942 -71.97 -22.24 -13.86
N VAL A 943 -71.64 -21.26 -13.01
CA VAL A 943 -71.92 -21.33 -11.55
C VAL A 943 -73.41 -21.66 -11.35
N VAL A 944 -73.71 -22.67 -10.56
CA VAL A 944 -75.13 -23.11 -10.32
C VAL A 944 -75.81 -22.09 -9.41
N HIS A 945 -75.14 -21.67 -8.35
CA HIS A 945 -75.75 -20.75 -7.36
C HIS A 945 -75.33 -19.31 -7.71
N LYS A 946 -76.27 -18.50 -8.20
CA LYS A 946 -75.96 -17.12 -8.68
C LYS A 946 -76.17 -16.10 -7.56
N ASP A 947 -76.65 -16.51 -6.38
CA ASP A 947 -77.01 -15.55 -5.31
C ASP A 947 -76.44 -16.01 -3.97
N LYS A 948 -75.13 -15.89 -3.81
CA LYS A 948 -74.43 -16.27 -2.56
C LYS A 948 -73.28 -15.31 -2.32
N PHE A 949 -72.78 -15.26 -1.09
CA PHE A 949 -71.66 -14.37 -0.71
C PHE A 949 -70.42 -14.78 -1.50
N MET A 950 -69.56 -13.82 -1.85
CA MET A 950 -68.29 -14.13 -2.54
C MET A 950 -67.16 -14.21 -1.51
N ILE A 951 -66.34 -15.26 -1.59
CA ILE A 951 -65.20 -15.48 -0.66
C ILE A 951 -64.12 -14.46 -1.00
N GLU A 952 -63.48 -13.82 -0.01
CA GLU A 952 -62.28 -12.99 -0.26
C GLU A 952 -61.08 -13.82 0.19
N VAL A 953 -60.12 -14.08 -0.69
CA VAL A 953 -59.02 -15.01 -0.34
C VAL A 953 -57.68 -14.25 -0.35
N ARG A 954 -56.72 -14.70 0.46
CA ARG A 954 -55.34 -14.17 0.46
C ARG A 954 -54.40 -15.36 0.31
N ASP A 955 -53.44 -15.29 -0.61
CA ASP A 955 -52.58 -16.47 -0.90
C ASP A 955 -51.60 -16.74 0.25
N LEU A 956 -51.36 -18.01 0.57
CA LEU A 956 -50.36 -18.43 1.58
C LEU A 956 -49.09 -18.83 0.83
N THR A 957 -47.97 -18.15 1.09
CA THR A 957 -46.70 -18.30 0.32
C THR A 957 -46.15 -19.73 0.42
N GLU A 958 -45.51 -20.21 -0.65
CA GLU A 958 -44.90 -21.56 -0.69
C GLU A 958 -43.41 -21.46 -0.36
N GLN A 959 -43.03 -20.74 0.70
CA GLN A 959 -41.62 -20.66 1.17
C GLN A 959 -41.57 -21.28 2.57
N LEU A 960 -40.61 -22.17 2.85
CA LEU A 960 -40.57 -22.88 4.15
C LEU A 960 -39.37 -22.44 4.98
N THR A 961 -38.52 -21.55 4.47
CA THR A 961 -37.38 -20.98 5.23
C THR A 961 -37.63 -19.49 5.43
N PHE A 962 -37.54 -18.95 6.64
CA PHE A 962 -38.00 -17.56 6.88
C PHE A 962 -37.01 -16.70 7.67
N TYR A 963 -35.71 -16.71 7.38
CA TYR A 963 -34.77 -15.79 8.08
C TYR A 963 -33.68 -15.21 7.17
N VAL A 964 -34.00 -14.30 6.26
CA VAL A 964 -32.97 -13.56 5.48
C VAL A 964 -33.35 -12.09 5.34
N HIS A 965 -34.47 -11.67 5.95
CA HIS A 965 -34.90 -10.25 5.96
C HIS A 965 -35.23 -9.76 4.55
N LYS A 979 -55.97 -11.07 -3.27
CA LYS A 979 -57.19 -10.25 -3.05
C LYS A 979 -58.32 -10.73 -3.99
N VAL A 980 -58.10 -11.88 -4.62
CA VAL A 980 -59.04 -12.51 -5.58
C VAL A 980 -60.36 -12.79 -4.84
N ILE A 981 -61.43 -12.13 -5.23
CA ILE A 981 -62.77 -12.40 -4.63
C ILE A 981 -63.34 -13.58 -5.41
N LEU A 982 -62.87 -14.79 -5.12
CA LEU A 982 -63.26 -16.02 -5.87
C LEU A 982 -64.70 -16.40 -5.58
N ILE A 983 -65.27 -17.35 -6.34
CA ILE A 983 -66.66 -17.84 -6.15
C ILE A 983 -66.60 -19.05 -5.22
N PRO A 984 -67.46 -19.14 -4.17
CA PRO A 984 -67.43 -20.25 -3.23
C PRO A 984 -67.67 -21.63 -3.84
N GLU A 985 -68.67 -21.75 -4.71
CA GLU A 985 -69.03 -23.06 -5.28
C GLU A 985 -67.81 -23.68 -5.95
N LEU A 986 -67.01 -22.87 -6.64
CA LEU A 986 -65.88 -23.34 -7.46
C LEU A 986 -64.70 -23.79 -6.58
N CYS A 987 -64.65 -23.45 -5.30
CA CYS A 987 -63.43 -23.75 -4.48
C CYS A 987 -63.66 -24.96 -3.57
N PHE A 988 -62.79 -25.98 -3.66
CA PHE A 988 -62.82 -27.17 -2.77
C PHE A 988 -62.46 -26.70 -1.36
N ASN A 989 -63.24 -27.07 -0.36
CA ASN A 989 -63.04 -26.51 1.00
C ASN A 989 -62.32 -27.50 1.92
N PHE A 990 -61.04 -27.29 2.20
CA PHE A 990 -60.34 -28.04 3.28
C PHE A 990 -60.89 -27.46 4.57
N ASN A 991 -61.30 -28.25 5.56
CA ASN A 991 -61.98 -27.68 6.75
C ASN A 991 -60.95 -27.35 7.85
N PHE A 992 -59.65 -27.30 7.51
CA PHE A 992 -58.57 -27.05 8.49
C PHE A 992 -58.79 -25.67 9.10
N PRO A 993 -58.50 -25.45 10.42
CA PRO A 993 -58.78 -24.18 11.08
C PRO A 993 -58.31 -22.92 10.36
N GLY A 994 -57.13 -22.92 9.75
CA GLY A 994 -56.62 -21.80 8.96
C GLY A 994 -55.93 -20.76 9.83
N ASP A 995 -56.19 -20.77 11.14
CA ASP A 995 -55.38 -20.02 12.12
C ASP A 995 -54.07 -20.77 12.27
N LEU A 996 -54.14 -22.09 12.10
CA LEU A 996 -52.99 -22.99 12.30
C LEU A 996 -52.17 -23.14 11.02
N TRP A 997 -52.77 -23.00 9.83
CA TRP A 997 -52.06 -23.32 8.56
C TRP A 997 -50.85 -22.39 8.40
N LEU A 998 -50.97 -21.09 8.71
CA LEU A 998 -49.83 -20.13 8.63
C LEU A 998 -48.76 -20.50 9.65
N LYS A 999 -49.19 -20.68 10.90
CA LYS A 999 -48.29 -20.99 12.02
C LYS A 999 -47.48 -22.24 11.64
N LEU A 1000 -48.13 -23.21 11.01
CA LEU A 1000 -47.45 -24.49 10.68
C LEU A 1000 -46.47 -24.23 9.54
N ILE A 1001 -46.67 -23.19 8.74
CA ILE A 1001 -45.71 -22.86 7.66
C ILE A 1001 -44.39 -22.42 8.30
N PHE A 1002 -44.44 -21.67 9.40
CA PHE A 1002 -43.23 -21.19 10.10
C PHE A 1002 -42.60 -22.32 10.93
N LEU A 1003 -43.31 -23.42 11.14
CA LEU A 1003 -42.84 -24.51 12.04
C LEU A 1003 -41.51 -25.11 11.58
N PRO A 1004 -41.26 -25.45 10.30
CA PRO A 1004 -39.98 -26.02 9.91
C PRO A 1004 -38.80 -25.12 10.34
N SER A 1005 -38.91 -23.82 10.12
CA SER A 1005 -37.85 -22.85 10.48
C SER A 1005 -37.66 -22.83 12.00
N ILE A 1006 -38.76 -22.81 12.77
CA ILE A 1006 -38.70 -22.73 14.26
C ILE A 1006 -38.00 -23.98 14.79
N LEU A 1007 -38.32 -25.15 14.24
CA LEU A 1007 -37.74 -26.44 14.71
C LEU A 1007 -36.23 -26.48 14.46
N ASN A 1008 -35.77 -25.92 13.35
CA ASN A 1008 -34.32 -25.93 13.03
C ASN A 1008 -33.61 -24.93 13.94
N ARG A 1009 -34.30 -23.90 14.41
CA ARG A 1009 -33.68 -22.95 15.35
C ARG A 1009 -33.74 -23.53 16.76
N MET A 1010 -34.77 -24.30 17.11
CA MET A 1010 -34.83 -24.94 18.45
C MET A 1010 -33.74 -26.01 18.52
N TYR A 1011 -33.51 -26.74 17.43
CA TYR A 1011 -32.53 -27.83 17.41
C TYR A 1011 -31.16 -27.25 17.73
N PHE A 1012 -30.78 -26.17 17.06
CA PHE A 1012 -29.44 -25.57 17.26
C PHE A 1012 -29.39 -24.76 18.56
N LEU A 1013 -30.48 -24.09 18.97
CA LEU A 1013 -30.50 -23.37 20.27
C LEU A 1013 -30.32 -24.37 21.42
N LEU A 1014 -30.87 -25.57 21.29
CA LEU A 1014 -30.72 -26.62 22.32
C LEU A 1014 -29.25 -27.03 22.39
N HIS A 1015 -28.59 -27.19 21.26
CA HIS A 1015 -27.14 -27.51 21.23
C HIS A 1015 -26.36 -26.36 21.87
N ALA A 1016 -26.78 -25.12 21.62
CA ALA A 1016 -26.09 -23.92 22.13
C ALA A 1016 -26.13 -23.91 23.65
N GLU A 1017 -27.27 -24.21 24.27
CA GLU A 1017 -27.32 -24.23 25.76
C GLU A 1017 -26.52 -25.43 26.29
N ALA A 1018 -26.52 -26.55 25.57
CA ALA A 1018 -25.66 -27.68 25.93
C ALA A 1018 -24.21 -27.16 26.05
N LEU A 1019 -23.71 -26.44 25.04
CA LEU A 1019 -22.33 -25.93 25.04
C LEU A 1019 -22.18 -24.86 26.12
N ARG A 1020 -23.22 -24.07 26.36
CA ARG A 1020 -23.17 -23.03 27.40
C ARG A 1020 -22.98 -23.68 28.76
N LYS A 1021 -23.87 -24.63 29.09
CA LYS A 1021 -23.83 -25.28 30.41
C LYS A 1021 -22.48 -26.00 30.58
N ARG A 1022 -22.00 -26.66 29.54
CA ARG A 1022 -20.76 -27.48 29.64
C ARG A 1022 -19.57 -26.59 29.99
N PHE A 1023 -19.46 -25.40 29.40
CA PHE A 1023 -18.26 -24.54 29.55
C PHE A 1023 -18.33 -23.75 30.85
N ASN A 1024 -19.51 -23.30 31.27
CA ASN A 1024 -19.63 -22.57 32.56
C ASN A 1024 -19.22 -23.50 33.71
N THR A 1025 -19.58 -24.78 33.65
CA THR A 1025 -19.27 -25.76 34.73
C THR A 1025 -17.74 -25.89 34.87
N TYR A 1026 -17.01 -26.03 33.77
CA TYR A 1026 -15.53 -26.17 33.78
C TYR A 1026 -14.92 -24.90 34.38
N LEU A 1027 -15.48 -23.75 34.06
CA LEU A 1027 -14.99 -22.44 34.57
C LEU A 1027 -15.50 -22.22 35.99
N ASN A 1028 -16.38 -23.09 36.49
CA ASN A 1028 -16.98 -22.98 37.85
C ASN A 1028 -17.67 -21.62 38.02
N LEU A 1029 -18.41 -21.17 37.00
CA LEU A 1029 -19.21 -19.93 37.07
C LEU A 1029 -20.69 -20.32 37.05
N HIS A 1030 -20.98 -21.61 37.14
CA HIS A 1030 -22.37 -22.13 37.04
C HIS A 1030 -23.19 -21.62 38.23
N LEU A 1031 -22.63 -21.60 39.43
CA LEU A 1031 -23.38 -21.21 40.66
C LEU A 1031 -23.64 -19.71 40.71
N LEU A 1032 -22.99 -18.90 39.87
CA LEU A 1032 -23.17 -17.43 39.92
C LEU A 1032 -24.65 -17.15 39.73
N PRO A 1033 -25.24 -16.11 40.37
CA PRO A 1033 -26.68 -15.88 40.32
C PRO A 1033 -27.24 -15.76 38.89
N PHE A 1034 -26.55 -15.07 37.99
CA PHE A 1034 -27.05 -14.81 36.62
C PHE A 1034 -26.80 -16.02 35.71
N ASN A 1035 -25.78 -16.82 35.97
CA ASN A 1035 -25.42 -17.97 35.10
C ASN A 1035 -26.07 -19.26 35.64
N GLY A 1036 -26.87 -19.15 36.69
CA GLY A 1036 -27.43 -20.31 37.42
C GLY A 1036 -28.75 -20.78 36.85
N THR A 1037 -29.53 -21.51 37.65
CA THR A 1037 -30.88 -22.01 37.27
C THR A 1037 -31.80 -20.82 36.98
N ASP A 1038 -31.59 -19.68 37.64
CA ASP A 1038 -32.43 -18.48 37.43
C ASP A 1038 -32.10 -17.79 36.10
N TYR A 1039 -31.08 -18.22 35.37
CA TYR A 1039 -30.66 -17.60 34.08
C TYR A 1039 -31.86 -17.49 33.15
N MET A 1040 -32.10 -16.30 32.61
CA MET A 1040 -33.15 -16.08 31.60
C MET A 1040 -32.45 -15.75 30.30
N PRO A 1041 -32.66 -16.50 29.20
CA PRO A 1041 -31.95 -16.25 27.95
C PRO A 1041 -32.37 -14.88 27.39
N ARG A 1042 -31.54 -14.32 26.52
CA ARG A 1042 -31.80 -12.98 25.94
C ARG A 1042 -32.23 -13.17 24.50
N PRO A 1043 -33.17 -12.34 23.97
CA PRO A 1043 -33.61 -12.47 22.59
C PRO A 1043 -32.44 -12.50 21.62
N LEU A 1044 -32.47 -13.41 20.64
CA LEU A 1044 -31.39 -13.54 19.62
C LEU A 1044 -31.22 -12.20 18.89
N GLU A 1045 -29.99 -11.79 18.61
CA GLU A 1045 -29.71 -10.50 17.93
C GLU A 1045 -29.36 -10.77 16.47
N ILE A 1046 -29.88 -9.94 15.57
CA ILE A 1046 -29.66 -10.04 14.10
C ILE A 1046 -28.45 -9.19 13.74
N ASP A 1047 -27.41 -9.77 13.13
CA ASP A 1047 -26.34 -8.93 12.55
C ASP A 1047 -26.98 -8.25 11.35
N TYR A 1048 -27.07 -6.93 11.36
CA TYR A 1048 -27.76 -6.17 10.29
C TYR A 1048 -26.77 -5.83 9.16
N SER A 1049 -25.57 -6.38 9.20
CA SER A 1049 -24.47 -6.04 8.25
C SER A 1049 -24.22 -7.16 7.25
N LEU A 1050 -24.65 -8.39 7.53
CA LEU A 1050 -24.42 -9.54 6.61
C LEU A 1050 -25.14 -9.27 5.29
N LYS A 1051 -24.47 -9.51 4.16
CA LYS A 1051 -25.01 -9.16 2.82
C LYS A 1051 -26.31 -9.95 2.59
N ARG A 1052 -26.25 -11.25 2.85
CA ARG A 1052 -27.38 -12.21 2.72
C ARG A 1052 -28.19 -11.91 1.46
N ASN A 1053 -27.54 -11.98 0.30
CA ASN A 1053 -28.20 -11.74 -1.01
C ASN A 1053 -29.34 -12.75 -1.17
N VAL A 1054 -30.47 -12.34 -1.72
CA VAL A 1054 -31.67 -13.20 -1.81
C VAL A 1054 -32.04 -13.45 -3.27
N ASP A 1055 -32.20 -14.71 -3.67
CA ASP A 1055 -32.74 -15.05 -5.02
C ASP A 1055 -34.22 -14.70 -5.01
N PRO A 1056 -34.87 -14.45 -6.17
CA PRO A 1056 -36.28 -14.08 -6.19
C PRO A 1056 -37.14 -15.17 -5.52
N LEU A 1057 -38.23 -14.77 -4.85
CA LEU A 1057 -39.19 -15.67 -4.15
C LEU A 1057 -38.62 -16.09 -2.78
N GLY A 1058 -37.55 -15.44 -2.30
CA GLY A 1058 -37.07 -15.61 -0.92
C GLY A 1058 -36.02 -16.70 -0.76
N ASN A 1059 -35.67 -17.45 -1.82
CA ASN A 1059 -34.56 -18.42 -1.72
C ASN A 1059 -33.28 -17.61 -1.46
N VAL A 1060 -32.39 -18.08 -0.60
CA VAL A 1060 -31.09 -17.36 -0.40
C VAL A 1060 -30.10 -17.90 -1.43
N ILE A 1061 -29.56 -17.03 -2.27
CA ILE A 1061 -28.60 -17.47 -3.34
C ILE A 1061 -27.29 -17.91 -2.65
N PRO A 1062 -26.72 -19.11 -2.93
CA PRO A 1062 -25.44 -19.49 -2.31
C PRO A 1062 -24.27 -18.59 -2.73
N PRO A 1075 -19.94 -4.26 -19.81
CA PRO A 1075 -19.08 -3.08 -19.93
C PRO A 1075 -18.60 -2.83 -21.36
N MET A 1076 -17.66 -1.91 -21.55
CA MET A 1076 -17.13 -1.57 -22.90
C MET A 1076 -15.62 -1.74 -22.92
N PRO A 1077 -15.03 -2.45 -23.91
CA PRO A 1077 -13.58 -2.53 -24.10
C PRO A 1077 -12.99 -1.63 -25.20
N THR A 1078 -11.70 -1.30 -25.12
CA THR A 1078 -10.98 -0.52 -26.16
C THR A 1078 -9.62 -1.17 -26.44
N LYS A 1079 -9.03 -0.92 -27.61
CA LYS A 1079 -7.74 -1.52 -28.02
C LYS A 1079 -6.59 -0.69 -27.46
N SER A 1080 -5.48 -1.33 -27.07
CA SER A 1080 -4.30 -0.65 -26.49
C SER A 1080 -2.99 -1.17 -27.11
N ILE A 1081 -1.92 -0.37 -27.03
CA ILE A 1081 -0.58 -0.72 -27.59
C ILE A 1081 0.16 -1.54 -26.53
N GLU A 1082 1.32 -2.14 -26.83
CA GLU A 1082 2.04 -3.05 -25.91
C GLU A 1082 3.37 -2.43 -25.48
N ALA A 1083 3.86 -2.74 -24.27
CA ALA A 1083 5.11 -2.19 -23.70
C ALA A 1083 5.61 -3.05 -22.52
N SER A 1084 6.66 -2.60 -21.85
CA SER A 1084 7.27 -3.22 -20.63
C SER A 1084 7.78 -2.11 -19.70
N VAL A 1085 8.40 -2.42 -18.55
CA VAL A 1085 8.77 -1.36 -17.57
C VAL A 1085 9.85 -1.80 -16.56
N ALA A 1086 10.43 -0.84 -15.85
CA ALA A 1086 11.45 -1.04 -14.78
C ALA A 1086 10.90 -0.57 -13.44
N ASN A 1087 11.27 -1.23 -12.34
CA ASN A 1087 10.70 -1.01 -10.98
C ASN A 1087 10.91 0.44 -10.53
N LEU A 1088 9.88 1.05 -9.95
CA LEU A 1088 9.91 2.47 -9.53
C LEU A 1088 10.55 2.55 -8.14
N GLU A 1089 11.46 3.51 -7.94
CA GLU A 1089 12.16 3.73 -6.66
C GLU A 1089 11.22 4.49 -5.72
N ILE A 1090 11.49 4.44 -4.41
CA ILE A 1090 10.71 5.19 -3.38
C ILE A 1090 10.81 6.68 -3.69
N THR A 1091 11.93 7.12 -4.27
CA THR A 1091 12.20 8.55 -4.58
C THR A 1091 11.15 9.10 -5.55
N GLU A 1092 10.71 8.29 -6.52
CA GLU A 1092 9.76 8.73 -7.57
C GLU A 1092 8.45 9.13 -6.90
N PHE A 1093 8.00 8.35 -5.92
CA PHE A 1093 6.68 8.56 -5.28
C PHE A 1093 6.71 9.89 -4.51
N GLU A 1094 7.84 10.24 -3.92
CA GLU A 1094 7.98 11.49 -3.10
C GLU A 1094 7.45 12.68 -3.91
N ASN A 1095 7.79 12.76 -5.20
CA ASN A 1095 7.35 13.87 -6.10
C ASN A 1095 5.82 13.87 -6.16
N PRO A 1096 5.15 15.03 -6.04
CA PRO A 1096 3.67 15.08 -5.97
C PRO A 1096 2.91 15.12 -7.30
N TRP A 1097 3.58 15.08 -8.45
CA TRP A 1097 2.92 15.19 -9.78
C TRP A 1097 2.82 13.82 -10.45
N GLN A 1098 1.87 13.66 -11.37
CA GLN A 1098 1.79 12.43 -12.21
C GLN A 1098 2.82 12.53 -13.32
N LYS A 1099 3.21 11.41 -13.92
CA LYS A 1099 4.32 11.41 -14.91
C LYS A 1099 3.97 12.36 -16.06
N TYR A 1100 2.72 12.35 -16.52
CA TYR A 1100 2.27 13.15 -17.69
C TYR A 1100 2.41 14.65 -17.37
N MET A 1101 2.19 15.06 -16.13
CA MET A 1101 2.22 16.50 -15.76
C MET A 1101 3.66 17.00 -15.71
N GLU A 1102 4.67 16.14 -15.83
CA GLU A 1102 6.08 16.60 -15.66
C GLU A 1102 6.50 17.43 -16.88
N PRO A 1103 7.11 18.62 -16.67
CA PRO A 1103 7.60 19.44 -17.77
C PRO A 1103 8.81 18.78 -18.46
N VAL A 1104 8.99 19.04 -19.75
CA VAL A 1104 10.09 18.44 -20.57
C VAL A 1104 11.41 19.08 -20.16
N ASP A 1105 12.53 18.41 -20.40
CA ASP A 1105 13.87 19.01 -20.17
C ASP A 1105 14.13 20.02 -21.28
N LEU A 1106 14.29 21.30 -20.96
CA LEU A 1106 14.62 22.29 -22.01
C LEU A 1106 16.11 22.18 -22.30
N SER A 1107 16.88 21.63 -21.36
CA SER A 1107 18.36 21.56 -21.46
C SER A 1107 18.78 20.47 -22.46
N ARG A 1108 18.16 19.31 -22.42
CA ARG A 1108 18.62 18.18 -23.26
C ARG A 1108 17.92 18.23 -24.62
N ASN A 1109 16.83 18.99 -24.73
CA ASN A 1109 16.06 19.13 -25.99
C ASN A 1109 16.02 20.61 -26.37
N LEU A 1110 17.16 21.22 -26.68
CA LEU A 1110 17.23 22.68 -26.95
C LEU A 1110 16.68 23.04 -28.32
N LEU A 1111 16.90 22.22 -29.34
CA LEU A 1111 16.52 22.58 -30.72
C LEU A 1111 15.08 22.13 -31.03
N SER A 1112 14.57 21.09 -30.38
CA SER A 1112 13.22 20.56 -30.66
C SER A 1112 12.14 21.26 -29.82
N THR A 1113 12.49 22.08 -28.85
CA THR A 1113 11.50 22.66 -27.91
C THR A 1113 10.70 23.78 -28.59
N TYR A 1114 9.48 24.02 -28.13
CA TYR A 1114 8.62 25.12 -28.62
C TYR A 1114 8.52 26.14 -27.49
N PRO A 1115 8.13 27.40 -27.74
CA PRO A 1115 7.97 28.37 -26.65
C PRO A 1115 6.87 27.94 -25.67
N VAL A 1116 5.86 27.20 -26.12
CA VAL A 1116 4.77 26.70 -25.23
C VAL A 1116 5.38 25.86 -24.11
N GLU A 1117 6.35 25.02 -24.41
CA GLU A 1117 6.94 24.09 -23.43
C GLU A 1117 7.75 24.91 -22.42
N LEU A 1118 8.39 25.98 -22.87
CA LEU A 1118 9.19 26.87 -21.97
C LEU A 1118 8.25 27.53 -20.96
N ASP A 1119 7.08 27.96 -21.40
CA ASP A 1119 6.10 28.59 -20.48
C ASP A 1119 5.69 27.58 -19.41
N TYR A 1120 5.43 26.34 -19.82
CA TYR A 1120 5.02 25.27 -18.87
C TYR A 1120 6.13 25.00 -17.86
N TYR A 1121 7.38 24.94 -18.33
CA TYR A 1121 8.54 24.68 -17.44
C TYR A 1121 8.57 25.73 -16.34
N TYR A 1122 8.31 26.98 -16.68
CA TYR A 1122 8.38 28.08 -15.69
C TYR A 1122 7.23 27.93 -14.69
N HIS A 1123 6.00 27.86 -15.17
CA HIS A 1123 4.83 27.83 -14.25
C HIS A 1123 4.87 26.58 -13.37
N PHE A 1124 5.30 25.44 -13.91
CA PHE A 1124 5.44 24.21 -13.09
C PHE A 1124 6.47 24.46 -11.99
N SER A 1125 7.60 25.10 -12.32
CA SER A 1125 8.67 25.38 -11.34
C SER A 1125 8.17 26.35 -10.27
N VAL A 1126 7.34 27.33 -10.64
CA VAL A 1126 6.71 28.27 -9.67
C VAL A 1126 5.79 27.46 -8.75
N GLY A 1127 5.23 26.36 -9.26
CA GLY A 1127 4.29 25.51 -8.50
C GLY A 1127 2.86 25.85 -8.86
N ASN A 1128 2.65 26.65 -9.91
CA ASN A 1128 1.30 26.95 -10.43
C ASN A 1128 0.63 25.66 -10.93
N VAL A 1129 1.38 24.58 -11.16
CA VAL A 1129 0.78 23.27 -11.53
C VAL A 1129 0.75 22.32 -10.32
N CYS A 1130 1.88 21.77 -9.88
CA CYS A 1130 1.89 20.73 -8.83
C CYS A 1130 1.89 21.40 -7.45
N TYR A 1142 14.56 26.52 12.89
CA TYR A 1142 14.88 25.11 12.52
C TYR A 1142 16.03 24.66 13.39
N TRP A 1143 16.85 25.58 13.86
CA TRP A 1143 18.01 25.13 14.64
C TRP A 1143 17.69 25.20 16.13
N ALA A 1144 16.50 25.67 16.49
CA ALA A 1144 16.05 25.72 17.90
C ALA A 1144 15.12 24.53 18.21
N LYS A 1145 14.71 23.78 17.20
CA LYS A 1145 13.74 22.67 17.39
C LYS A 1145 14.49 21.36 17.23
N ASN A 1146 14.33 20.43 18.18
CA ASN A 1146 15.07 19.14 18.17
C ASN A 1146 14.59 18.27 17.01
N GLN A 1147 15.36 17.26 16.67
CA GLN A 1147 14.96 16.28 15.63
C GLN A 1147 13.70 15.57 16.10
N PHE A 1148 13.63 15.26 17.39
CA PHE A 1148 12.47 14.58 18.02
C PHE A 1148 11.43 15.62 18.43
N HIS A 1149 10.75 16.24 17.47
CA HIS A 1149 9.64 17.17 17.77
C HIS A 1149 8.45 16.77 16.91
N MET A 1150 7.27 16.59 17.50
CA MET A 1150 6.08 16.12 16.75
C MET A 1150 5.32 17.34 16.23
N PRO A 1151 4.70 17.34 15.03
CA PRO A 1151 4.12 18.55 14.45
C PRO A 1151 2.81 19.07 15.08
N THR A 1152 2.18 18.31 15.97
CA THR A 1152 0.97 18.72 16.75
C THR A 1152 -0.19 19.25 15.87
N GLY A 1153 -0.70 18.43 14.95
CA GLY A 1153 -1.91 18.73 14.15
C GLY A 1153 -2.55 17.46 13.63
N ASN A 1154 -3.80 17.54 13.16
CA ASN A 1154 -4.50 16.36 12.56
C ASN A 1154 -3.67 15.82 11.39
N ILE A 1155 -3.07 14.64 11.57
CA ILE A 1155 -2.22 14.01 10.53
C ILE A 1155 -3.04 13.87 9.24
N TYR A 1156 -4.26 13.35 9.35
CA TYR A 1156 -5.11 13.07 8.17
C TYR A 1156 -5.96 14.31 7.85
N LYS A 1181 -7.13 9.85 29.02
CA LYS A 1181 -8.61 9.76 29.17
C LYS A 1181 -9.20 8.76 28.18
N VAL A 1182 -8.38 7.82 27.70
CA VAL A 1182 -8.81 6.76 26.74
C VAL A 1182 -9.89 5.95 27.43
N LYS A 1183 -11.03 5.73 26.79
CA LYS A 1183 -12.15 4.98 27.42
C LYS A 1183 -11.67 3.55 27.64
N PRO A 1184 -11.90 2.95 28.83
CA PRO A 1184 -11.39 1.61 29.13
C PRO A 1184 -12.00 0.55 28.21
N LEU A 1185 -11.19 -0.37 27.70
CA LEU A 1185 -11.69 -1.56 26.95
C LEU A 1185 -12.48 -2.41 27.94
N LEU A 1186 -13.67 -2.89 27.57
CA LEU A 1186 -14.55 -3.66 28.49
C LEU A 1186 -13.92 -5.02 28.81
N ILE A 1187 -13.30 -5.67 27.85
CA ILE A 1187 -12.65 -6.99 28.07
C ILE A 1187 -11.67 -6.86 29.24
N LEU A 1188 -10.82 -5.84 29.25
CA LEU A 1188 -9.82 -5.63 30.33
C LEU A 1188 -10.54 -5.31 31.63
N GLN A 1189 -11.63 -4.54 31.57
CA GLN A 1189 -12.41 -4.22 32.79
C GLN A 1189 -13.00 -5.51 33.38
N LYS A 1190 -13.50 -6.39 32.53
CA LYS A 1190 -14.05 -7.69 32.99
C LYS A 1190 -12.92 -8.55 33.56
N THR A 1191 -11.71 -8.42 33.01
CA THR A 1191 -10.56 -9.24 33.46
C THR A 1191 -10.13 -8.80 34.85
N VAL A 1192 -9.99 -7.51 35.07
CA VAL A 1192 -9.43 -6.98 36.35
C VAL A 1192 -10.47 -7.16 37.47
N SER A 1193 -11.75 -6.94 37.18
CA SER A 1193 -12.77 -6.93 38.25
C SER A 1193 -13.85 -7.97 37.98
N LYS A 1194 -14.21 -8.77 39.00
CA LYS A 1194 -15.27 -9.81 38.93
C LYS A 1194 -16.65 -9.19 38.74
N GLU A 1195 -16.90 -8.00 39.25
CA GLU A 1195 -18.27 -7.43 39.26
C GLU A 1195 -18.79 -7.26 37.82
N HIS A 1196 -17.94 -6.85 36.88
CA HIS A 1196 -18.37 -6.48 35.51
C HIS A 1196 -18.71 -7.72 34.65
N ILE A 1197 -18.41 -8.94 35.11
CA ILE A 1197 -18.68 -10.16 34.32
C ILE A 1197 -20.19 -10.21 34.07
N THR A 1198 -20.58 -10.41 32.83
CA THR A 1198 -21.99 -10.62 32.43
C THR A 1198 -22.12 -12.05 31.91
N PRO A 1199 -23.30 -12.74 32.04
CA PRO A 1199 -23.45 -14.13 31.64
C PRO A 1199 -23.15 -14.46 30.19
N ALA A 1200 -22.65 -15.66 29.93
CA ALA A 1200 -22.53 -16.16 28.55
C ALA A 1200 -23.95 -16.36 28.09
N GLU A 1201 -24.28 -16.06 26.84
CA GLU A 1201 -25.71 -16.16 26.45
C GLU A 1201 -25.86 -17.28 25.42
N GLN A 1202 -27.04 -17.91 25.39
CA GLN A 1202 -27.33 -18.99 24.43
C GLN A 1202 -27.18 -18.44 23.03
N GLY A 1203 -27.62 -17.19 22.84
CA GLY A 1203 -27.56 -16.51 21.54
C GLY A 1203 -26.15 -16.46 20.99
N GLU A 1204 -25.19 -16.14 21.84
CA GLU A 1204 -23.78 -16.01 21.43
C GLU A 1204 -23.28 -17.38 21.02
N PHE A 1205 -23.66 -18.43 21.73
CA PHE A 1205 -23.17 -19.80 21.42
C PHE A 1205 -23.81 -20.26 20.10
N LEU A 1206 -25.05 -19.88 19.80
CA LEU A 1206 -25.66 -20.25 18.50
C LEU A 1206 -24.87 -19.56 17.41
N ALA A 1207 -24.48 -18.30 17.60
CA ALA A 1207 -23.66 -17.62 16.59
C ALA A 1207 -22.33 -18.36 16.45
N ALA A 1208 -21.75 -18.81 17.55
CA ALA A 1208 -20.41 -19.45 17.52
C ALA A 1208 -20.42 -20.76 16.72
N ILE A 1209 -21.54 -21.47 16.69
CA ILE A 1209 -21.64 -22.78 15.97
C ILE A 1209 -22.16 -22.54 14.55
N THR A 1210 -22.84 -21.43 14.29
CA THR A 1210 -23.47 -21.20 12.97
C THR A 1210 -22.46 -20.72 11.95
N ALA A 1211 -22.24 -21.47 10.88
CA ALA A 1211 -21.25 -21.12 9.85
C ALA A 1211 -21.87 -20.13 8.87
N SER A 1212 -21.07 -19.58 7.97
CA SER A 1212 -21.56 -18.61 6.94
C SER A 1212 -22.46 -19.32 5.95
N SER A 1213 -22.17 -20.58 5.65
CA SER A 1213 -22.94 -21.38 4.67
C SER A 1213 -24.37 -21.54 5.16
N ALA A 1214 -24.60 -21.46 6.45
CA ALA A 1214 -25.95 -21.71 7.00
C ALA A 1214 -26.92 -20.69 6.45
N ALA A 1215 -26.43 -19.55 5.97
CA ALA A 1215 -27.27 -18.57 5.29
C ALA A 1215 -28.35 -18.09 6.26
N ASP A 1216 -27.93 -17.80 7.47
CA ASP A 1216 -28.84 -17.32 8.53
C ASP A 1216 -28.43 -15.89 8.90
N VAL A 1217 -29.25 -15.23 9.72
CA VAL A 1217 -29.12 -13.80 10.09
C VAL A 1217 -27.83 -13.54 10.89
N PHE A 1218 -27.33 -14.52 11.64
CA PHE A 1218 -26.10 -14.40 12.46
C PHE A 1218 -25.10 -15.45 11.98
N ASP A 1219 -23.84 -15.34 12.41
CA ASP A 1219 -22.78 -16.31 12.02
C ASP A 1219 -21.64 -16.21 13.03
N MET A 1220 -20.50 -16.83 12.73
CA MET A 1220 -19.38 -16.91 13.68
C MET A 1220 -18.17 -16.08 13.21
N GLU A 1221 -18.30 -15.28 12.17
CA GLU A 1221 -17.12 -14.64 11.55
C GLU A 1221 -16.59 -13.49 12.41
N ARG A 1222 -17.38 -12.94 13.31
CA ARG A 1222 -16.94 -11.82 14.17
C ARG A 1222 -16.27 -12.39 15.40
N LEU A 1223 -16.92 -13.28 16.13
CA LEU A 1223 -16.29 -13.91 17.29
C LEU A 1223 -15.02 -14.61 16.79
N GLU A 1224 -14.97 -15.07 15.54
CA GLU A 1224 -13.73 -15.67 15.05
C GLU A 1224 -12.58 -14.66 15.19
N ILE A 1225 -12.82 -13.39 14.92
CA ILE A 1225 -11.77 -12.33 14.97
C ILE A 1225 -11.24 -12.21 16.41
N LEU A 1226 -12.12 -11.93 17.38
CA LEU A 1226 -11.70 -11.76 18.80
C LEU A 1226 -11.02 -13.05 19.27
N GLY A 1227 -11.60 -14.19 18.94
CA GLY A 1227 -11.08 -15.49 19.37
C GLY A 1227 -9.71 -15.77 18.78
N ASP A 1228 -9.52 -15.48 17.51
CA ASP A 1228 -8.23 -15.74 16.83
C ASP A 1228 -7.15 -14.89 17.49
N SER A 1229 -7.49 -13.63 17.75
CA SER A 1229 -6.54 -12.67 18.37
C SER A 1229 -6.16 -13.18 19.76
N PHE A 1230 -7.14 -13.65 20.54
CA PHE A 1230 -6.87 -14.19 21.90
C PHE A 1230 -6.00 -15.43 21.78
N LEU A 1231 -6.32 -16.34 20.88
CA LEU A 1231 -5.56 -17.61 20.75
C LEU A 1231 -4.10 -17.30 20.42
N LYS A 1232 -3.86 -16.35 19.52
CA LYS A 1232 -2.49 -15.93 19.14
C LYS A 1232 -1.81 -15.29 20.36
N LEU A 1233 -2.52 -14.43 21.09
CA LEU A 1233 -1.95 -13.74 22.28
C LEU A 1233 -1.60 -14.78 23.33
N SER A 1234 -2.47 -15.76 23.52
CA SER A 1234 -2.27 -16.78 24.58
C SER A 1234 -1.19 -17.79 24.18
N ALA A 1235 -1.16 -18.23 22.93
CA ALA A 1235 -0.11 -19.15 22.47
C ALA A 1235 1.25 -18.45 22.57
N THR A 1236 1.33 -17.17 22.20
CA THR A 1236 2.58 -16.40 22.32
C THR A 1236 3.03 -16.37 23.77
N LEU A 1237 2.13 -15.99 24.68
CA LEU A 1237 2.50 -15.85 26.11
C LEU A 1237 2.88 -17.21 26.70
N TYR A 1238 2.24 -18.28 26.25
CA TYR A 1238 2.51 -19.65 26.76
C TYR A 1238 3.89 -20.09 26.30
N LEU A 1239 4.18 -19.92 25.01
CA LEU A 1239 5.49 -20.35 24.45
C LEU A 1239 6.62 -19.48 24.99
N ALA A 1240 6.37 -18.19 25.21
CA ALA A 1240 7.41 -17.28 25.76
C ALA A 1240 7.72 -17.70 27.21
N SER A 1241 6.72 -18.08 27.98
CA SER A 1241 6.95 -18.45 29.41
C SER A 1241 7.57 -19.83 29.49
N LYS A 1242 7.10 -20.79 28.70
CA LYS A 1242 7.56 -22.19 28.82
C LYS A 1242 8.96 -22.32 28.23
N TYR A 1243 9.19 -21.79 27.04
CA TYR A 1243 10.52 -21.84 26.38
C TYR A 1243 11.02 -20.40 26.25
N SER A 1244 11.64 -19.89 27.30
CA SER A 1244 12.10 -18.48 27.36
C SER A 1244 13.34 -18.30 26.47
N ASP A 1245 14.23 -19.28 26.44
CA ASP A 1245 15.54 -19.14 25.76
C ASP A 1245 15.46 -19.75 24.36
N TRP A 1246 14.56 -19.25 23.53
CA TRP A 1246 14.52 -19.61 22.09
C TRP A 1246 14.49 -18.34 21.24
N ASN A 1247 14.92 -18.49 20.00
CA ASN A 1247 14.92 -17.40 18.98
C ASN A 1247 13.50 -17.20 18.49
N GLU A 1248 13.21 -16.04 17.91
CA GLU A 1248 11.84 -15.75 17.43
C GLU A 1248 11.48 -16.74 16.33
N GLY A 1249 12.46 -17.26 15.59
CA GLY A 1249 12.21 -18.21 14.50
C GLY A 1249 11.52 -19.47 14.99
N THR A 1250 12.12 -20.12 15.97
CA THR A 1250 11.58 -21.38 16.52
C THR A 1250 10.24 -21.10 17.20
N LEU A 1251 10.18 -20.02 17.97
CA LEU A 1251 8.91 -19.68 18.67
C LEU A 1251 7.80 -19.38 17.66
N THR A 1252 8.11 -18.64 16.60
CA THR A 1252 7.10 -18.31 15.57
C THR A 1252 6.65 -19.60 14.88
N GLU A 1253 7.59 -20.48 14.55
CA GLU A 1253 7.26 -21.76 13.86
C GLU A 1253 6.35 -22.59 14.75
N VAL A 1254 6.73 -22.77 16.02
CA VAL A 1254 5.97 -23.63 16.96
C VAL A 1254 4.60 -22.98 17.21
N LYS A 1255 4.55 -21.65 17.31
CA LYS A 1255 3.25 -20.94 17.48
C LYS A 1255 2.38 -21.22 16.25
N SER A 1256 2.96 -21.17 15.05
CA SER A 1256 2.16 -21.37 13.81
C SER A 1256 1.54 -22.77 13.83
N LYS A 1257 2.29 -23.78 14.27
CA LYS A 1257 1.79 -25.17 14.34
C LYS A 1257 0.67 -25.26 15.39
N LEU A 1258 0.83 -24.59 16.52
CA LEU A 1258 -0.19 -24.63 17.61
C LEU A 1258 -1.49 -24.00 17.15
N VAL A 1259 -1.44 -22.93 16.40
CA VAL A 1259 -2.68 -22.19 15.99
C VAL A 1259 -3.12 -22.65 14.60
N SER A 1260 -2.43 -23.60 13.97
CA SER A 1260 -2.72 -24.03 12.58
C SER A 1260 -4.13 -24.63 12.50
N ASN A 1261 -4.76 -24.57 11.33
CA ASN A 1261 -6.12 -25.12 11.14
C ASN A 1261 -6.14 -26.61 11.54
N ARG A 1262 -5.07 -27.35 11.25
CA ARG A 1262 -5.02 -28.79 11.56
C ARG A 1262 -5.09 -29.02 13.07
N ASN A 1263 -4.36 -28.24 13.85
CA ASN A 1263 -4.30 -28.43 15.32
C ASN A 1263 -5.68 -28.16 15.90
N LEU A 1264 -6.29 -27.04 15.52
CA LEU A 1264 -7.62 -26.66 16.05
C LEU A 1264 -8.65 -27.68 15.59
N LEU A 1265 -8.54 -28.18 14.35
CA LEU A 1265 -9.42 -29.26 13.82
C LEU A 1265 -9.35 -30.45 14.76
N PHE A 1266 -8.14 -30.93 15.04
CA PHE A 1266 -7.96 -32.16 15.85
C PHE A 1266 -8.42 -31.90 17.29
N CYS A 1267 -8.19 -30.72 17.83
CA CYS A 1267 -8.61 -30.36 19.20
C CYS A 1267 -10.14 -30.37 19.29
N LEU A 1268 -10.81 -29.76 18.32
CA LEU A 1268 -12.29 -29.67 18.39
C LEU A 1268 -12.91 -31.04 18.13
N ILE A 1269 -12.32 -31.83 17.23
CA ILE A 1269 -12.84 -33.20 16.97
C ILE A 1269 -12.70 -34.04 18.23
N ASP A 1270 -11.57 -33.91 18.93
CA ASP A 1270 -11.37 -34.59 20.23
C ASP A 1270 -12.42 -34.08 21.22
N ALA A 1271 -12.77 -32.80 21.16
CA ALA A 1271 -13.75 -32.18 22.08
C ALA A 1271 -15.18 -32.68 21.80
N ASP A 1272 -15.42 -33.37 20.67
CA ASP A 1272 -16.74 -33.97 20.30
C ASP A 1272 -17.78 -32.89 19.99
N ILE A 1273 -17.35 -31.67 19.69
CA ILE A 1273 -18.26 -30.54 19.34
C ILE A 1273 -18.64 -30.56 17.85
N PRO A 1274 -17.78 -30.92 16.87
CA PRO A 1274 -18.14 -30.78 15.44
C PRO A 1274 -19.39 -31.52 14.94
N LYS A 1275 -19.89 -32.48 15.72
CA LYS A 1275 -21.16 -33.15 15.38
C LYS A 1275 -22.33 -32.18 15.55
N THR A 1276 -22.23 -31.26 16.50
CA THR A 1276 -23.31 -30.29 16.79
C THR A 1276 -23.00 -28.95 16.12
N LEU A 1277 -22.88 -28.92 14.80
CA LEU A 1277 -22.54 -27.65 14.10
C LEU A 1277 -23.56 -27.33 13.01
N ASN A 1278 -23.92 -26.05 12.90
CA ASN A 1278 -24.86 -25.51 11.89
C ASN A 1278 -24.07 -25.12 10.65
N THR A 1279 -24.07 -25.94 9.61
CA THR A 1279 -23.21 -25.70 8.43
C THR A 1279 -23.89 -26.01 7.11
N ILE A 1280 -25.21 -26.20 7.07
CA ILE A 1280 -25.94 -26.47 5.79
C ILE A 1280 -27.10 -25.49 5.70
N GLN A 1281 -27.40 -25.06 4.47
CA GLN A 1281 -28.53 -24.13 4.23
C GLN A 1281 -29.82 -24.89 4.46
N PHE A 1282 -30.83 -24.24 5.00
CA PHE A 1282 -32.10 -24.92 5.42
C PHE A 1282 -33.09 -24.98 4.26
N THR A 1283 -33.00 -26.02 3.44
CA THR A 1283 -34.00 -26.37 2.40
C THR A 1283 -34.85 -27.49 2.95
N PRO A 1284 -36.04 -27.22 3.54
CA PRO A 1284 -36.82 -28.28 4.16
C PRO A 1284 -37.42 -29.26 3.16
N ARG A 1285 -37.33 -29.01 1.85
CA ARG A 1285 -38.03 -29.86 0.85
C ARG A 1285 -37.06 -30.87 0.23
N TYR A 1286 -35.76 -30.57 0.14
CA TYR A 1286 -34.79 -31.45 -0.52
C TYR A 1286 -33.86 -32.10 0.50
N THR A 1287 -33.39 -31.37 1.51
CA THR A 1287 -32.31 -31.90 2.39
C THR A 1287 -32.68 -31.81 3.87
N TRP A 1288 -33.92 -32.12 4.25
CA TRP A 1288 -34.28 -32.15 5.69
C TRP A 1288 -35.13 -33.38 6.00
N LEU A 1289 -34.73 -34.18 6.98
CA LEU A 1289 -35.58 -35.32 7.44
C LEU A 1289 -36.34 -34.82 8.65
N PRO A 1290 -37.67 -34.63 8.56
CA PRO A 1290 -38.45 -34.05 9.65
C PRO A 1290 -38.45 -34.92 10.91
N PRO A 1291 -38.68 -34.35 12.10
CA PRO A 1291 -38.82 -35.14 13.33
C PRO A 1291 -39.88 -36.25 13.23
N GLY A 1292 -39.64 -37.40 13.86
CA GLY A 1292 -40.66 -38.46 13.95
C GLY A 1292 -40.77 -39.30 12.70
N ILE A 1293 -40.09 -38.94 11.60
CA ILE A 1293 -40.17 -39.70 10.33
C ILE A 1293 -38.74 -39.94 9.85
N SER A 1294 -38.49 -41.05 9.17
CA SER A 1294 -37.14 -41.42 8.69
C SER A 1294 -37.23 -42.40 7.53
N LEU A 1295 -36.07 -42.80 7.04
CA LEU A 1295 -35.95 -43.85 6.01
C LEU A 1295 -36.40 -45.17 6.64
N PRO A 1296 -36.88 -46.17 5.86
CA PRO A 1296 -37.41 -47.42 6.42
C PRO A 1296 -36.35 -48.13 7.26
N HIS A 1297 -36.76 -48.74 8.38
CA HIS A 1297 -35.77 -49.36 9.30
C HIS A 1297 -34.95 -50.42 8.55
N ASN A 1298 -35.55 -51.13 7.60
CA ASN A 1298 -34.87 -52.22 6.85
C ASN A 1298 -33.72 -51.65 6.02
N VAL A 1299 -33.99 -50.64 5.21
CA VAL A 1299 -32.97 -50.00 4.33
C VAL A 1299 -31.93 -49.32 5.23
N LEU A 1300 -32.38 -48.63 6.27
CA LEU A 1300 -31.45 -47.85 7.13
C LEU A 1300 -30.47 -48.82 7.80
N ALA A 1301 -30.96 -49.97 8.25
CA ALA A 1301 -30.11 -51.01 8.85
C ALA A 1301 -29.09 -51.49 7.80
N LEU A 1302 -29.52 -51.67 6.55
CA LEU A 1302 -28.63 -52.20 5.48
C LEU A 1302 -27.43 -51.26 5.33
N TRP A 1303 -27.69 -49.95 5.35
CA TRP A 1303 -26.68 -48.86 5.21
C TRP A 1303 -25.65 -48.98 6.33
N ARG A 1304 -26.10 -49.08 7.58
CA ARG A 1304 -25.22 -49.04 8.77
C ARG A 1304 -24.53 -50.41 8.94
N GLU A 1305 -25.29 -51.51 8.85
CA GLU A 1305 -24.73 -52.88 9.05
C GLU A 1305 -23.74 -53.21 7.93
N ASN A 1306 -24.06 -52.86 6.68
CA ASN A 1306 -23.19 -53.24 5.54
C ASN A 1306 -22.54 -51.99 4.94
N PRO A 1307 -21.24 -51.68 5.22
CA PRO A 1307 -20.60 -50.53 4.58
C PRO A 1307 -20.33 -50.78 3.09
N GLU A 1308 -20.43 -52.04 2.68
CA GLU A 1308 -20.15 -52.45 1.28
C GLU A 1308 -21.18 -51.79 0.36
N PHE A 1309 -22.45 -51.80 0.75
CA PHE A 1309 -23.58 -51.30 -0.08
C PHE A 1309 -23.79 -49.81 0.17
N ALA A 1310 -23.14 -49.25 1.19
CA ALA A 1310 -23.42 -47.85 1.61
C ALA A 1310 -23.09 -46.89 0.46
N LYS A 1311 -21.95 -47.10 -0.18
CA LYS A 1311 -21.45 -46.20 -1.26
C LYS A 1311 -22.45 -46.21 -2.43
N ILE A 1312 -22.97 -47.37 -2.80
CA ILE A 1312 -23.75 -47.55 -4.06
C ILE A 1312 -25.09 -46.80 -3.91
N ILE A 1313 -25.73 -46.86 -2.74
CA ILE A 1313 -27.09 -46.27 -2.56
C ILE A 1313 -27.08 -44.81 -3.01
N GLY A 1314 -27.91 -44.45 -3.97
CA GLY A 1314 -27.94 -43.11 -4.59
C GLY A 1314 -29.35 -42.55 -4.54
N PRO A 1315 -29.58 -41.25 -4.83
CA PRO A 1315 -30.92 -40.67 -4.72
C PRO A 1315 -31.90 -41.38 -5.65
N HIS A 1316 -31.50 -41.68 -6.89
CA HIS A 1316 -32.40 -42.33 -7.88
C HIS A 1316 -32.95 -43.63 -7.31
N ASN A 1317 -32.08 -44.44 -6.71
CA ASN A 1317 -32.47 -45.74 -6.10
C ASN A 1317 -33.53 -45.52 -5.02
N LEU A 1318 -33.27 -44.59 -4.09
CA LEU A 1318 -34.16 -44.35 -2.93
C LEU A 1318 -35.54 -43.89 -3.39
N ARG A 1319 -35.61 -43.03 -4.40
CA ARG A 1319 -36.89 -42.46 -4.90
C ARG A 1319 -37.80 -43.59 -5.37
N ASP A 1320 -37.24 -44.63 -6.01
CA ASP A 1320 -38.01 -45.74 -6.62
C ASP A 1320 -38.77 -46.53 -5.55
N LEU A 1321 -38.34 -46.51 -4.29
CA LEU A 1321 -38.99 -47.31 -3.22
C LEU A 1321 -40.50 -47.11 -3.27
N ALA A 1322 -40.96 -45.86 -3.19
CA ALA A 1322 -42.39 -45.50 -3.34
C ALA A 1322 -43.29 -46.37 -2.46
N LEU A 1323 -42.85 -46.68 -1.24
CA LEU A 1323 -43.70 -47.44 -0.29
C LEU A 1323 -44.89 -46.53 0.06
N GLY A 1324 -46.06 -47.10 0.35
CA GLY A 1324 -47.22 -46.29 0.75
C GLY A 1324 -48.14 -47.05 1.67
N ASP A 1325 -49.27 -46.45 2.04
CA ASP A 1325 -50.33 -47.11 2.84
C ASP A 1325 -49.71 -47.70 4.12
N GLU A 1326 -49.82 -49.02 4.35
CA GLU A 1326 -49.36 -49.68 5.60
C GLU A 1326 -47.86 -49.44 5.82
N GLU A 1327 -47.03 -49.71 4.82
CA GLU A 1327 -45.55 -49.67 4.97
C GLU A 1327 -45.11 -48.26 5.39
N SER A 1328 -45.81 -47.22 4.96
CA SER A 1328 -45.40 -45.83 5.25
C SER A 1328 -45.90 -45.43 6.63
N LEU A 1329 -47.08 -45.88 7.03
CA LEU A 1329 -47.67 -45.44 8.32
C LEU A 1329 -47.57 -46.53 9.40
N VAL A 1330 -48.48 -47.51 9.41
CA VAL A 1330 -48.63 -48.47 10.55
C VAL A 1330 -47.36 -49.32 10.72
N LYS A 1331 -46.81 -49.91 9.65
CA LYS A 1331 -45.58 -50.74 9.69
C LYS A 1331 -44.39 -49.82 9.43
N GLY A 1332 -43.19 -50.22 9.86
CA GLY A 1332 -41.99 -49.37 9.76
C GLY A 1332 -40.95 -49.93 8.80
N ASN A 1333 -41.20 -51.08 8.19
CA ASN A 1333 -40.18 -51.77 7.36
C ASN A 1333 -40.73 -51.83 5.94
N CYS A 1334 -39.88 -51.61 4.95
CA CYS A 1334 -40.26 -51.74 3.51
C CYS A 1334 -40.52 -53.22 3.23
N SER A 1335 -41.53 -53.54 2.42
CA SER A 1335 -41.94 -54.95 2.12
C SER A 1335 -40.84 -55.74 1.40
N ASP A 1336 -40.85 -57.07 1.55
CA ASP A 1336 -39.84 -57.98 0.96
C ASP A 1336 -39.65 -57.63 -0.53
N ILE A 1337 -40.74 -57.50 -1.26
CA ILE A 1337 -40.67 -57.20 -2.72
C ILE A 1337 -39.91 -55.90 -2.90
N ASN A 1338 -40.35 -54.84 -2.21
CA ASN A 1338 -39.70 -53.51 -2.30
C ASN A 1338 -38.22 -53.66 -1.94
N TYR A 1339 -37.91 -54.37 -0.86
CA TYR A 1339 -36.51 -54.48 -0.37
C TYR A 1339 -35.66 -55.09 -1.48
N ASN A 1340 -36.10 -56.22 -2.04
CA ASN A 1340 -35.29 -56.94 -3.04
C ASN A 1340 -35.11 -56.02 -4.25
N ARG A 1341 -36.20 -55.36 -4.65
CA ARG A 1341 -36.15 -54.50 -5.85
C ARG A 1341 -35.09 -53.43 -5.61
N PHE A 1342 -35.16 -52.75 -4.46
CA PHE A 1342 -34.21 -51.67 -4.09
C PHE A 1342 -32.79 -52.21 -4.22
N VAL A 1343 -32.51 -53.30 -3.52
CA VAL A 1343 -31.13 -53.87 -3.47
C VAL A 1343 -30.65 -54.10 -4.91
N GLU A 1344 -31.48 -54.73 -5.75
CA GLU A 1344 -31.08 -55.09 -7.13
C GLU A 1344 -30.82 -53.82 -7.92
N GLY A 1345 -31.73 -52.85 -7.83
CA GLY A 1345 -31.60 -51.58 -8.57
C GLY A 1345 -30.28 -50.92 -8.22
N CYS A 1346 -29.97 -50.83 -6.93
CA CYS A 1346 -28.75 -50.10 -6.53
C CYS A 1346 -27.53 -50.87 -7.06
N ARG A 1347 -27.42 -52.18 -6.86
CA ARG A 1347 -26.18 -52.89 -7.30
C ARG A 1347 -26.06 -52.78 -8.83
N ALA A 1348 -27.19 -52.79 -9.54
CA ALA A 1348 -27.22 -52.63 -11.00
C ALA A 1348 -26.74 -51.23 -11.36
N ASN A 1349 -26.88 -50.27 -10.44
CA ASN A 1349 -26.47 -48.88 -10.69
C ASN A 1349 -24.97 -48.83 -10.98
N GLY A 1350 -24.18 -49.78 -10.46
CA GLY A 1350 -22.75 -49.89 -10.84
C GLY A 1350 -22.60 -49.96 -12.35
N GLN A 1351 -23.40 -50.80 -12.99
CA GLN A 1351 -23.42 -50.94 -14.46
C GLN A 1351 -24.46 -49.97 -15.02
N SER A 1352 -24.24 -48.66 -14.91
CA SER A 1352 -25.23 -47.65 -15.36
C SER A 1352 -24.56 -46.30 -15.65
N PHE A 1353 -25.33 -45.35 -16.18
CA PHE A 1353 -24.88 -43.95 -16.40
C PHE A 1353 -24.41 -43.38 -15.06
N TYR A 1354 -25.13 -43.70 -13.99
CA TYR A 1354 -24.79 -43.26 -12.62
C TYR A 1354 -23.76 -44.20 -12.00
N ALA A 1355 -22.54 -44.26 -12.53
CA ALA A 1355 -21.42 -45.01 -11.92
C ALA A 1355 -20.50 -44.05 -11.16
N GLY A 1356 -20.89 -42.78 -11.02
CA GLY A 1356 -20.08 -41.71 -10.41
C GLY A 1356 -19.80 -41.96 -8.94
N ALA A 1357 -20.80 -42.43 -8.19
CA ALA A 1357 -20.68 -42.75 -6.74
C ALA A 1357 -20.35 -41.50 -5.91
N ASP A 1358 -20.50 -40.30 -6.47
CA ASP A 1358 -20.42 -39.04 -5.68
C ASP A 1358 -21.82 -38.80 -5.12
N PHE A 1359 -22.56 -39.87 -4.84
CA PHE A 1359 -23.96 -39.77 -4.37
C PHE A 1359 -23.98 -39.38 -2.89
N SER A 1360 -22.81 -39.20 -2.29
CA SER A 1360 -22.73 -38.91 -0.83
C SER A 1360 -23.51 -37.64 -0.49
N SER A 1361 -23.36 -36.56 -1.25
CA SER A 1361 -23.97 -35.27 -0.89
C SER A 1361 -25.50 -35.39 -0.85
N GLU A 1362 -26.11 -36.02 -1.86
CA GLU A 1362 -27.59 -36.08 -1.97
C GLU A 1362 -28.17 -36.95 -0.85
N VAL A 1363 -27.54 -38.07 -0.52
CA VAL A 1363 -28.14 -39.04 0.45
C VAL A 1363 -27.59 -38.83 1.86
N ASN A 1364 -26.69 -37.86 2.08
CA ASN A 1364 -26.07 -37.70 3.42
C ASN A 1364 -27.14 -37.35 4.46
N PHE A 1365 -28.08 -36.49 4.11
CA PHE A 1365 -29.12 -36.04 5.07
C PHE A 1365 -29.96 -37.23 5.50
N CYS A 1366 -29.98 -38.30 4.70
CA CYS A 1366 -30.85 -39.46 4.98
C CYS A 1366 -30.33 -40.28 6.15
N VAL A 1367 -29.02 -40.28 6.39
CA VAL A 1367 -28.43 -41.17 7.42
C VAL A 1367 -27.68 -40.32 8.45
N GLY A 1368 -28.00 -39.03 8.52
CA GLY A 1368 -27.42 -38.13 9.53
C GLY A 1368 -25.91 -37.99 9.42
N LEU A 1369 -25.40 -37.74 8.21
CA LEU A 1369 -23.98 -37.37 8.02
C LEU A 1369 -23.92 -36.00 7.37
N VAL A 1370 -22.92 -35.21 7.74
CA VAL A 1370 -22.73 -33.83 7.19
C VAL A 1370 -21.25 -33.65 6.94
N THR A 1371 -20.87 -33.31 5.71
CA THR A 1371 -19.47 -33.05 5.33
C THR A 1371 -19.18 -31.57 5.62
N ILE A 1372 -18.22 -31.28 6.51
CA ILE A 1372 -17.90 -29.88 6.92
C ILE A 1372 -16.47 -29.59 6.52
N PRO A 1373 -16.17 -28.47 5.82
CA PRO A 1373 -14.80 -28.10 5.49
C PRO A 1373 -13.93 -27.91 6.74
N ASN A 1374 -12.66 -28.28 6.67
CA ASN A 1374 -11.72 -28.27 7.84
C ASN A 1374 -11.52 -26.84 8.37
N LYS A 1375 -11.83 -25.80 7.59
CA LYS A 1375 -11.70 -24.39 8.03
C LYS A 1375 -12.86 -24.00 8.95
N VAL A 1376 -14.06 -24.52 8.71
CA VAL A 1376 -15.25 -24.15 9.53
C VAL A 1376 -15.04 -24.69 10.95
N ILE A 1377 -14.26 -25.75 11.10
CA ILE A 1377 -14.04 -26.40 12.43
C ILE A 1377 -13.14 -25.49 13.28
N ALA A 1378 -12.00 -25.05 12.75
CA ALA A 1378 -11.09 -24.12 13.46
C ALA A 1378 -11.79 -22.78 13.73
N ASP A 1379 -12.56 -22.29 12.77
CA ASP A 1379 -13.34 -21.05 12.97
C ASP A 1379 -14.29 -21.22 14.15
N THR A 1380 -14.83 -22.42 14.34
CA THR A 1380 -15.73 -22.69 15.48
C THR A 1380 -14.93 -22.64 16.77
N LEU A 1381 -13.76 -23.29 16.82
CA LEU A 1381 -12.98 -23.37 18.08
C LEU A 1381 -12.65 -21.94 18.52
N GLU A 1382 -12.20 -21.11 17.58
CA GLU A 1382 -11.86 -19.68 17.86
C GLU A 1382 -13.10 -18.90 18.29
N ALA A 1383 -14.24 -19.13 17.65
CA ALA A 1383 -15.50 -18.43 17.99
C ALA A 1383 -15.91 -18.78 19.43
N LEU A 1384 -15.79 -20.05 19.80
CA LEU A 1384 -16.13 -20.50 21.19
C LEU A 1384 -15.21 -19.81 22.19
N LEU A 1385 -13.91 -19.69 21.88
CA LEU A 1385 -12.95 -18.95 22.75
C LEU A 1385 -13.40 -17.49 22.84
N GLY A 1386 -13.85 -16.93 21.72
CA GLY A 1386 -14.30 -15.53 21.66
C GLY A 1386 -15.47 -15.27 22.59
N VAL A 1387 -16.39 -16.22 22.71
CA VAL A 1387 -17.62 -16.00 23.53
C VAL A 1387 -17.15 -15.96 24.97
N ILE A 1388 -16.18 -16.79 25.30
CA ILE A 1388 -15.62 -16.80 26.67
C ILE A 1388 -14.82 -15.51 26.87
N VAL A 1389 -14.05 -15.07 25.88
CA VAL A 1389 -13.24 -13.83 26.10
C VAL A 1389 -14.18 -12.65 26.31
N LYS A 1390 -15.17 -12.47 25.44
CA LYS A 1390 -16.05 -11.28 25.51
C LYS A 1390 -16.73 -11.21 26.88
N ASN A 1391 -17.43 -12.26 27.29
CA ASN A 1391 -18.33 -12.22 28.46
C ASN A 1391 -17.61 -12.48 29.78
N TYR A 1392 -16.46 -13.16 29.79
CA TYR A 1392 -15.88 -13.56 31.09
C TYR A 1392 -14.56 -12.82 31.35
N GLY A 1393 -13.69 -12.68 30.35
CA GLY A 1393 -12.41 -11.97 30.51
C GLY A 1393 -11.25 -12.89 30.19
N LEU A 1394 -10.04 -12.32 30.12
CA LEU A 1394 -8.83 -13.05 29.66
C LEU A 1394 -8.51 -14.21 30.60
N GLN A 1395 -8.55 -13.99 31.91
CA GLN A 1395 -8.14 -15.01 32.91
C GLN A 1395 -8.96 -16.29 32.70
N HIS A 1396 -10.29 -16.16 32.73
CA HIS A 1396 -11.22 -17.33 32.59
C HIS A 1396 -11.00 -17.99 31.23
N ALA A 1397 -10.77 -17.20 30.17
CA ALA A 1397 -10.55 -17.72 28.82
C ALA A 1397 -9.28 -18.59 28.76
N PHE A 1398 -8.25 -18.24 29.53
CA PHE A 1398 -6.98 -19.00 29.52
C PHE A 1398 -7.25 -20.43 29.95
N LYS A 1399 -8.17 -20.62 30.90
CA LYS A 1399 -8.49 -21.97 31.42
C LYS A 1399 -9.07 -22.82 30.30
N MET A 1400 -9.82 -22.21 29.38
CA MET A 1400 -10.48 -22.93 28.26
C MET A 1400 -9.43 -23.57 27.36
N LEU A 1401 -8.27 -22.94 27.18
CA LEU A 1401 -7.24 -23.51 26.28
C LEU A 1401 -6.77 -24.85 26.82
N GLU A 1402 -6.71 -24.99 28.14
CA GLU A 1402 -6.35 -26.30 28.77
C GLU A 1402 -7.44 -27.32 28.45
N TYR A 1403 -8.71 -26.91 28.46
CA TYR A 1403 -9.86 -27.78 28.14
C TYR A 1403 -9.71 -28.32 26.73
N PHE A 1404 -9.34 -27.46 25.79
CA PHE A 1404 -9.23 -27.84 24.37
C PHE A 1404 -7.91 -28.56 24.13
N LYS A 1405 -7.06 -28.67 25.16
CA LYS A 1405 -5.76 -29.37 25.07
C LYS A 1405 -4.87 -28.66 24.06
N ILE A 1406 -4.97 -27.34 23.95
CA ILE A 1406 -4.06 -26.56 23.05
C ILE A 1406 -2.77 -26.32 23.83
N CYS A 1407 -2.90 -25.97 25.10
CA CYS A 1407 -1.75 -25.68 26.00
C CYS A 1407 -1.69 -26.73 27.10
N ARG A 1408 -0.64 -27.55 27.15
CA ARG A 1408 -0.46 -28.53 28.25
C ARG A 1408 0.15 -27.81 29.44
N ALA A 1409 -0.66 -27.40 30.41
CA ALA A 1409 -0.17 -26.59 31.56
C ALA A 1409 0.76 -27.45 32.41
N ASP A 1410 1.97 -26.94 32.72
CA ASP A 1410 2.91 -27.63 33.64
C ASP A 1410 2.35 -27.52 35.06
N ILE A 1411 2.67 -28.47 35.93
CA ILE A 1411 2.16 -28.50 37.35
C ILE A 1411 2.62 -27.24 38.08
N ASP A 1412 3.86 -26.82 37.85
CA ASP A 1412 4.46 -25.66 38.56
C ASP A 1412 3.68 -24.37 38.26
N LYS A 1413 3.34 -24.12 36.99
CA LYS A 1413 2.76 -22.81 36.59
C LYS A 1413 1.34 -22.97 36.09
N PRO A 1414 0.35 -22.29 36.69
CA PRO A 1414 -1.04 -22.36 36.21
C PRO A 1414 -1.24 -21.62 34.87
N LEU A 1415 -2.09 -22.16 34.00
CA LEU A 1415 -2.40 -21.53 32.70
C LEU A 1415 -3.07 -20.18 32.94
N THR A 1416 -3.92 -20.10 33.94
CA THR A 1416 -4.69 -18.87 34.24
C THR A 1416 -3.71 -17.72 34.48
N GLN A 1417 -2.63 -17.97 35.20
CA GLN A 1417 -1.68 -16.88 35.55
C GLN A 1417 -0.66 -16.71 34.41
N LEU A 1418 -1.10 -16.71 33.16
CA LEU A 1418 -0.18 -16.55 31.99
C LEU A 1418 0.19 -15.08 31.85
N LEU A 1419 -0.74 -14.19 32.16
CA LEU A 1419 -0.53 -12.73 32.04
C LEU A 1419 0.59 -12.29 33.00
N ASN A 1420 0.56 -12.77 34.24
CA ASN A 1420 1.53 -12.31 35.28
C ASN A 1420 2.73 -13.26 35.31
N LEU A 1421 2.77 -14.24 34.43
CA LEU A 1421 3.93 -15.18 34.34
C LEU A 1421 5.14 -14.42 33.84
N GLU A 1422 6.34 -14.88 34.18
CA GLU A 1422 7.59 -14.15 33.85
C GLU A 1422 7.92 -14.41 32.37
N LEU A 1423 7.48 -13.53 31.50
CA LEU A 1423 7.79 -13.65 30.06
C LEU A 1423 9.30 -13.47 29.85
N GLY A 1424 9.92 -12.61 30.67
CA GLY A 1424 11.34 -12.20 30.58
C GLY A 1424 12.25 -13.25 29.95
N ASN A 1433 25.07 0.06 37.38
CA ASN A 1433 24.69 -0.51 36.07
C ASN A 1433 23.64 0.38 35.41
N THR A 1434 22.98 1.22 36.20
CA THR A 1434 22.03 2.23 35.69
C THR A 1434 22.73 3.17 34.72
N THR A 1435 23.92 3.66 35.07
CA THR A 1435 24.74 4.52 34.19
C THR A 1435 25.13 3.70 32.97
N GLU A 1436 25.38 2.40 33.18
CA GLU A 1436 25.77 1.51 32.07
C GLU A 1436 24.64 1.51 31.02
N ILE A 1437 23.41 1.35 31.47
CA ILE A 1437 22.24 1.32 30.57
C ILE A 1437 22.00 2.71 29.96
N ASP A 1438 22.06 3.77 30.76
CA ASP A 1438 21.75 5.15 30.26
C ASP A 1438 22.82 5.62 29.27
N GLY A 1439 23.98 4.97 29.23
CA GLY A 1439 25.00 5.26 28.21
C GLY A 1439 24.48 5.04 26.80
N PHE A 1440 23.71 3.97 26.59
CA PHE A 1440 23.13 3.68 25.25
C PHE A 1440 21.94 4.60 24.99
N LEU A 1441 21.17 4.91 26.04
CA LEU A 1441 19.94 5.71 25.90
C LEU A 1441 20.29 7.16 26.15
N ILE A 1442 20.57 7.97 25.13
CA ILE A 1442 21.01 9.36 25.44
C ILE A 1442 19.81 10.23 25.75
N ASN A 1443 18.99 10.57 24.76
CA ASN A 1443 17.87 11.51 25.03
C ASN A 1443 16.60 10.69 25.25
N HIS A 1444 16.64 9.75 26.18
CA HIS A 1444 15.50 8.83 26.45
C HIS A 1444 14.31 9.66 26.91
N TYR A 1445 14.54 10.88 27.37
CA TYR A 1445 13.42 11.77 27.77
C TYR A 1445 12.46 11.96 26.59
N TYR A 1446 12.98 12.21 25.40
CA TYR A 1446 12.11 12.52 24.23
C TYR A 1446 11.46 11.24 23.71
N LEU A 1447 12.15 10.10 23.77
CA LEU A 1447 11.55 8.80 23.38
C LEU A 1447 10.35 8.54 24.30
N GLU A 1448 10.54 8.76 25.59
CA GLU A 1448 9.50 8.48 26.61
C GLU A 1448 8.34 9.47 26.47
N LYS A 1449 8.62 10.72 26.13
CA LYS A 1449 7.57 11.75 25.91
C LYS A 1449 6.76 11.39 24.66
N ASN A 1450 7.42 10.94 23.60
CA ASN A 1450 6.71 10.63 22.32
C ASN A 1450 5.95 9.31 22.46
N LEU A 1451 6.49 8.32 23.19
CA LEU A 1451 5.78 7.03 23.45
C LEU A 1451 4.54 7.29 24.33
N GLY A 1452 4.62 8.23 25.27
CA GLY A 1452 3.52 8.55 26.20
C GLY A 1452 3.60 7.69 27.44
N TYR A 1453 4.79 7.16 27.72
CA TYR A 1453 5.07 6.30 28.89
C TYR A 1453 6.51 6.47 29.34
N THR A 1454 6.74 6.57 30.65
CA THR A 1454 8.10 6.70 31.25
C THR A 1454 8.47 5.35 31.86
N PHE A 1455 9.62 4.80 31.48
CA PHE A 1455 10.02 3.43 31.89
C PHE A 1455 10.64 3.48 33.30
N LYS A 1456 10.12 2.70 34.23
CA LYS A 1456 10.69 2.56 35.59
C LYS A 1456 12.03 1.84 35.48
N ASP A 1457 12.07 0.75 34.71
CA ASP A 1457 13.32 -0.02 34.46
C ASP A 1457 13.68 0.15 33.00
N ARG A 1458 14.85 0.66 32.67
CA ARG A 1458 15.19 1.00 31.28
C ARG A 1458 15.91 -0.18 30.62
N ARG A 1459 16.13 -1.27 31.34
CA ARG A 1459 16.71 -2.47 30.71
C ARG A 1459 15.79 -2.93 29.57
N TYR A 1460 14.48 -2.89 29.80
CA TYR A 1460 13.47 -3.29 28.79
C TYR A 1460 13.55 -2.36 27.58
N LEU A 1461 13.77 -1.07 27.82
CA LEU A 1461 13.84 -0.05 26.75
C LEU A 1461 15.08 -0.32 25.90
N LEU A 1462 16.20 -0.64 26.53
CA LEU A 1462 17.46 -0.91 25.80
C LEU A 1462 17.29 -2.19 24.99
N GLN A 1463 16.65 -3.21 25.56
CA GLN A 1463 16.44 -4.48 24.82
C GLN A 1463 15.56 -4.19 23.61
N ALA A 1464 14.52 -3.37 23.78
CA ALA A 1464 13.56 -3.08 22.71
C ALA A 1464 14.26 -2.37 21.57
N LEU A 1465 15.17 -1.45 21.87
CA LEU A 1465 15.82 -0.65 20.80
C LEU A 1465 17.00 -1.41 20.19
N THR A 1466 17.56 -2.41 20.86
CA THR A 1466 18.78 -3.11 20.35
C THR A 1466 18.41 -3.87 19.08
N HIS A 1467 19.36 -4.05 18.18
CA HIS A 1467 19.19 -4.80 16.91
C HIS A 1467 20.23 -5.91 16.91
N PRO A 1468 20.02 -7.06 16.25
CA PRO A 1468 21.00 -8.14 16.29
C PRO A 1468 22.41 -7.68 15.92
N SER A 1469 22.53 -6.82 14.91
CA SER A 1469 23.85 -6.33 14.42
C SER A 1469 24.60 -5.55 15.52
N TYR A 1470 23.91 -4.76 16.34
CA TYR A 1470 24.58 -3.94 17.39
C TYR A 1470 25.52 -4.82 18.22
N PRO A 1471 26.85 -4.59 18.22
CA PRO A 1471 27.80 -5.46 18.93
C PRO A 1471 28.19 -5.01 20.35
N THR A 1472 27.73 -3.85 20.79
CA THR A 1472 28.19 -3.22 22.05
C THR A 1472 27.26 -3.58 23.21
N ASN A 1473 25.98 -3.84 22.96
CA ASN A 1473 25.02 -4.10 24.06
C ASN A 1473 25.19 -5.53 24.55
N ARG A 1474 25.78 -5.72 25.71
CA ARG A 1474 25.97 -7.07 26.30
C ARG A 1474 25.15 -7.18 27.58
N ILE A 1475 24.38 -6.16 27.91
CA ILE A 1475 23.51 -6.18 29.11
C ILE A 1475 22.28 -7.02 28.79
N THR A 1476 21.60 -6.73 27.67
CA THR A 1476 20.31 -7.39 27.35
C THR A 1476 20.35 -8.03 25.97
N GLY A 1477 19.24 -8.65 25.56
CA GLY A 1477 19.11 -9.32 24.25
C GLY A 1477 18.62 -8.38 23.17
N SER A 1478 18.10 -8.91 22.07
CA SER A 1478 17.67 -8.08 20.91
C SER A 1478 16.18 -7.77 20.98
N TYR A 1479 15.66 -6.98 20.05
CA TYR A 1479 14.21 -6.71 19.96
C TYR A 1479 13.48 -8.01 19.64
N GLN A 1480 14.07 -8.87 18.81
CA GLN A 1480 13.41 -10.10 18.33
C GLN A 1480 12.64 -10.82 19.46
N GLU A 1481 13.21 -10.93 20.66
CA GLU A 1481 12.53 -11.68 21.76
C GLU A 1481 11.31 -10.90 22.21
N LEU A 1482 11.45 -9.61 22.42
CA LEU A 1482 10.33 -8.75 22.91
C LEU A 1482 9.32 -8.55 21.80
N GLU A 1483 9.74 -8.57 20.53
CA GLU A 1483 8.84 -8.34 19.37
C GLU A 1483 7.81 -9.47 19.31
N PHE A 1484 8.24 -10.72 19.51
CA PHE A 1484 7.32 -11.88 19.52
C PHE A 1484 6.16 -11.59 20.48
N ILE A 1485 6.42 -10.95 21.61
CA ILE A 1485 5.38 -10.74 22.65
C ILE A 1485 4.54 -9.54 22.24
N GLY A 1486 5.18 -8.49 21.73
CA GLY A 1486 4.51 -7.21 21.39
C GLY A 1486 3.51 -7.36 20.26
N ASP A 1487 3.83 -8.17 19.26
CA ASP A 1487 2.94 -8.37 18.10
C ASP A 1487 1.61 -8.94 18.60
N ALA A 1488 1.68 -9.95 19.47
CA ALA A 1488 0.48 -10.60 20.04
C ALA A 1488 -0.31 -9.60 20.88
N ILE A 1489 0.36 -8.88 21.78
CA ILE A 1489 -0.31 -7.92 22.70
C ILE A 1489 -1.03 -6.90 21.85
N LEU A 1490 -0.35 -6.31 20.88
CA LEU A 1490 -0.93 -5.24 20.03
C LEU A 1490 -2.12 -5.80 19.26
N ASP A 1491 -1.97 -6.98 18.67
CA ASP A 1491 -3.05 -7.56 17.84
C ASP A 1491 -4.30 -7.75 18.72
N PHE A 1492 -4.16 -8.34 19.90
CA PHE A 1492 -5.35 -8.61 20.75
C PHE A 1492 -5.99 -7.27 21.13
N LEU A 1493 -5.20 -6.30 21.56
CA LEU A 1493 -5.75 -5.02 22.06
C LEU A 1493 -6.47 -4.29 20.93
N ILE A 1494 -5.90 -4.27 19.74
CA ILE A 1494 -6.54 -3.62 18.55
C ILE A 1494 -7.79 -4.41 18.17
N SER A 1495 -7.71 -5.73 18.16
CA SER A 1495 -8.86 -6.59 17.79
C SER A 1495 -9.99 -6.41 18.79
N ALA A 1496 -9.70 -6.28 20.08
CA ALA A 1496 -10.74 -6.05 21.10
C ALA A 1496 -11.43 -4.71 20.83
N TYR A 1497 -10.68 -3.68 20.45
CA TYR A 1497 -11.24 -2.33 20.19
C TYR A 1497 -12.15 -2.38 18.97
N ILE A 1498 -11.66 -2.92 17.87
CA ILE A 1498 -12.43 -2.96 16.59
C ILE A 1498 -13.70 -3.80 16.82
N PHE A 1499 -13.62 -4.86 17.63
CA PHE A 1499 -14.78 -5.75 17.91
C PHE A 1499 -15.88 -4.96 18.60
N GLU A 1500 -15.55 -4.27 19.67
CA GLU A 1500 -16.56 -3.56 20.49
C GLU A 1500 -17.04 -2.30 19.77
N ASN A 1501 -16.11 -1.46 19.31
CA ASN A 1501 -16.47 -0.13 18.74
C ASN A 1501 -17.12 -0.29 17.37
N ASN A 1502 -16.51 -1.04 16.45
CA ASN A 1502 -16.98 -1.10 15.03
C ASN A 1502 -17.92 -2.29 14.85
N THR A 1503 -19.09 -2.26 15.49
CA THR A 1503 -20.14 -3.30 15.36
C THR A 1503 -20.72 -3.27 13.94
N LYS A 1504 -20.91 -2.10 13.35
CA LYS A 1504 -21.58 -1.97 12.04
C LYS A 1504 -20.56 -2.07 10.92
N MET A 1505 -19.89 -3.19 10.78
CA MET A 1505 -19.01 -3.43 9.62
C MET A 1505 -19.15 -4.90 9.32
N ASN A 1506 -19.31 -5.31 8.06
CA ASN A 1506 -19.34 -6.74 7.67
C ASN A 1506 -18.13 -7.42 8.31
N PRO A 1507 -18.27 -8.60 8.94
CA PRO A 1507 -17.12 -9.24 9.56
C PRO A 1507 -15.95 -9.33 8.60
N GLY A 1508 -16.20 -9.26 7.30
CA GLY A 1508 -15.16 -9.27 6.26
C GLY A 1508 -14.33 -8.01 6.27
N ALA A 1509 -14.94 -6.86 6.49
CA ALA A 1509 -14.20 -5.60 6.65
C ALA A 1509 -13.46 -5.60 7.98
N LEU A 1510 -14.07 -6.07 9.07
CA LEU A 1510 -13.37 -5.98 10.38
C LEU A 1510 -12.11 -6.81 10.29
N THR A 1511 -12.04 -7.76 9.37
CA THR A 1511 -10.78 -8.50 9.14
C THR A 1511 -9.81 -7.59 8.39
N ASP A 1512 -10.29 -6.92 7.35
CA ASP A 1512 -9.43 -6.04 6.50
C ASP A 1512 -8.87 -4.91 7.35
N LEU A 1513 -9.71 -4.26 8.16
CA LEU A 1513 -9.27 -3.19 9.09
C LEU A 1513 -8.14 -3.73 9.98
N ARG A 1514 -8.35 -4.88 10.63
CA ARG A 1514 -7.34 -5.50 11.53
C ARG A 1514 -6.04 -5.70 10.77
N SER A 1515 -6.11 -6.33 9.59
CA SER A 1515 -4.90 -6.65 8.79
C SER A 1515 -4.12 -5.37 8.51
N ALA A 1516 -4.80 -4.32 8.06
CA ALA A 1516 -4.16 -3.03 7.70
C ALA A 1516 -3.47 -2.43 8.93
N LEU A 1517 -4.16 -2.40 10.08
CA LEU A 1517 -3.64 -1.75 11.31
C LEU A 1517 -2.37 -2.47 11.78
N VAL A 1518 -2.31 -3.80 11.67
CA VAL A 1518 -1.20 -4.58 12.28
C VAL A 1518 -0.08 -4.74 11.24
N ASN A 1519 -0.26 -4.29 10.00
CA ASN A 1519 0.76 -4.49 8.94
C ASN A 1519 2.06 -3.80 9.37
N ASN A 1520 3.21 -4.38 9.02
CA ASN A 1520 4.54 -3.83 9.39
C ASN A 1520 4.66 -2.42 8.82
N THR A 1521 4.14 -2.19 7.61
CA THR A 1521 4.20 -0.86 6.94
C THR A 1521 3.50 0.17 7.82
N THR A 1522 2.31 -0.15 8.33
CA THR A 1522 1.52 0.78 9.18
C THR A 1522 2.32 1.06 10.44
N LEU A 1523 3.01 0.05 10.98
CA LEU A 1523 3.78 0.21 12.24
C LEU A 1523 5.01 1.05 11.95
N ALA A 1524 5.69 0.81 10.83
CA ALA A 1524 6.90 1.56 10.42
C ALA A 1524 6.54 3.05 10.34
N CYS A 1525 5.40 3.39 9.74
CA CYS A 1525 4.95 4.79 9.58
C CYS A 1525 4.76 5.45 10.95
N ILE A 1526 4.13 4.74 11.89
CA ILE A 1526 3.85 5.29 13.24
C ILE A 1526 5.19 5.45 13.98
N CYS A 1527 6.12 4.51 13.79
CA CYS A 1527 7.47 4.58 14.42
C CYS A 1527 8.20 5.83 13.93
N VAL A 1528 8.14 6.11 12.62
CA VAL A 1528 8.79 7.32 12.03
C VAL A 1528 8.07 8.57 12.55
N ARG A 1529 6.74 8.56 12.57
CA ARG A 1529 5.96 9.77 12.94
C ARG A 1529 6.28 10.16 14.37
N HIS A 1530 6.39 9.17 15.28
CA HIS A 1530 6.63 9.45 16.72
C HIS A 1530 8.10 9.69 16.99
N ARG A 1531 8.96 9.67 15.97
CA ARG A 1531 10.41 10.00 16.09
C ARG A 1531 11.10 8.96 16.96
N LEU A 1532 10.79 7.69 16.79
CA LEU A 1532 11.45 6.60 17.56
C LEU A 1532 12.53 5.94 16.70
N HIS A 1533 12.64 6.30 15.42
CA HIS A 1533 13.64 5.68 14.50
C HIS A 1533 15.06 6.07 14.93
N PHE A 1534 15.24 7.27 15.49
CA PHE A 1534 16.56 7.82 15.89
C PHE A 1534 17.19 6.96 17.00
N PHE A 1535 16.38 6.36 17.88
CA PHE A 1535 16.90 5.69 19.09
C PHE A 1535 17.30 4.25 18.82
N ILE A 1536 16.95 3.67 17.67
CA ILE A 1536 17.36 2.27 17.30
C ILE A 1536 18.88 2.15 17.34
N LEU A 1537 19.39 1.02 17.82
CA LEU A 1537 20.84 0.74 17.94
C LEU A 1537 21.22 -0.34 16.94
N ALA A 1538 21.78 0.03 15.80
CA ALA A 1538 22.23 -0.94 14.77
C ALA A 1538 23.51 -0.43 14.11
N GLU A 1539 24.21 -1.32 13.45
CA GLU A 1539 25.45 -0.98 12.71
C GLU A 1539 25.40 -1.63 11.33
N ASN A 1540 24.29 -1.45 10.62
CA ASN A 1540 24.19 -1.93 9.23
C ASN A 1540 24.09 -0.69 8.35
N ALA A 1541 24.93 -0.59 7.31
CA ALA A 1541 24.95 0.56 6.38
C ALA A 1541 23.69 0.53 5.51
N LYS A 1542 23.39 -0.63 4.93
CA LYS A 1542 22.19 -0.81 4.07
C LYS A 1542 20.96 -0.40 4.88
N LEU A 1543 20.84 -0.93 6.10
CA LEU A 1543 19.65 -0.65 6.93
C LEU A 1543 19.55 0.86 7.10
N SER A 1544 20.64 1.52 7.49
CA SER A 1544 20.64 2.98 7.75
C SER A 1544 20.25 3.69 6.46
N GLU A 1545 20.79 3.23 5.33
CA GLU A 1545 20.49 3.85 4.01
C GLU A 1545 18.97 3.77 3.76
N ILE A 1546 18.38 2.59 3.93
CA ILE A 1546 16.95 2.36 3.59
C ILE A 1546 16.06 3.09 4.61
N ILE A 1547 16.46 3.15 5.88
CA ILE A 1547 15.66 3.87 6.91
C ILE A 1547 15.61 5.35 6.55
N SER A 1548 16.75 5.93 6.15
CA SER A 1548 16.82 7.37 5.77
C SER A 1548 15.91 7.64 4.58
N LYS A 1549 15.95 6.76 3.57
CA LYS A 1549 15.11 6.93 2.36
C LYS A 1549 13.64 6.89 2.76
N PHE A 1550 13.26 5.95 3.64
CA PHE A 1550 11.85 5.76 4.03
C PHE A 1550 11.37 6.95 4.85
N VAL A 1551 12.25 7.50 5.69
CA VAL A 1551 11.89 8.67 6.55
C VAL A 1551 11.71 9.89 5.66
N ASN A 1552 12.57 10.07 4.66
CA ASN A 1552 12.42 11.19 3.70
C ASN A 1552 11.09 11.03 2.96
N PHE A 1553 10.77 9.82 2.52
CA PHE A 1553 9.51 9.56 1.79
C PHE A 1553 8.30 9.87 2.67
N GLN A 1554 8.36 9.46 3.94
CA GLN A 1554 7.22 9.65 4.87
C GLN A 1554 7.06 11.14 5.18
N GLU A 1555 8.18 11.84 5.35
CA GLU A 1555 8.15 13.30 5.63
C GLU A 1555 7.54 14.01 4.42
N SER A 1556 7.89 13.56 3.21
CA SER A 1556 7.30 14.13 1.97
C SER A 1556 5.79 13.90 1.98
N GLN A 1557 5.35 12.69 2.34
CA GLN A 1557 3.91 12.33 2.36
C GLN A 1557 3.16 13.12 3.43
N GLY A 1558 3.78 13.33 4.59
CA GLY A 1558 3.15 14.09 5.68
C GLY A 1558 2.96 13.25 6.91
N HIS A 1559 3.76 12.19 7.08
CA HIS A 1559 3.70 11.26 8.23
C HIS A 1559 2.30 10.66 8.33
N ARG A 1560 1.78 10.14 7.22
CA ARG A 1560 0.43 9.55 7.16
C ARG A 1560 0.53 8.28 6.30
N VAL A 1561 -0.33 7.29 6.56
CA VAL A 1561 -0.31 6.00 5.81
C VAL A 1561 -1.17 6.17 4.55
N THR A 1562 -0.53 6.40 3.41
CA THR A 1562 -1.20 6.52 2.09
C THR A 1562 -1.13 5.20 1.35
N ASN A 1563 -1.79 5.11 0.20
CA ASN A 1563 -1.73 3.91 -0.66
C ASN A 1563 -0.31 3.72 -1.18
N TYR A 1564 0.42 4.80 -1.43
CA TYR A 1564 1.79 4.73 -2.00
C TYR A 1564 2.67 3.93 -1.05
N VAL A 1565 2.54 4.13 0.25
CA VAL A 1565 3.35 3.39 1.25
C VAL A 1565 2.93 1.91 1.20
N ARG A 1566 1.64 1.63 1.09
CA ARG A 1566 1.15 0.23 1.13
C ARG A 1566 1.72 -0.52 -0.08
N ILE A 1567 1.71 0.08 -1.26
CA ILE A 1567 2.18 -0.60 -2.50
C ILE A 1567 3.70 -0.79 -2.45
N LEU A 1568 4.44 -0.01 -1.65
CA LEU A 1568 5.92 -0.11 -1.60
C LEU A 1568 6.34 -1.52 -1.20
N LEU A 1569 7.40 -2.04 -1.81
CA LEU A 1569 7.93 -3.38 -1.47
C LEU A 1569 8.24 -3.39 0.02
N GLU A 1570 8.08 -4.53 0.66
CA GLU A 1570 8.43 -4.71 2.09
C GLU A 1570 9.32 -5.94 2.20
N GLU A 1571 9.88 -6.19 3.38
CA GLU A 1571 10.81 -7.33 3.55
C GLU A 1571 10.07 -8.65 3.32
N ALA A 1572 8.83 -8.75 3.77
CA ALA A 1572 8.03 -10.00 3.65
C ALA A 1572 7.84 -10.36 2.17
N ASP A 1573 7.56 -9.37 1.32
CA ASP A 1573 7.35 -9.61 -0.14
C ASP A 1573 8.65 -10.09 -0.79
N VAL A 1574 9.81 -9.61 -0.32
CA VAL A 1574 11.14 -10.00 -0.88
C VAL A 1574 11.19 -9.57 -2.34
N ASN A 1616 15.77 -4.47 -4.49
CA ASN A 1616 15.87 -4.85 -3.04
C ASN A 1616 14.60 -4.41 -2.30
N VAL A 1617 14.70 -4.11 -1.00
CA VAL A 1617 13.55 -3.72 -0.14
C VAL A 1617 13.64 -2.22 0.14
N ASP A 1618 12.50 -1.54 0.23
CA ASP A 1618 12.46 -0.08 0.54
C ASP A 1618 11.65 0.18 1.80
N VAL A 1619 10.99 -0.83 2.37
CA VAL A 1619 10.33 -0.66 3.71
C VAL A 1619 11.03 -1.56 4.72
N PRO A 1620 11.93 -1.06 5.61
CA PRO A 1620 12.65 -1.93 6.55
C PRO A 1620 11.66 -2.51 7.58
N LYS A 1621 11.88 -3.74 8.00
CA LYS A 1621 10.97 -4.43 8.95
C LYS A 1621 11.33 -3.97 10.36
N ALA A 1622 12.55 -3.48 10.53
CA ALA A 1622 13.10 -3.05 11.83
C ALA A 1622 12.25 -1.93 12.44
N LEU A 1623 11.74 -1.01 11.62
CA LEU A 1623 11.00 0.15 12.14
C LEU A 1623 9.72 -0.34 12.84
N GLY A 1624 9.00 -1.30 12.23
CA GLY A 1624 7.77 -1.85 12.84
C GLY A 1624 8.08 -2.78 14.00
N ASP A 1625 9.15 -3.54 13.88
CA ASP A 1625 9.56 -4.47 14.95
C ASP A 1625 9.96 -3.71 16.20
N VAL A 1626 10.60 -2.56 16.05
CA VAL A 1626 11.00 -1.74 17.22
C VAL A 1626 9.75 -1.20 17.90
N LEU A 1627 8.73 -0.84 17.12
CA LEU A 1627 7.49 -0.30 17.74
C LEU A 1627 6.81 -1.43 18.51
N GLU A 1628 6.77 -2.63 17.94
CA GLU A 1628 6.17 -3.81 18.63
C GLU A 1628 6.99 -4.11 19.90
N ALA A 1629 8.32 -4.04 19.83
CA ALA A 1629 9.19 -4.31 21.00
C ALA A 1629 8.93 -3.25 22.08
N LEU A 1630 8.72 -2.00 21.69
CA LEU A 1630 8.46 -0.93 22.67
C LEU A 1630 7.11 -1.19 23.33
N ILE A 1631 6.12 -1.68 22.56
CA ILE A 1631 4.76 -1.98 23.09
C ILE A 1631 4.85 -3.16 24.06
N ALA A 1632 5.74 -4.13 23.81
CA ALA A 1632 5.96 -5.27 24.73
C ALA A 1632 6.67 -4.78 25.99
N ALA A 1633 7.69 -3.95 25.83
CA ALA A 1633 8.49 -3.41 26.95
C ALA A 1633 7.58 -2.58 27.88
N VAL A 1634 6.65 -1.82 27.32
CA VAL A 1634 5.70 -1.04 28.15
C VAL A 1634 4.95 -2.03 29.03
N TYR A 1635 4.44 -3.12 28.46
CA TYR A 1635 3.64 -4.08 29.25
C TYR A 1635 4.54 -4.73 30.29
N LEU A 1636 5.71 -5.20 29.87
CA LEU A 1636 6.57 -5.96 30.80
C LEU A 1636 6.86 -5.10 32.03
N ASP A 1637 7.13 -3.81 31.85
CA ASP A 1637 7.44 -2.91 32.98
C ASP A 1637 6.19 -2.63 33.80
N CYS A 1638 5.10 -2.20 33.17
CA CYS A 1638 3.87 -1.76 33.89
C CYS A 1638 3.11 -2.95 34.45
N ARG A 1639 3.06 -4.07 33.73
CA ARG A 1639 2.27 -5.29 34.08
C ARG A 1639 0.79 -4.90 34.18
N ASP A 1640 0.31 -4.06 33.26
CA ASP A 1640 -1.10 -3.63 33.22
C ASP A 1640 -1.51 -3.47 31.77
N LEU A 1641 -2.51 -4.23 31.32
CA LEU A 1641 -2.94 -4.20 29.92
C LEU A 1641 -3.79 -2.96 29.64
N GLN A 1642 -4.19 -2.20 30.67
CA GLN A 1642 -4.93 -0.93 30.45
C GLN A 1642 -3.95 0.19 30.13
N ARG A 1643 -2.81 0.23 30.82
CA ARG A 1643 -1.77 1.25 30.52
C ARG A 1643 -1.23 1.00 29.12
N THR A 1644 -0.97 -0.27 28.79
CA THR A 1644 -0.47 -0.65 27.46
C THR A 1644 -1.51 -0.24 26.42
N TRP A 1645 -2.80 -0.42 26.72
CA TRP A 1645 -3.85 0.03 25.78
C TRP A 1645 -3.74 1.55 25.61
N GLU A 1646 -3.67 2.30 26.71
CA GLU A 1646 -3.63 3.79 26.64
C GLU A 1646 -2.50 4.22 25.69
N VAL A 1647 -1.33 3.61 25.84
CA VAL A 1647 -0.17 3.95 24.98
C VAL A 1647 -0.51 3.61 23.52
N ILE A 1648 -1.04 2.40 23.29
CA ILE A 1648 -1.35 1.90 21.91
C ILE A 1648 -2.40 2.83 21.28
N PHE A 1649 -3.39 3.26 22.05
CA PHE A 1649 -4.47 4.10 21.50
C PHE A 1649 -3.92 5.47 21.15
N ASN A 1650 -3.13 6.06 22.03
CA ASN A 1650 -2.54 7.39 21.74
C ASN A 1650 -1.67 7.30 20.49
N LEU A 1651 -1.04 6.16 20.26
CA LEU A 1651 -0.22 5.99 19.03
C LEU A 1651 -1.11 5.80 17.80
N PHE A 1652 -2.14 4.96 17.87
CA PHE A 1652 -2.88 4.54 16.64
C PHE A 1652 -4.17 5.30 16.40
N GLU A 1653 -4.57 6.28 17.22
CA GLU A 1653 -5.91 6.90 17.11
C GLU A 1653 -6.13 7.49 15.71
N PRO A 1654 -5.22 8.32 15.14
CA PRO A 1654 -5.37 8.76 13.75
C PRO A 1654 -5.63 7.62 12.76
N GLU A 1655 -4.82 6.58 12.82
CA GLU A 1655 -4.98 5.41 11.91
C GLU A 1655 -6.36 4.79 12.15
N LEU A 1656 -6.76 4.58 13.40
CA LEU A 1656 -8.07 3.98 13.73
C LEU A 1656 -9.19 4.81 13.08
N GLN A 1657 -9.19 6.11 13.31
CA GLN A 1657 -10.28 6.98 12.77
C GLN A 1657 -10.27 6.90 11.24
N GLU A 1658 -9.10 7.04 10.63
CA GLU A 1658 -9.00 7.09 9.15
C GLU A 1658 -9.48 5.76 8.56
N PHE A 1659 -8.98 4.64 9.08
CA PHE A 1659 -9.28 3.32 8.48
C PHE A 1659 -10.70 2.88 8.82
N THR A 1660 -11.41 3.58 9.71
CA THR A 1660 -12.84 3.25 9.96
C THR A 1660 -13.68 3.93 8.89
N ARG A 1661 -13.34 5.18 8.56
CA ARG A 1661 -14.08 5.94 7.50
C ARG A 1661 -13.77 5.33 6.14
N LYS A 1662 -12.53 4.93 5.88
CA LYS A 1662 -12.12 4.38 4.56
C LYS A 1662 -11.24 3.14 4.76
N VAL A 1663 -11.86 1.99 4.97
CA VAL A 1663 -11.13 0.70 5.22
C VAL A 1663 -10.34 0.37 3.96
N PRO A 1664 -9.00 0.15 3.98
CA PRO A 1664 -8.28 -0.24 2.76
C PRO A 1664 -8.50 -1.73 2.42
N ILE A 1665 -8.19 -2.11 1.20
CA ILE A 1665 -8.50 -3.48 0.68
C ILE A 1665 -7.20 -4.13 0.22
N ASN A 1666 -7.29 -5.39 -0.17
CA ASN A 1666 -6.14 -6.20 -0.64
C ASN A 1666 -5.62 -5.59 -1.94
N HIS A 1667 -4.37 -5.85 -2.30
CA HIS A 1667 -3.76 -5.35 -3.54
C HIS A 1667 -4.34 -6.07 -4.76
N ILE A 1668 -4.63 -7.36 -4.64
CA ILE A 1668 -5.26 -8.16 -5.72
C ILE A 1668 -6.66 -7.59 -5.95
N ARG A 1669 -7.38 -7.28 -4.89
CA ARG A 1669 -8.76 -6.74 -4.97
C ARG A 1669 -8.72 -5.36 -5.63
N GLN A 1670 -7.75 -4.50 -5.29
CA GLN A 1670 -7.61 -3.16 -5.94
C GLN A 1670 -7.35 -3.32 -7.43
N LEU A 1671 -6.44 -4.23 -7.79
CA LEU A 1671 -6.04 -4.42 -9.20
C LEU A 1671 -7.23 -4.95 -10.00
N VAL A 1672 -8.06 -5.83 -9.42
CA VAL A 1672 -9.17 -6.49 -10.18
C VAL A 1672 -10.39 -5.57 -10.13
N GLU A 1673 -10.44 -4.59 -9.23
CA GLU A 1673 -11.58 -3.65 -9.16
C GLU A 1673 -11.25 -2.30 -9.82
N HIS A 1674 -10.04 -2.13 -10.36
CA HIS A 1674 -9.64 -0.91 -11.10
C HIS A 1674 -10.49 -0.82 -12.36
N LYS A 1675 -11.04 0.36 -12.66
CA LYS A 1675 -11.99 0.52 -13.79
C LYS A 1675 -11.30 0.27 -15.13
N HIS A 1676 -10.12 0.82 -15.36
CA HIS A 1676 -9.49 0.79 -16.71
C HIS A 1676 -8.52 -0.38 -16.88
N ALA A 1677 -8.00 -0.96 -15.80
CA ALA A 1677 -6.94 -1.99 -15.95
C ALA A 1677 -7.56 -3.36 -15.76
N LYS A 1678 -7.55 -4.20 -16.79
CA LYS A 1678 -8.08 -5.58 -16.67
C LYS A 1678 -6.91 -6.49 -16.34
N PRO A 1679 -6.72 -6.97 -15.09
CA PRO A 1679 -5.51 -7.73 -14.76
C PRO A 1679 -5.45 -9.14 -15.38
N VAL A 1680 -4.34 -9.49 -15.99
CA VAL A 1680 -4.12 -10.88 -16.50
C VAL A 1680 -2.93 -11.45 -15.73
N PHE A 1681 -3.14 -12.50 -14.94
CA PHE A 1681 -2.09 -13.07 -14.07
C PHE A 1681 -1.65 -14.41 -14.66
N SER A 1682 -0.35 -14.59 -14.86
CA SER A 1682 0.24 -15.87 -15.38
C SER A 1682 -0.25 -17.06 -14.55
N MET A 1692 7.24 -16.63 -10.01
CA MET A 1692 7.53 -15.65 -11.08
C MET A 1692 6.24 -15.32 -11.83
N VAL A 1693 5.15 -15.10 -11.09
CA VAL A 1693 3.83 -14.74 -11.70
C VAL A 1693 4.01 -13.39 -12.39
N SER A 1694 3.50 -13.25 -13.61
CA SER A 1694 3.66 -12.02 -14.43
C SER A 1694 2.28 -11.45 -14.73
N CYS A 1695 2.04 -10.19 -14.39
CA CYS A 1695 0.72 -9.55 -14.58
C CYS A 1695 0.74 -8.66 -15.82
N GLN A 1696 -0.10 -8.94 -16.81
CA GLN A 1696 -0.24 -8.09 -18.02
C GLN A 1696 -1.51 -7.24 -17.84
N PHE A 1697 -1.36 -5.93 -17.73
CA PHE A 1697 -2.50 -5.01 -17.48
C PHE A 1697 -2.47 -3.90 -18.51
N THR A 1698 -3.61 -3.28 -18.80
CA THR A 1698 -3.70 -2.16 -19.76
C THR A 1698 -3.80 -0.87 -18.95
N CYS A 1699 -2.80 0.00 -19.03
CA CYS A 1699 -2.79 1.29 -18.30
C CYS A 1699 -2.63 2.45 -19.29
N MET A 1700 -3.71 3.18 -19.56
CA MET A 1700 -3.72 4.37 -20.46
C MET A 1700 -3.03 4.07 -21.79
N GLU A 1701 -3.49 3.05 -22.52
CA GLU A 1701 -3.06 2.71 -23.90
C GLU A 1701 -1.71 1.98 -23.91
N LYS A 1702 -1.17 1.57 -22.77
CA LYS A 1702 0.05 0.73 -22.76
C LYS A 1702 -0.28 -0.57 -22.04
N THR A 1703 -0.05 -1.70 -22.67
CA THR A 1703 -0.20 -3.00 -21.97
C THR A 1703 1.18 -3.37 -21.44
N ILE A 1704 1.38 -3.28 -20.13
CA ILE A 1704 2.72 -3.54 -19.52
C ILE A 1704 2.64 -4.83 -18.74
N LYS A 1705 3.62 -5.71 -18.88
CA LYS A 1705 3.71 -6.95 -18.08
C LYS A 1705 4.82 -6.76 -17.06
N VAL A 1706 4.50 -6.91 -15.77
CA VAL A 1706 5.53 -6.83 -14.69
C VAL A 1706 5.60 -8.18 -13.99
N TYR A 1707 6.79 -8.69 -13.78
CA TYR A 1707 7.03 -10.03 -13.17
C TYR A 1707 7.18 -9.83 -11.65
N GLY A 1708 6.58 -10.72 -10.87
CA GLY A 1708 6.67 -10.70 -9.41
C GLY A 1708 7.49 -11.89 -9.00
N PHE A 1709 8.62 -11.67 -8.34
CA PHE A 1709 9.47 -12.77 -7.83
C PHE A 1709 9.24 -12.94 -6.34
N GLY A 1710 8.80 -14.14 -5.93
CA GLY A 1710 8.56 -14.45 -4.50
C GLY A 1710 8.72 -15.93 -4.24
N SER A 1711 9.17 -16.30 -3.05
CA SER A 1711 9.39 -17.73 -2.68
C SER A 1711 8.10 -18.51 -2.92
N ASN A 1712 6.96 -17.95 -2.52
CA ASN A 1712 5.64 -18.63 -2.65
C ASN A 1712 4.92 -18.09 -3.87
N LYS A 1713 4.02 -18.90 -4.43
CA LYS A 1713 3.18 -18.51 -5.58
C LYS A 1713 2.30 -17.31 -5.21
N ASP A 1714 1.71 -17.31 -4.02
CA ASP A 1714 0.90 -16.18 -3.54
C ASP A 1714 1.80 -14.96 -3.31
N GLN A 1715 3.01 -15.17 -2.80
CA GLN A 1715 3.98 -14.08 -2.53
C GLN A 1715 4.42 -13.46 -3.88
N ALA A 1716 4.63 -14.30 -4.90
CA ALA A 1716 5.02 -13.83 -6.25
C ALA A 1716 3.85 -13.09 -6.89
N LYS A 1717 2.63 -13.57 -6.70
CA LYS A 1717 1.41 -12.90 -7.23
C LYS A 1717 1.25 -11.54 -6.54
N LEU A 1718 1.49 -11.46 -5.24
CA LEU A 1718 1.35 -10.20 -4.48
C LEU A 1718 2.42 -9.21 -4.97
N SER A 1719 3.64 -9.69 -5.24
CA SER A 1719 4.73 -8.83 -5.76
C SER A 1719 4.34 -8.29 -7.13
N ALA A 1720 3.76 -9.13 -7.98
CA ALA A 1720 3.34 -8.73 -9.34
C ALA A 1720 2.24 -7.67 -9.23
N ALA A 1721 1.30 -7.89 -8.32
CA ALA A 1721 0.19 -6.94 -8.10
C ALA A 1721 0.75 -5.61 -7.58
N LYS A 1722 1.75 -5.66 -6.71
CA LYS A 1722 2.35 -4.44 -6.13
C LYS A 1722 3.08 -3.66 -7.21
N HIS A 1723 3.88 -4.36 -8.03
CA HIS A 1723 4.63 -3.73 -9.15
C HIS A 1723 3.64 -3.08 -10.12
N ALA A 1724 2.53 -3.78 -10.40
CA ALA A 1724 1.47 -3.26 -11.29
C ALA A 1724 0.88 -2.00 -10.68
N LEU A 1725 0.41 -2.07 -9.44
CA LEU A 1725 -0.23 -0.93 -8.77
C LEU A 1725 0.72 0.27 -8.78
N GLN A 1726 2.02 0.04 -8.64
CA GLN A 1726 3.02 1.14 -8.75
C GLN A 1726 2.95 1.76 -10.14
N GLN A 1727 2.94 0.95 -11.20
CA GLN A 1727 2.89 1.49 -12.58
C GLN A 1727 1.56 2.23 -12.77
N LEU A 1728 0.45 1.71 -12.26
CA LEU A 1728 -0.86 2.40 -12.40
C LEU A 1728 -0.81 3.74 -11.68
N SER A 1729 -0.22 3.78 -10.48
CA SER A 1729 -0.12 5.03 -9.69
C SER A 1729 0.73 6.05 -10.45
N LYS A 1730 1.74 5.57 -11.18
CA LYS A 1730 2.62 6.49 -11.95
C LYS A 1730 1.82 7.10 -13.11
N CYS A 1731 1.37 6.28 -14.04
CA CYS A 1731 0.67 6.74 -15.27
C CYS A 1731 -0.84 6.63 -15.06
N ASP A 1732 -1.38 7.39 -14.12
CA ASP A 1732 -2.84 7.41 -13.86
C ASP A 1732 -3.48 8.53 -14.68
N ALA A 1733 -4.78 8.76 -14.55
CA ALA A 1733 -5.39 9.80 -15.40
C ALA A 1733 -5.55 11.08 -14.60
N SER B 46 -26.94 7.49 -15.45
CA SER B 46 -26.82 8.90 -15.94
C SER B 46 -27.81 9.77 -15.19
N ALA B 47 -27.63 11.07 -15.16
CA ALA B 47 -28.56 11.91 -14.38
C ALA B 47 -29.99 11.69 -14.86
N VAL B 48 -30.20 11.72 -16.18
CA VAL B 48 -31.57 11.61 -16.74
C VAL B 48 -32.12 10.24 -16.36
N SER B 49 -31.29 9.22 -16.50
CA SER B 49 -31.73 7.83 -16.23
C SER B 49 -32.17 7.77 -14.77
N ALA B 50 -31.37 8.31 -13.86
CA ALA B 50 -31.68 8.25 -12.41
C ALA B 50 -32.98 9.02 -12.14
N LEU B 51 -33.17 10.20 -12.71
CA LEU B 51 -34.42 10.94 -12.44
C LEU B 51 -35.53 10.08 -13.02
N GLN B 52 -35.29 9.51 -14.20
CA GLN B 52 -36.32 8.67 -14.88
C GLN B 52 -36.73 7.53 -13.95
N GLU B 53 -35.76 6.82 -13.40
CA GLU B 53 -36.00 5.65 -12.50
C GLU B 53 -36.68 6.08 -11.20
N PHE B 54 -36.30 7.23 -10.64
CA PHE B 54 -36.87 7.74 -9.38
C PHE B 54 -38.35 7.98 -9.60
N CYS B 55 -38.74 8.61 -10.70
CA CYS B 55 -40.18 8.81 -10.96
C CYS B 55 -40.87 7.45 -10.99
N ALA B 56 -40.32 6.47 -11.70
CA ALA B 56 -40.99 5.16 -11.82
C ALA B 56 -41.18 4.57 -10.43
N ARG B 57 -40.13 4.61 -9.60
CA ARG B 57 -40.15 3.98 -8.25
C ARG B 57 -41.16 4.70 -7.35
N THR B 58 -41.21 6.03 -7.41
CA THR B 58 -42.11 6.79 -6.52
C THR B 58 -43.52 6.58 -7.06
N GLN B 59 -43.63 6.01 -8.25
CA GLN B 59 -44.96 5.88 -8.87
C GLN B 59 -45.59 7.29 -8.97
N ILE B 60 -44.88 8.24 -9.58
CA ILE B 60 -45.41 9.61 -9.85
C ILE B 60 -45.35 9.88 -11.35
N ASN B 61 -45.63 11.11 -11.77
CA ASN B 61 -45.58 11.55 -13.19
C ASN B 61 -44.13 11.59 -13.67
N LEU B 62 -43.88 11.20 -14.92
CA LEU B 62 -42.51 11.23 -15.53
C LEU B 62 -42.14 12.68 -15.81
N PRO B 63 -40.83 13.05 -15.83
CA PRO B 63 -40.41 14.44 -16.02
C PRO B 63 -40.73 14.91 -17.44
N THR B 64 -41.07 16.18 -17.63
CA THR B 64 -41.25 16.81 -18.96
C THR B 64 -40.07 17.75 -19.19
N TYR B 65 -39.40 17.65 -20.33
CA TYR B 65 -38.18 18.45 -20.60
C TYR B 65 -38.50 19.54 -21.63
N SER B 66 -38.27 20.81 -21.29
CA SER B 66 -38.47 21.94 -22.23
C SER B 66 -37.11 22.52 -22.61
N PHE B 67 -36.75 22.44 -23.90
CA PHE B 67 -35.47 22.99 -24.43
C PHE B 67 -35.79 24.25 -25.23
N ILE B 68 -35.17 25.37 -24.90
CA ILE B 68 -35.31 26.63 -25.71
C ILE B 68 -33.96 26.91 -26.37
N PRO B 69 -33.85 27.79 -27.40
CA PRO B 69 -32.56 28.04 -28.05
C PRO B 69 -31.52 28.69 -27.13
N GLY B 70 -31.97 29.56 -26.23
CA GLY B 70 -31.12 30.18 -25.19
C GLY B 70 -30.20 31.25 -25.74
N GLU B 71 -29.33 31.76 -24.86
CA GLU B 71 -28.40 32.88 -25.16
C GLU B 71 -27.15 32.32 -25.87
N ASP B 72 -26.44 33.20 -26.57
CA ASP B 72 -25.20 32.81 -27.29
C ASP B 72 -25.53 31.60 -28.18
N GLY B 73 -24.77 30.50 -28.09
CA GLY B 73 -25.00 29.30 -28.89
C GLY B 73 -25.53 28.13 -28.07
N GLY B 74 -25.92 28.36 -26.82
CA GLY B 74 -26.31 27.27 -25.91
C GLY B 74 -27.79 27.23 -25.61
N TYR B 75 -28.42 26.06 -25.77
CA TYR B 75 -29.85 25.87 -25.44
C TYR B 75 -30.01 25.82 -23.92
N VAL B 76 -31.17 26.17 -23.39
CA VAL B 76 -31.42 26.04 -21.91
C VAL B 76 -32.54 25.02 -21.72
N CYS B 77 -32.34 24.09 -20.78
CA CYS B 77 -33.33 23.00 -20.52
C CYS B 77 -34.03 23.25 -19.18
N LYS B 78 -35.36 23.35 -19.20
CA LYS B 78 -36.18 23.53 -17.98
C LYS B 78 -36.81 22.18 -17.67
N VAL B 79 -36.43 21.54 -16.55
CA VAL B 79 -37.06 20.26 -16.14
C VAL B 79 -38.36 20.59 -15.43
N GLU B 80 -39.50 20.10 -15.93
CA GLU B 80 -40.78 20.24 -15.20
C GLU B 80 -41.04 18.92 -14.49
N LEU B 81 -41.13 18.94 -13.16
CA LEU B 81 -41.33 17.69 -12.38
C LEU B 81 -42.53 17.89 -11.46
N LEU B 82 -43.13 16.82 -10.96
CA LEU B 82 -44.35 16.96 -10.13
C LEU B 82 -44.00 17.77 -8.88
N GLU B 83 -44.73 18.87 -8.64
CA GLU B 83 -44.60 19.73 -7.43
C GLU B 83 -43.24 20.42 -7.35
N ILE B 84 -42.48 20.55 -8.45
CA ILE B 84 -41.20 21.32 -8.41
C ILE B 84 -40.81 21.76 -9.82
N GLU B 85 -40.04 22.84 -9.95
CA GLU B 85 -39.55 23.35 -11.26
C GLU B 85 -38.04 23.55 -11.16
N ALA B 86 -37.29 23.25 -12.22
CA ALA B 86 -35.82 23.37 -12.19
C ALA B 86 -35.28 23.85 -13.55
N LEU B 87 -34.02 24.28 -13.58
CA LEU B 87 -33.37 24.85 -14.79
C LEU B 87 -31.93 24.36 -14.89
N GLY B 88 -31.46 24.13 -16.12
CA GLY B 88 -30.06 23.71 -16.39
C GLY B 88 -29.71 23.96 -17.85
N ASN B 89 -28.71 24.80 -18.13
CA ASN B 89 -28.40 25.20 -19.52
C ASN B 89 -26.98 24.76 -19.92
N GLY B 90 -26.82 24.31 -21.16
CA GLY B 90 -25.51 23.86 -21.67
C GLY B 90 -25.34 24.14 -23.15
N ARG B 91 -24.23 23.68 -23.73
CA ARG B 91 -23.93 23.93 -25.17
C ARG B 91 -24.89 23.13 -26.05
N SER B 92 -25.08 21.86 -25.77
CA SER B 92 -25.92 20.97 -26.61
C SER B 92 -27.20 20.59 -25.86
N LYS B 93 -28.19 20.08 -26.57
CA LYS B 93 -29.48 19.66 -25.97
C LYS B 93 -29.20 18.53 -24.97
N ARG B 94 -28.39 17.55 -25.36
CA ARG B 94 -28.03 16.44 -24.45
C ARG B 94 -27.31 17.02 -23.23
N ASP B 95 -26.39 17.95 -23.45
CA ASP B 95 -25.58 18.54 -22.34
C ASP B 95 -26.52 19.29 -21.40
N ALA B 96 -27.45 20.07 -21.93
CA ALA B 96 -28.39 20.86 -21.11
C ALA B 96 -29.28 19.91 -20.31
N LYS B 97 -29.73 18.82 -20.93
CA LYS B 97 -30.62 17.82 -20.30
C LYS B 97 -29.89 17.18 -19.12
N HIS B 98 -28.63 16.80 -19.32
CA HIS B 98 -27.87 16.07 -18.27
C HIS B 98 -27.45 17.03 -17.15
N LEU B 99 -27.57 18.34 -17.35
CA LEU B 99 -27.30 19.33 -16.27
C LEU B 99 -28.61 19.63 -15.56
N ALA B 100 -29.65 19.98 -16.33
CA ALA B 100 -31.01 20.13 -15.78
C ALA B 100 -31.22 19.00 -14.78
N ALA B 101 -31.02 17.78 -15.24
CA ALA B 101 -31.27 16.58 -14.42
C ALA B 101 -30.50 16.69 -13.10
N SER B 102 -29.22 17.04 -13.15
CA SER B 102 -28.41 17.09 -11.91
C SER B 102 -29.02 18.11 -10.96
N ASN B 103 -29.38 19.29 -11.47
CA ASN B 103 -29.87 20.40 -10.60
C ASN B 103 -31.18 19.98 -9.91
N ILE B 104 -32.14 19.47 -10.67
CA ILE B 104 -33.46 19.09 -10.08
C ILE B 104 -33.24 17.94 -9.10
N LEU B 105 -32.41 16.97 -9.47
CA LEU B 105 -32.17 15.78 -8.61
C LEU B 105 -31.63 16.26 -7.27
N ARG B 106 -30.74 17.24 -7.29
CA ARG B 106 -30.12 17.79 -6.05
C ARG B 106 -31.14 18.48 -5.14
N LYS B 107 -32.14 19.15 -5.70
CA LYS B 107 -33.18 19.85 -4.91
C LYS B 107 -34.15 18.81 -4.33
N ILE B 108 -34.36 17.71 -5.02
CA ILE B 108 -35.27 16.62 -4.54
C ILE B 108 -34.66 15.99 -3.29
N GLN B 109 -33.37 15.62 -3.33
CA GLN B 109 -32.68 15.06 -2.14
C GLN B 109 -32.50 16.12 -1.03
N LEU B 110 -32.30 17.38 -1.42
CA LEU B 110 -32.20 18.55 -0.50
C LEU B 110 -31.45 18.19 0.79
N THR B 131 -19.49 23.04 -14.93
CA THR B 131 -20.39 23.96 -15.67
C THR B 131 -20.21 23.73 -17.17
N ASN B 132 -21.19 24.12 -17.98
CA ASN B 132 -21.19 23.85 -19.44
C ASN B 132 -20.99 25.15 -20.21
N LEU B 133 -19.86 25.28 -20.92
CA LEU B 133 -19.58 26.44 -21.80
C LEU B 133 -20.50 26.32 -23.02
N ASN B 134 -20.92 27.43 -23.62
CA ASN B 134 -21.90 27.42 -24.73
C ASN B 134 -21.18 27.62 -26.07
N ARG B 135 -20.06 26.95 -26.28
CA ARG B 135 -19.25 27.06 -27.53
C ARG B 135 -18.42 25.78 -27.71
N ASP B 136 -17.84 25.59 -28.90
CA ASP B 136 -17.04 24.40 -29.26
C ASP B 136 -15.59 24.64 -28.81
N MET B 137 -15.26 24.20 -27.60
CA MET B 137 -13.92 24.46 -27.01
C MET B 137 -12.82 23.75 -27.81
N VAL B 138 -13.05 22.58 -28.39
CA VAL B 138 -11.98 21.93 -29.20
C VAL B 138 -11.59 22.90 -30.33
N LYS B 139 -12.59 23.39 -31.06
CA LYS B 139 -12.37 24.31 -32.19
C LYS B 139 -11.69 25.57 -31.67
N GLU B 140 -12.14 26.10 -30.54
CA GLU B 140 -11.58 27.36 -30.00
C GLU B 140 -10.09 27.16 -29.71
N LEU B 141 -9.73 26.03 -29.09
CA LEU B 141 -8.33 25.71 -28.73
C LEU B 141 -7.49 25.60 -30.00
N ARG B 142 -8.02 24.93 -31.03
CA ARG B 142 -7.27 24.78 -32.30
C ARG B 142 -7.03 26.19 -32.89
N ASP B 143 -8.05 27.04 -32.88
CA ASP B 143 -7.91 28.42 -33.44
C ASP B 143 -6.84 29.16 -32.65
N TYR B 144 -6.86 29.04 -31.32
CA TYR B 144 -5.90 29.75 -30.44
C TYR B 144 -4.48 29.30 -30.79
N CYS B 145 -4.28 28.00 -30.95
CA CYS B 145 -2.95 27.43 -31.28
C CYS B 145 -2.51 27.98 -32.64
N VAL B 146 -3.41 28.00 -33.63
CA VAL B 146 -3.07 28.52 -34.99
C VAL B 146 -2.64 29.98 -34.86
N ARG B 147 -3.33 30.77 -34.04
CA ARG B 147 -3.02 32.20 -33.83
C ARG B 147 -1.65 32.38 -33.17
N ARG B 148 -1.31 31.57 -32.16
CA ARG B 148 -0.07 31.81 -31.38
C ARG B 148 1.12 31.05 -31.96
N GLU B 149 0.92 30.34 -33.07
CA GLU B 149 1.95 29.47 -33.69
C GLU B 149 2.45 28.43 -32.67
N MET B 150 1.57 27.53 -32.24
CA MET B 150 1.91 26.44 -31.29
C MET B 150 1.60 25.12 -31.97
N PRO B 151 2.34 24.02 -31.70
CA PRO B 151 2.06 22.74 -32.35
C PRO B 151 0.57 22.42 -32.16
N LEU B 152 -0.13 22.08 -33.24
CA LEU B 152 -1.61 21.90 -33.22
C LEU B 152 -1.98 20.80 -32.21
N PRO B 153 -3.08 20.97 -31.44
CA PRO B 153 -3.50 20.00 -30.44
C PRO B 153 -3.97 18.67 -31.02
N CYS B 154 -3.68 17.56 -30.35
CA CYS B 154 -4.22 16.23 -30.74
C CYS B 154 -5.15 15.75 -29.63
N ILE B 155 -6.45 15.71 -29.88
CA ILE B 155 -7.46 15.28 -28.87
C ILE B 155 -7.99 13.94 -29.33
N GLU B 156 -7.82 12.88 -28.54
CA GLU B 156 -8.18 11.50 -28.95
C GLU B 156 -8.71 10.75 -27.74
N VAL B 157 -9.87 10.12 -27.88
CA VAL B 157 -10.45 9.28 -26.79
C VAL B 157 -9.58 8.03 -26.70
N VAL B 158 -8.92 7.85 -25.56
CA VAL B 158 -7.91 6.76 -25.37
C VAL B 158 -8.39 5.66 -24.41
N GLN B 159 -9.51 5.82 -23.71
CA GLN B 159 -9.96 4.71 -22.81
C GLN B 159 -11.47 4.73 -22.56
N GLN B 160 -12.16 3.63 -22.84
CA GLN B 160 -13.61 3.47 -22.59
C GLN B 160 -13.75 2.42 -21.50
N SER B 161 -14.44 2.73 -20.41
CA SER B 161 -14.65 1.76 -19.31
C SER B 161 -15.95 2.05 -18.57
N GLY B 162 -16.69 1.01 -18.18
CA GLY B 162 -17.96 1.12 -17.43
C GLY B 162 -19.11 0.49 -18.19
N THR B 163 -20.28 0.43 -17.54
CA THR B 163 -21.50 -0.27 -18.03
C THR B 163 -21.91 0.30 -19.38
N PRO B 164 -22.31 -0.50 -20.40
CA PRO B 164 -22.59 0.05 -21.72
C PRO B 164 -23.77 1.03 -21.71
N SER B 165 -24.59 0.99 -20.66
CA SER B 165 -25.71 1.95 -20.50
C SER B 165 -25.16 3.34 -20.17
N ALA B 166 -24.23 3.42 -19.22
CA ALA B 166 -23.61 4.70 -18.79
C ALA B 166 -22.12 4.47 -18.65
N PRO B 167 -21.33 4.63 -19.74
CA PRO B 167 -19.90 4.37 -19.67
C PRO B 167 -19.07 5.61 -19.27
N GLU B 168 -17.77 5.42 -19.13
CA GLU B 168 -16.83 6.53 -18.82
C GLU B 168 -15.72 6.57 -19.87
N PHE B 169 -15.53 7.70 -20.52
CA PHE B 169 -14.53 7.85 -21.60
C PHE B 169 -13.45 8.83 -21.16
N VAL B 170 -12.17 8.44 -21.26
CA VAL B 170 -11.03 9.34 -20.95
C VAL B 170 -10.36 9.67 -22.28
N ALA B 171 -10.14 10.96 -22.55
CA ALA B 171 -9.53 11.45 -23.81
C ALA B 171 -8.31 12.32 -23.47
N CYS B 172 -7.22 12.13 -24.20
CA CYS B 172 -5.99 12.92 -23.97
C CYS B 172 -5.95 14.09 -24.96
N CYS B 173 -5.44 15.22 -24.49
CA CYS B 173 -5.13 16.39 -25.32
C CYS B 173 -3.66 16.75 -25.14
N SER B 174 -2.88 16.69 -26.22
CA SER B 174 -1.42 16.87 -26.17
C SER B 174 -1.00 17.98 -27.12
N VAL B 175 -0.86 19.19 -26.61
CA VAL B 175 -0.21 20.30 -27.35
C VAL B 175 1.29 20.14 -27.15
N ALA B 176 2.02 19.75 -28.19
CA ALA B 176 3.43 19.34 -28.10
C ALA B 176 3.53 18.21 -27.06
N SER B 177 4.25 18.43 -25.96
CA SER B 177 4.47 17.42 -24.91
C SER B 177 3.53 17.63 -23.71
N ILE B 178 2.81 18.74 -23.65
CA ILE B 178 1.97 19.07 -22.47
C ILE B 178 0.65 18.32 -22.63
N VAL B 179 0.33 17.36 -21.75
CA VAL B 179 -0.92 16.55 -21.87
C VAL B 179 -1.80 16.86 -20.67
N ARG B 180 -3.09 17.08 -20.89
CA ARG B 180 -4.10 17.19 -19.81
C ARG B 180 -5.24 16.27 -20.18
N TYR B 181 -5.85 15.58 -19.22
CA TYR B 181 -6.88 14.54 -19.50
C TYR B 181 -8.28 15.04 -19.14
N GLY B 182 -9.26 14.85 -20.01
CA GLY B 182 -10.69 15.15 -19.73
C GLY B 182 -11.49 13.88 -19.77
N LYS B 183 -12.27 13.57 -18.73
CA LYS B 183 -13.06 12.31 -18.67
C LYS B 183 -14.53 12.65 -18.51
N SER B 184 -15.41 11.93 -19.22
CA SER B 184 -16.87 12.18 -19.14
C SER B 184 -17.66 10.92 -19.53
N ASP B 185 -18.97 11.07 -19.73
CA ASP B 185 -19.88 9.93 -20.01
C ASP B 185 -20.20 9.80 -21.51
N LYS B 186 -19.83 10.80 -22.32
CA LYS B 186 -20.06 10.78 -23.79
C LYS B 186 -18.72 11.05 -24.46
N LYS B 187 -18.44 10.43 -25.61
CA LYS B 187 -17.11 10.56 -26.27
C LYS B 187 -16.83 12.04 -26.55
N LYS B 188 -17.82 12.79 -27.03
CA LYS B 188 -17.66 14.21 -27.43
C LYS B 188 -17.40 15.08 -26.20
N ASP B 189 -18.18 14.87 -25.13
CA ASP B 189 -18.09 15.68 -23.90
C ASP B 189 -16.67 15.54 -23.33
N ALA B 190 -16.15 14.32 -23.25
CA ALA B 190 -14.79 14.04 -22.74
C ALA B 190 -13.75 14.79 -23.59
N ARG B 191 -13.87 14.74 -24.91
CA ARG B 191 -12.93 15.49 -25.79
C ARG B 191 -13.01 16.97 -25.43
N GLN B 192 -14.22 17.51 -25.28
CA GLN B 192 -14.41 18.94 -24.97
C GLN B 192 -13.75 19.21 -23.63
N ARG B 193 -13.92 18.31 -22.67
CA ARG B 193 -13.35 18.48 -21.29
C ARG B 193 -11.83 18.58 -21.40
N ALA B 194 -11.20 17.66 -22.11
CA ALA B 194 -9.74 17.68 -22.30
C ALA B 194 -9.33 19.03 -22.91
N ALA B 195 -10.03 19.45 -23.95
CA ALA B 195 -9.67 20.68 -24.68
C ALA B 195 -9.72 21.87 -23.74
N ILE B 196 -10.77 21.98 -22.91
CA ILE B 196 -10.95 23.12 -21.97
C ILE B 196 -9.75 23.15 -21.01
N GLU B 197 -9.44 22.04 -20.37
CA GLU B 197 -8.34 21.99 -19.37
C GLU B 197 -7.06 22.50 -20.03
N MET B 198 -6.73 22.01 -21.23
CA MET B 198 -5.47 22.37 -21.93
C MET B 198 -5.48 23.86 -22.24
N LEU B 199 -6.59 24.42 -22.70
CA LEU B 199 -6.63 25.86 -23.12
C LEU B 199 -6.27 26.74 -21.92
N ALA B 200 -6.81 26.43 -20.75
CA ALA B 200 -6.56 27.26 -19.55
C ALA B 200 -5.06 27.26 -19.23
N LEU B 201 -4.45 26.08 -19.25
CA LEU B 201 -3.01 25.94 -18.94
C LEU B 201 -2.19 26.68 -20.00
N ILE B 202 -2.54 26.53 -21.28
CA ILE B 202 -1.78 27.16 -22.40
C ILE B 202 -1.90 28.68 -22.29
N SER B 203 -3.09 29.17 -21.98
CA SER B 203 -3.35 30.64 -21.84
C SER B 203 -2.53 31.21 -20.69
N SER B 204 -2.45 30.49 -19.56
CA SER B 204 -1.69 30.96 -18.37
C SER B 204 -0.46 30.08 -18.13
N GLU B 229 -6.61 42.48 -29.67
CA GLU B 229 -7.19 41.55 -30.67
C GLU B 229 -7.12 42.17 -32.08
N SER B 230 -6.94 43.48 -32.19
CA SER B 230 -6.67 44.15 -33.48
C SER B 230 -5.19 44.02 -33.79
N MET B 231 -4.38 43.71 -32.79
CA MET B 231 -2.96 43.41 -33.05
C MET B 231 -2.88 42.39 -34.18
N GLU B 232 -3.74 41.38 -34.15
CA GLU B 232 -3.68 40.27 -35.13
C GLU B 232 -3.98 40.83 -36.53
N GLU B 233 -4.69 41.95 -36.63
CA GLU B 233 -4.92 42.62 -37.94
C GLU B 233 -3.61 43.23 -38.43
N LEU B 234 -2.86 43.87 -37.54
CA LEU B 234 -1.55 44.47 -37.90
C LEU B 234 -0.61 43.33 -38.30
N GLU B 235 -0.57 42.26 -37.51
CA GLU B 235 0.36 41.14 -37.75
C GLU B 235 -0.01 40.43 -39.06
N ALA B 236 -1.28 40.48 -39.47
CA ALA B 236 -1.73 39.88 -40.74
C ALA B 236 -1.16 40.65 -41.92
N LEU B 237 -1.20 41.98 -41.87
CA LEU B 237 -0.63 42.83 -42.96
C LEU B 237 0.88 42.66 -42.98
N ARG B 238 1.50 42.59 -41.80
CA ARG B 238 2.99 42.50 -41.70
C ARG B 238 3.47 41.18 -42.29
N ARG B 239 2.82 40.08 -41.94
CA ARG B 239 3.31 38.73 -42.32
C ARG B 239 2.13 37.82 -42.64
N LYS B 240 2.29 36.92 -43.60
CA LYS B 240 1.23 35.92 -43.91
C LYS B 240 1.01 35.03 -42.68
N LYS B 241 -0.23 34.89 -42.23
CA LYS B 241 -0.58 34.07 -41.05
C LYS B 241 -2.02 33.61 -41.18
N PHE B 242 -2.33 32.40 -40.74
CA PHE B 242 -3.68 31.79 -40.93
C PHE B 242 -4.67 32.45 -39.97
N THR B 243 -4.39 32.44 -38.66
CA THR B 243 -5.18 33.12 -37.60
C THR B 243 -6.50 32.36 -37.33
N THR B 244 -6.69 31.17 -37.89
CA THR B 244 -7.90 30.32 -37.65
C THR B 244 -7.65 28.93 -38.24
N TYR B 245 -8.38 27.90 -37.78
CA TYR B 245 -8.05 26.49 -38.15
C TYR B 245 -8.57 26.10 -39.53
N TRP B 246 -9.80 26.47 -39.92
CA TRP B 246 -10.40 26.04 -41.21
C TRP B 246 -9.62 26.68 -42.36
N GLU B 247 -9.07 27.88 -42.17
CA GLU B 247 -8.19 28.51 -43.18
C GLU B 247 -6.96 27.62 -43.34
N LEU B 248 -6.43 27.14 -42.21
CA LEU B 248 -5.22 26.30 -42.21
C LEU B 248 -5.58 24.94 -42.81
N LYS B 249 -6.62 24.29 -42.30
CA LYS B 249 -7.03 22.94 -42.77
C LYS B 249 -7.08 22.99 -44.30
N GLU B 250 -7.60 24.08 -44.88
CA GLU B 250 -7.73 24.18 -46.36
C GLU B 250 -6.35 24.11 -47.04
N ALA B 251 -5.42 24.98 -46.63
CA ALA B 251 -4.11 25.09 -47.30
C ALA B 251 -3.24 23.88 -46.93
N GLY B 252 -3.21 23.49 -45.65
CA GLY B 252 -2.37 22.39 -45.12
C GLY B 252 -0.90 22.58 -45.48
N HIS B 256 0.10 23.83 -38.97
CA HIS B 256 1.54 24.16 -39.07
C HIS B 256 2.33 23.36 -38.04
N THR B 257 3.62 23.16 -38.28
CA THR B 257 4.53 22.48 -37.33
C THR B 257 4.59 23.26 -36.01
N GLY B 258 4.65 24.58 -36.08
CA GLY B 258 4.81 25.48 -34.92
C GLY B 258 6.22 26.02 -34.85
N MET B 259 6.37 27.29 -34.47
CA MET B 259 7.70 27.95 -34.41
C MET B 259 8.47 27.39 -33.22
N ARG B 260 9.58 26.71 -33.45
CA ARG B 260 10.46 26.22 -32.37
C ARG B 260 11.14 27.41 -31.73
N LEU B 261 11.63 27.28 -30.50
CA LEU B 261 12.29 28.40 -29.78
C LEU B 261 13.54 28.81 -30.56
N CYS B 262 14.26 27.83 -31.11
CA CYS B 262 15.51 28.09 -31.86
C CYS B 262 15.21 28.93 -33.11
N ASP B 263 14.06 28.77 -33.75
CA ASP B 263 13.78 29.43 -35.07
C ASP B 263 12.93 30.69 -34.94
N ARG B 264 12.78 31.25 -33.75
CA ARG B 264 12.00 32.51 -33.55
C ARG B 264 12.75 33.71 -34.15
N HIS B 265 14.06 33.61 -34.36
CA HIS B 265 14.91 34.74 -34.84
C HIS B 265 14.51 35.18 -36.26
N ASN B 266 13.82 34.34 -37.04
CA ASN B 266 13.51 34.64 -38.46
C ASN B 266 12.23 35.48 -38.57
N TYR B 267 11.72 36.03 -37.48
CA TYR B 267 10.43 36.75 -37.49
C TYR B 267 10.44 37.90 -38.50
N PHE B 268 11.48 38.73 -38.47
CA PHE B 268 11.58 39.89 -39.40
C PHE B 268 11.83 39.39 -40.83
N LYS B 269 12.63 38.34 -40.99
CA LYS B 269 12.92 37.78 -42.34
C LYS B 269 11.61 37.28 -42.95
N ASN B 270 10.68 36.74 -42.15
CA ASN B 270 9.43 36.15 -42.67
C ASN B 270 8.38 37.24 -42.97
N PHE B 271 8.71 38.52 -42.83
CA PHE B 271 7.75 39.61 -43.19
C PHE B 271 7.50 39.59 -44.69
N TYR B 272 6.36 40.14 -45.13
CA TYR B 272 5.94 40.08 -46.55
C TYR B 272 7.06 40.61 -47.46
N PRO B 273 7.37 39.91 -48.58
CA PRO B 273 8.48 40.33 -49.45
C PRO B 273 8.41 41.79 -49.92
N THR B 274 7.22 42.31 -50.22
CA THR B 274 7.03 43.71 -50.68
C THR B 274 7.48 44.67 -49.59
N LEU B 275 7.08 44.43 -48.33
CA LEU B 275 7.45 45.29 -47.18
C LEU B 275 8.97 45.23 -46.99
N LYS B 276 9.55 44.05 -47.07
CA LYS B 276 11.00 43.88 -46.81
C LYS B 276 11.81 44.69 -47.83
N LYS B 277 11.67 44.37 -49.11
CA LYS B 277 12.48 45.01 -50.19
C LYS B 277 12.41 46.52 -50.02
N GLU B 278 11.25 47.06 -49.63
CA GLU B 278 11.12 48.52 -49.48
C GLU B 278 11.93 48.98 -48.27
N ALA B 279 11.82 48.28 -47.16
CA ALA B 279 12.53 48.67 -45.92
C ALA B 279 14.05 48.55 -46.15
N ILE B 280 14.47 47.68 -47.06
CA ILE B 280 15.91 47.50 -47.39
C ILE B 280 16.35 48.66 -48.28
N GLU B 281 15.61 48.94 -49.36
CA GLU B 281 15.98 50.08 -50.25
C GLU B 281 15.97 51.36 -49.41
N ALA B 282 15.17 51.43 -48.35
CA ALA B 282 15.17 52.60 -47.45
C ALA B 282 16.46 52.61 -46.62
N ILE B 283 16.89 51.45 -46.12
CA ILE B 283 18.10 51.38 -45.24
C ILE B 283 19.33 51.71 -46.09
N ASN B 284 19.45 51.10 -47.26
CA ASN B 284 20.65 51.27 -48.11
C ASN B 284 20.77 52.73 -48.57
N SER B 285 19.64 53.39 -48.84
CA SER B 285 19.64 54.80 -49.32
C SER B 285 20.18 55.72 -48.22
N ASP B 286 20.94 56.72 -48.62
CA ASP B 286 21.50 57.75 -47.69
C ASP B 286 20.98 59.14 -48.03
N GLU B 287 19.84 59.23 -48.74
CA GLU B 287 19.25 60.53 -49.16
C GLU B 287 18.79 61.31 -47.93
N TYR B 288 18.36 60.62 -46.88
CA TYR B 288 17.81 61.26 -45.66
C TYR B 288 18.91 62.06 -44.98
N GLU B 289 18.57 63.27 -44.54
CA GLU B 289 19.55 64.18 -43.88
C GLU B 289 19.94 63.64 -42.50
N SER B 290 19.00 63.07 -41.76
CA SER B 290 19.22 62.64 -40.36
C SER B 290 18.96 61.14 -40.24
N SER B 291 19.75 60.48 -39.40
CA SER B 291 19.59 59.04 -39.08
C SER B 291 18.25 58.81 -38.39
N LYS B 292 17.74 59.78 -37.64
CA LYS B 292 16.41 59.69 -37.03
C LYS B 292 15.36 59.52 -38.12
N ASP B 293 15.50 60.27 -39.21
CA ASP B 293 14.57 60.15 -40.36
C ASP B 293 14.67 58.76 -40.97
N LYS B 294 15.88 58.23 -41.15
CA LYS B 294 16.06 56.87 -41.72
C LYS B 294 15.37 55.84 -40.82
N ALA B 295 15.65 55.89 -39.52
CA ALA B 295 15.12 54.90 -38.56
C ALA B 295 13.59 54.91 -38.68
N MET B 296 12.98 56.09 -38.66
CA MET B 296 11.50 56.15 -38.69
C MET B 296 11.02 55.55 -40.00
N ASP B 297 11.69 55.85 -41.12
CA ASP B 297 11.21 55.36 -42.43
C ASP B 297 11.27 53.82 -42.45
N VAL B 298 12.38 53.21 -42.01
CA VAL B 298 12.50 51.73 -42.10
C VAL B 298 11.45 51.10 -41.17
N MET B 299 11.28 51.62 -39.96
CA MET B 299 10.26 51.09 -39.02
C MET B 299 8.86 51.31 -39.59
N SER B 300 8.60 52.47 -40.18
CA SER B 300 7.27 52.80 -40.77
C SER B 300 6.97 51.83 -41.91
N SER B 301 7.98 51.49 -42.70
CA SER B 301 7.81 50.54 -43.82
C SER B 301 7.37 49.18 -43.30
N LEU B 302 7.92 48.75 -42.17
CA LEU B 302 7.59 47.43 -41.59
C LEU B 302 6.36 47.56 -40.69
N LYS B 303 5.76 48.76 -40.64
CA LYS B 303 4.54 49.02 -39.84
C LYS B 303 4.82 48.83 -38.36
N ILE B 304 6.02 49.16 -37.91
CA ILE B 304 6.38 49.07 -36.46
C ILE B 304 6.38 50.47 -35.86
N THR B 305 5.49 50.75 -34.92
CA THR B 305 5.41 52.07 -34.24
C THR B 305 6.34 52.07 -33.03
N PRO B 306 7.44 52.86 -33.02
CA PRO B 306 8.42 52.76 -31.94
C PRO B 306 7.95 53.41 -30.63
N LYS B 307 8.32 52.79 -29.51
CA LYS B 307 8.01 53.25 -28.14
C LYS B 307 9.26 53.75 -27.40
N ILE B 308 9.69 54.97 -27.70
CA ILE B 308 10.90 55.54 -27.04
C ILE B 308 10.51 56.02 -25.65
N SER B 309 11.22 55.53 -24.63
CA SER B 309 10.93 55.87 -23.21
C SER B 309 12.18 56.27 -22.43
N GLU B 310 11.99 56.87 -21.26
CA GLU B 310 13.13 57.38 -20.43
C GLU B 310 13.67 56.31 -19.46
N VAL B 311 14.80 55.68 -19.79
CA VAL B 311 15.44 54.69 -18.86
C VAL B 311 16.29 55.49 -17.88
N GLU B 312 16.11 55.23 -16.60
CA GLU B 312 16.85 55.92 -15.52
C GLU B 312 18.29 55.38 -15.50
N SER B 313 19.27 56.27 -15.58
CA SER B 313 20.69 55.86 -15.63
C SER B 313 21.56 56.96 -15.02
N SER B 314 22.76 56.61 -14.58
CA SER B 314 23.77 57.58 -14.10
C SER B 314 24.68 57.97 -15.25
N SER B 315 24.18 58.75 -16.20
CA SER B 315 24.95 59.17 -17.40
C SER B 315 24.49 60.56 -17.89
N LEU B 316 25.43 61.39 -18.33
CA LEU B 316 25.12 62.75 -18.86
C LEU B 316 24.22 62.62 -20.09
N VAL B 317 24.72 62.01 -21.16
CA VAL B 317 23.93 61.80 -22.40
C VAL B 317 22.81 60.82 -22.06
N PRO B 318 21.52 61.19 -22.25
CA PRO B 318 20.42 60.32 -21.83
C PRO B 318 20.47 58.88 -22.38
N LEU B 319 20.04 57.90 -21.59
CA LEU B 319 19.94 56.47 -22.01
C LEU B 319 18.46 56.21 -22.30
N LEU B 320 18.08 55.89 -23.54
CA LEU B 320 16.65 55.70 -23.88
C LEU B 320 16.38 54.23 -24.21
N SER B 321 15.17 53.75 -23.92
CA SER B 321 14.75 52.35 -24.26
C SER B 321 13.72 52.38 -25.38
N VAL B 322 14.11 51.92 -26.57
CA VAL B 322 13.21 51.86 -27.76
C VAL B 322 12.45 50.53 -27.72
N GLU B 323 11.17 50.58 -27.37
CA GLU B 323 10.33 49.36 -27.31
C GLU B 323 9.55 49.29 -28.64
N LEU B 324 9.28 48.08 -29.11
CA LEU B 324 8.58 47.91 -30.42
C LEU B 324 7.27 47.15 -30.17
N ASN B 325 6.28 47.38 -31.02
CA ASN B 325 4.92 46.79 -30.95
C ASN B 325 4.87 45.62 -31.93
N CYS B 326 5.49 44.51 -31.58
CA CYS B 326 5.52 43.29 -32.42
C CYS B 326 5.49 42.07 -31.50
N ALA B 327 5.21 40.89 -32.05
CA ALA B 327 5.19 39.61 -31.29
C ALA B 327 6.60 39.29 -30.75
N PHE B 328 7.64 39.62 -31.51
CA PHE B 328 9.03 39.30 -31.15
C PHE B 328 9.47 40.06 -29.89
N ASP B 329 8.78 41.14 -29.53
CA ASP B 329 9.09 41.94 -28.31
C ASP B 329 10.54 42.45 -28.36
N VAL B 330 10.94 43.05 -29.47
CA VAL B 330 12.27 43.70 -29.56
C VAL B 330 12.31 44.86 -28.58
N VAL B 331 13.37 44.98 -27.79
CA VAL B 331 13.58 46.10 -26.83
C VAL B 331 15.05 46.47 -26.89
N LEU B 332 15.38 47.72 -27.21
CA LEU B 332 16.80 48.15 -27.34
C LEU B 332 17.06 49.28 -26.35
N MET B 333 18.30 49.40 -25.90
CA MET B 333 18.71 50.53 -25.03
C MET B 333 20.08 51.03 -25.50
N ALA B 334 20.22 52.33 -25.73
CA ALA B 334 21.51 52.95 -26.10
C ALA B 334 21.49 54.42 -25.70
N LYS B 335 22.61 55.12 -25.82
CA LYS B 335 22.67 56.57 -25.51
C LYS B 335 21.91 57.31 -26.62
N GLU B 336 21.51 58.56 -26.38
CA GLU B 336 20.62 59.27 -27.33
C GLU B 336 21.22 59.24 -28.73
N THR B 337 22.49 59.59 -28.86
CA THR B 337 23.12 59.71 -30.19
C THR B 337 23.09 58.34 -30.89
N ASP B 338 23.41 57.28 -30.16
CA ASP B 338 23.55 55.94 -30.80
C ASP B 338 22.18 55.28 -30.96
N ILE B 339 21.13 55.81 -30.33
CA ILE B 339 19.82 55.12 -30.34
C ILE B 339 19.40 54.93 -31.79
N TYR B 340 19.54 55.95 -32.61
CA TYR B 340 18.97 55.84 -33.97
C TYR B 340 19.90 55.04 -34.89
N ASP B 341 21.17 54.86 -34.57
CA ASP B 341 21.98 54.01 -35.49
C ASP B 341 21.65 52.54 -35.21
N HIS B 342 21.41 52.19 -33.95
CA HIS B 342 21.14 50.81 -33.46
C HIS B 342 19.81 50.32 -34.04
N ILE B 343 18.80 51.17 -34.05
CA ILE B 343 17.54 50.78 -34.72
C ILE B 343 17.92 50.39 -36.13
N ILE B 344 18.66 51.27 -36.80
CA ILE B 344 18.92 50.95 -38.24
C ILE B 344 19.65 49.60 -38.31
N ASP B 345 20.67 49.40 -37.49
CA ASP B 345 21.51 48.18 -37.60
C ASP B 345 20.68 46.93 -37.33
N TYR B 346 19.87 46.94 -36.28
CA TYR B 346 19.08 45.74 -35.90
C TYR B 346 18.24 45.42 -37.12
N PHE B 347 17.57 46.44 -37.64
CA PHE B 347 16.64 46.11 -38.74
C PHE B 347 17.45 45.52 -39.88
N ARG B 348 18.58 46.11 -40.25
CA ARG B 348 19.32 45.57 -41.40
C ARG B 348 19.63 44.10 -41.14
N THR B 349 20.28 43.81 -40.02
CA THR B 349 20.76 42.43 -39.78
C THR B 349 19.56 41.49 -39.84
N MET B 350 18.50 41.79 -39.11
CA MET B 350 17.38 40.81 -39.02
C MET B 350 16.74 40.62 -40.39
N LEU B 351 16.50 41.71 -41.12
CA LEU B 351 15.80 41.61 -42.42
C LEU B 351 16.65 40.79 -43.38
N ILE B 352 17.98 40.93 -43.38
CA ILE B 352 18.82 40.29 -44.44
C ILE B 352 18.09 39.06 -45.01
#